data_2INN
#
_entry.id   2INN
#
_cell.length_a   87.453
_cell.length_b   146.925
_cell.length_c   189.787
_cell.angle_alpha   90.00
_cell.angle_beta   90.00
_cell.angle_gamma   90.00
#
_symmetry.space_group_name_H-M   'P 21 21 21'
#
loop_
_entity.id
_entity.type
_entity.pdbx_description
1 polymer 'Phenol hydroxylase component phN'
2 polymer 'Phenol hydroxylase component phL'
3 polymer 'Phenol hydroxylase component phO'
4 polymer 'Phenol hydroxylase component phM'
5 non-polymer 'FE (III) ION'
6 non-polymer 'ZINC ION'
7 non-polymer 'MOLYBDATE ION'
8 water water
#
loop_
_entity_poly.entity_id
_entity_poly.type
_entity_poly.pdbx_seq_one_letter_code
_entity_poly.pdbx_strand_id
1 'polypeptide(L)'
;(MSE)VSKNKKLNLKDKYQYLTRD(MSE)AWEPTYQDKKDIFPEEDFEGIKITDWSQWEDPFRLT(MSE)DAYWKYQAEK
EKKLYAIFDAFAQNNGHQNISDARYVNALKLFISGISPLEHAAFQGYSKVGRQFSGAGARVACQ(MSE)QAIDELRHSQT
QQHA(MSE)SHYNKHFNGLHDGPH(MSE)HDRVWYLSVPKSFFDDARSAGPFEFLTAISFSFEYVLTNLLFVPF(MSE)S
GAAYNGD(MSE)ATVTFGFSAQSDEARH(MSE)TLGLEVIKFILEQHEDNVPIVQRWIDKWFWRGFRLLSLVS(MSE)
(MSE)(MSE)DY(MSE)LPNKV(MSE)SWSEAWEVYYEQNGGALFKDLERYGIRPPKYQDVANDAKHHLSHQLWTTFYQY
CQATNFHTWIPEKEE(MSE)DW(MSE)SEKYPDTFDKYYRPRYEYLAKEAAAGRRFYNNTLPQLCQVCQIPTIFTEKDAP
T(MSE)LSHRQIEHEGERYHFCSDGCCDIFKHEPEKYIQAWLPVHQIYQGNCEGGDLETVVQKYYHINIGEDNFDYVGSP
DQKHWLSIKGRKPADKNQDDA
;
A,B
2 'polypeptide(L)'
;(MSE)SIEIKTNSVEPIRHTYGHIARRFGDKPATRYQEASYDIEAKTNFHYRPQWDSEHTLNDPTRTAIR(MSE)EDWCA
VSDPRQFYYGAYVGNRAK(MSE)QESAETSFGFCEKRNLLTRLSEETQKQLLRLLVPLRHVELGAN(MSE)NNAKIAGDA
TATTVSQ(MSE)HIYTG(MSE)DRLGIGQYLSRIAL(MSE)IDGSTGAALDESKAYW(MSE)DDE(MSE)WQP(MSE)RK
LVEDTLVVDDWFELTLVQNILIDG(MSE)(MSE)YPLVYDK(MSE)DQWFESQGAEDVS(MSE)LTEF(MSE)RDWYKES
LRWTNA(MSE)(MSE)KAVAGESETNRELLQKWIDHWEPQAYEALKPLAEASVGIDGLNEARAELSARLKKFELQSRGVS
A
;
C,D
3 'polypeptide(L)'
;(MSE)SVNALYDYKFEPKDKVENFHG(MSE)QLLYVYWPDHLLFCAPFALLVQPG(MSE)TFSALVDEILKPATAAHPDS
AKADFLNAEWLLNDEPFTPKADASLKEQGIDHKS(MSE)LTVTTPGLKG(MSE)ANAGY
;
E,F
4 'polypeptide(L)'
;(MSE)SQLVFIVFQDNDDSRYLAEAV(MSE)EDNPDAE(MSE)QHQPA(MSE)IRIQAEKRLVINRET(MSE)EEKLGRD
WDVQE(MSE)LINVISIAGNVDEDDDHFILEWN
;
L
#
loop_
_chem_comp.id
_chem_comp.type
_chem_comp.name
_chem_comp.formula
FE non-polymer 'FE (III) ION' 'Fe 3'
MOO non-polymer 'MOLYBDATE ION' 'Mo O4 -2'
ZN non-polymer 'ZINC ION' 'Zn 2'
#
# COMPACT_ATOMS: atom_id res chain seq x y z
N LYS A 4 -3.82 12.29 47.95
CA LYS A 4 -2.67 12.88 47.24
C LYS A 4 -3.03 14.22 46.49
N ASN A 5 -2.06 14.80 45.73
CA ASN A 5 -2.25 16.02 44.86
C ASN A 5 -2.98 15.71 43.47
N LYS A 6 -3.50 16.74 42.77
CA LYS A 6 -4.24 16.46 41.53
C LYS A 6 -3.41 15.95 40.32
N LYS A 7 -3.87 14.81 39.80
CA LYS A 7 -3.43 14.29 38.51
C LYS A 7 -3.74 15.37 37.46
N LEU A 8 -2.86 15.57 36.45
CA LEU A 8 -3.02 16.69 35.47
C LEU A 8 -4.09 16.37 34.43
N ASN A 9 -4.75 17.37 33.93
CA ASN A 9 -5.73 17.08 32.95
C ASN A 9 -5.05 17.16 31.59
N LEU A 10 -5.78 16.87 30.50
CA LEU A 10 -5.19 16.83 29.17
C LEU A 10 -4.40 18.05 28.75
N LYS A 11 -5.00 19.23 28.89
CA LYS A 11 -4.39 20.47 28.47
C LYS A 11 -3.11 20.64 29.23
N ASP A 12 -3.20 20.27 30.49
CA ASP A 12 -2.19 20.68 31.44
C ASP A 12 -1.01 19.75 31.26
N LYS A 13 -1.32 18.53 30.81
CA LYS A 13 -0.30 17.52 30.72
C LYS A 13 0.50 17.83 29.49
N TYR A 14 -0.20 18.34 28.47
CA TYR A 14 0.44 18.62 27.18
C TYR A 14 1.39 19.84 27.36
N GLN A 15 0.97 20.77 28.22
CA GLN A 15 1.80 21.92 28.41
C GLN A 15 3.08 21.67 29.15
N TYR A 16 2.97 20.85 30.17
CA TYR A 16 4.18 20.36 30.80
C TYR A 16 5.09 19.56 29.84
N LEU A 17 4.51 18.89 28.87
CA LEU A 17 5.36 18.17 27.88
C LEU A 17 5.83 19.08 26.71
N THR A 18 5.35 20.31 26.58
CA THR A 18 5.91 21.30 25.70
C THR A 18 6.38 22.61 26.40
N ARG A 19 5.49 23.55 26.65
CA ARG A 19 5.79 24.85 27.31
C ARG A 19 6.69 24.79 28.51
N ASP A 20 6.43 23.86 29.41
CA ASP A 20 7.31 23.78 30.58
C ASP A 20 8.75 23.47 30.21
N MSE A 21 9.07 23.33 28.95
CA MSE A 21 10.47 22.99 28.74
C MSE A 21 11.28 24.25 28.65
O MSE A 21 12.43 24.27 29.03
CB MSE A 21 10.66 22.11 27.53
CG MSE A 21 11.39 20.88 27.83
SE MSE A 21 11.48 19.82 26.08
CE MSE A 21 9.56 19.43 25.90
N ALA A 22 10.61 25.30 28.17
CA ALA A 22 11.12 26.63 27.98
C ALA A 22 11.37 27.22 29.39
N TRP A 23 11.80 28.51 29.48
CA TRP A 23 12.15 29.15 30.78
C TRP A 23 12.64 30.54 30.56
N GLU A 24 12.37 31.42 31.54
CA GLU A 24 12.97 32.80 31.56
C GLU A 24 14.48 32.84 31.45
N PRO A 25 15.02 33.45 30.37
CA PRO A 25 16.50 33.47 30.31
C PRO A 25 17.13 34.44 31.31
N THR A 26 18.32 34.07 31.78
CA THR A 26 19.02 34.82 32.78
C THR A 26 20.36 35.34 32.20
N TYR A 27 21.07 34.54 31.41
CA TYR A 27 22.32 35.00 30.86
C TYR A 27 22.27 35.72 29.50
N GLN A 28 21.06 35.97 28.93
CA GLN A 28 20.97 36.66 27.59
C GLN A 28 19.72 37.42 27.54
N ASP A 29 19.72 38.50 26.85
CA ASP A 29 18.46 39.14 26.98
C ASP A 29 17.43 38.39 26.18
N LYS A 30 16.22 38.26 26.71
CA LYS A 30 15.06 37.76 25.94
C LYS A 30 14.92 38.27 24.47
N LYS A 31 14.83 39.57 24.28
CA LYS A 31 14.72 40.18 22.97
C LYS A 31 15.91 39.93 22.09
N ASP A 32 17.09 39.63 22.62
CA ASP A 32 18.11 39.20 21.63
C ASP A 32 17.85 37.78 21.16
N ILE A 33 17.60 36.85 22.08
CA ILE A 33 17.03 35.56 21.70
C ILE A 33 15.80 35.55 20.73
N PHE A 34 14.82 36.42 20.94
CA PHE A 34 13.65 36.57 20.08
C PHE A 34 13.58 38.00 19.59
N PRO A 35 14.43 38.31 18.62
CA PRO A 35 14.51 39.70 18.15
C PRO A 35 13.42 40.14 17.19
N GLU A 36 12.42 39.29 16.91
CA GLU A 36 11.60 39.52 15.70
C GLU A 36 10.18 39.95 16.00
N GLU A 37 9.82 39.90 17.28
CA GLU A 37 8.47 39.96 17.70
C GLU A 37 7.99 41.37 17.89
N ASP A 38 8.90 42.33 17.68
CA ASP A 38 8.47 43.78 17.77
C ASP A 38 8.25 44.66 16.56
N PHE A 39 9.05 44.53 15.52
CA PHE A 39 8.96 45.58 14.50
C PHE A 39 7.66 45.69 13.72
N GLU A 40 6.76 44.68 13.76
CA GLU A 40 5.54 44.66 12.94
C GLU A 40 4.54 45.53 13.66
N GLY A 41 4.89 45.89 14.89
CA GLY A 41 3.99 46.58 15.82
C GLY A 41 2.94 45.72 16.52
N ILE A 42 3.21 44.43 16.74
CA ILE A 42 2.20 43.63 17.34
C ILE A 42 2.68 43.51 18.76
N LYS A 43 1.77 43.74 19.69
CA LYS A 43 2.07 43.60 21.08
C LYS A 43 1.41 42.36 21.63
N ILE A 44 2.21 41.54 22.29
CA ILE A 44 1.70 40.34 22.86
C ILE A 44 1.77 40.51 24.37
N THR A 45 0.59 40.72 24.97
CA THR A 45 0.51 40.97 26.40
C THR A 45 0.92 39.77 27.25
N ASP A 46 0.31 38.59 27.05
CA ASP A 46 0.59 37.40 27.87
C ASP A 46 0.67 36.06 27.10
N TRP A 47 1.89 35.57 27.02
CA TRP A 47 2.12 34.38 26.21
C TRP A 47 1.53 33.11 26.84
N SER A 48 1.16 33.14 28.09
CA SER A 48 1.00 31.85 28.72
C SER A 48 -0.50 31.70 28.74
N GLN A 49 -1.15 32.60 28.01
CA GLN A 49 -2.57 32.48 27.78
C GLN A 49 -2.85 31.80 26.47
N TRP A 50 -1.79 31.36 25.78
CA TRP A 50 -1.87 30.68 24.49
C TRP A 50 -2.63 29.37 24.53
N GLU A 51 -3.56 29.14 23.61
CA GLU A 51 -4.24 27.82 23.57
C GLU A 51 -3.69 27.01 22.41
N ASP A 52 -3.15 25.84 22.74
CA ASP A 52 -2.69 24.83 21.76
C ASP A 52 -3.73 24.41 20.72
N PRO A 53 -3.39 24.51 19.43
CA PRO A 53 -4.35 24.16 18.41
C PRO A 53 -4.51 22.66 18.24
N PHE A 54 -3.53 21.88 18.70
CA PHE A 54 -3.59 20.44 18.61
C PHE A 54 -2.50 20.04 19.60
N ARG A 55 -2.49 18.76 19.99
CA ARG A 55 -1.75 18.33 21.19
C ARG A 55 -1.22 16.88 20.98
N LEU A 56 -0.49 16.68 19.84
CA LEU A 56 0.26 15.46 19.57
C LEU A 56 1.67 15.56 20.06
N THR A 57 2.08 14.70 20.95
CA THR A 57 3.47 14.63 21.36
C THR A 57 4.20 13.90 20.26
N MSE A 58 5.51 13.71 20.40
CA MSE A 58 6.32 13.28 19.25
C MSE A 58 6.02 11.87 18.94
O MSE A 58 5.81 11.50 17.80
CB MSE A 58 7.81 13.57 19.46
CG MSE A 58 8.07 15.11 19.25
SE MSE A 58 7.53 15.61 17.34
CE MSE A 58 6.19 17.17 17.47
N ASP A 59 5.90 11.08 19.96
CA ASP A 59 5.78 9.65 19.74
C ASP A 59 4.40 9.37 19.09
N ALA A 60 3.45 10.27 19.30
CA ALA A 60 2.17 10.17 18.61
C ALA A 60 2.23 10.60 17.12
N TYR A 61 2.74 11.80 16.84
CA TYR A 61 3.00 12.21 15.51
C TYR A 61 3.72 11.09 14.75
N TRP A 62 4.87 10.69 15.25
CA TRP A 62 5.64 9.75 14.46
C TRP A 62 4.81 8.50 14.15
N LYS A 63 4.02 8.02 15.11
CA LYS A 63 3.31 6.79 15.00
C LYS A 63 2.19 6.90 13.94
N TYR A 64 1.44 8.00 13.98
CA TYR A 64 0.38 8.26 13.06
C TYR A 64 0.97 8.46 11.66
N GLN A 65 1.96 9.30 11.57
CA GLN A 65 2.48 9.62 10.27
C GLN A 65 3.20 8.43 9.57
N ALA A 66 3.77 7.51 10.33
CA ALA A 66 4.38 6.34 9.73
C ALA A 66 3.40 5.36 9.05
N GLU A 67 2.41 4.97 9.81
CA GLU A 67 1.26 4.27 9.35
C GLU A 67 0.60 5.01 8.14
N LYS A 68 0.50 6.33 8.14
CA LYS A 68 -0.10 6.93 6.97
C LYS A 68 0.80 6.77 5.75
N GLU A 69 2.07 7.07 6.01
CA GLU A 69 3.07 7.03 4.91
C GLU A 69 3.12 5.65 4.30
N LYS A 70 3.06 4.61 5.11
CA LYS A 70 3.18 3.25 4.60
C LYS A 70 2.07 2.96 3.67
N LYS A 71 0.89 3.46 3.96
CA LYS A 71 -0.23 3.18 3.11
C LYS A 71 -0.12 3.91 1.86
N LEU A 72 0.59 5.02 1.82
CA LEU A 72 0.49 5.86 0.63
C LEU A 72 1.57 5.39 -0.40
N TYR A 73 2.68 4.84 0.10
CA TYR A 73 3.75 4.46 -0.78
C TYR A 73 3.40 3.06 -1.39
N ALA A 74 2.80 2.15 -0.62
CA ALA A 74 2.17 1.03 -1.27
C ALA A 74 1.32 1.41 -2.47
N ILE A 75 0.39 2.37 -2.28
CA ILE A 75 -0.46 2.81 -3.39
C ILE A 75 0.40 3.51 -4.47
N PHE A 76 1.39 4.36 -4.11
CA PHE A 76 2.25 4.93 -5.16
C PHE A 76 2.97 3.81 -5.99
N ASP A 77 3.70 2.96 -5.27
CA ASP A 77 4.26 1.73 -5.82
C ASP A 77 3.31 1.00 -6.65
N ALA A 78 2.11 0.63 -6.18
CA ALA A 78 1.19 -0.11 -7.08
C ALA A 78 0.91 0.76 -8.30
N PHE A 79 0.61 2.04 -8.10
CA PHE A 79 0.12 2.85 -9.20
C PHE A 79 1.10 2.82 -10.32
N ALA A 80 2.35 2.98 -9.96
CA ALA A 80 3.40 2.96 -10.91
C ALA A 80 3.57 1.60 -11.57
N GLN A 81 3.28 0.49 -10.91
CA GLN A 81 3.66 -0.82 -11.40
C GLN A 81 2.56 -1.31 -12.42
N ASN A 82 1.44 -0.57 -12.49
CA ASN A 82 0.28 -0.96 -13.32
C ASN A 82 0.02 0.17 -14.25
N ASN A 83 0.93 1.11 -14.28
CA ASN A 83 0.72 2.17 -15.13
C ASN A 83 -0.66 2.79 -15.00
N GLY A 84 -0.90 3.27 -13.78
CA GLY A 84 -2.13 3.89 -13.51
C GLY A 84 -2.31 5.16 -14.30
N HIS A 85 -1.25 5.66 -14.91
CA HIS A 85 -1.44 6.95 -15.59
C HIS A 85 -2.29 6.74 -16.80
N GLN A 86 -2.31 5.52 -17.26
CA GLN A 86 -3.12 5.18 -18.38
C GLN A 86 -4.59 5.21 -18.10
N ASN A 87 -4.99 5.19 -16.82
CA ASN A 87 -6.40 5.31 -16.56
C ASN A 87 -6.91 6.70 -16.32
N ILE A 88 -6.11 7.72 -16.57
CA ILE A 88 -6.68 9.01 -16.32
C ILE A 88 -7.81 9.24 -17.27
N SER A 89 -8.64 10.27 -17.16
CA SER A 89 -9.75 10.35 -18.14
C SER A 89 -9.22 10.64 -19.53
N ASP A 90 -8.15 11.47 -19.66
CA ASP A 90 -7.67 11.90 -20.96
C ASP A 90 -6.44 12.75 -20.74
N ALA A 91 -5.38 12.60 -21.53
CA ALA A 91 -4.13 13.38 -21.34
C ALA A 91 -4.19 14.87 -21.16
N ARG A 92 -5.26 15.53 -21.59
CA ARG A 92 -5.45 16.97 -21.29
C ARG A 92 -5.40 17.22 -19.76
N TYR A 93 -5.82 16.26 -18.98
CA TYR A 93 -5.87 16.44 -17.59
C TYR A 93 -4.47 16.67 -17.03
N VAL A 94 -3.45 16.14 -17.71
CA VAL A 94 -2.10 16.17 -17.09
C VAL A 94 -1.57 17.59 -17.01
N ASN A 95 -2.12 18.45 -17.87
CA ASN A 95 -1.74 19.84 -17.73
C ASN A 95 -2.12 20.39 -16.40
N ALA A 96 -3.17 19.89 -15.78
CA ALA A 96 -3.44 20.33 -14.43
C ALA A 96 -2.29 19.86 -13.51
N LEU A 97 -1.83 18.61 -13.63
CA LEU A 97 -0.62 18.30 -12.84
C LEU A 97 0.66 19.12 -13.21
N LYS A 98 0.80 19.59 -14.44
CA LYS A 98 2.04 20.34 -14.78
C LYS A 98 1.98 21.65 -14.05
N LEU A 99 0.85 22.35 -14.26
CA LEU A 99 0.62 23.56 -13.50
C LEU A 99 0.83 23.34 -11.96
N PHE A 100 0.30 22.20 -11.47
CA PHE A 100 0.50 21.86 -10.09
C PHE A 100 1.98 21.79 -9.69
N ILE A 101 2.79 20.90 -10.26
CA ILE A 101 4.02 20.61 -9.63
C ILE A 101 5.03 21.75 -9.86
N SER A 102 4.66 22.72 -10.69
CA SER A 102 5.57 23.78 -11.02
C SER A 102 5.17 24.89 -10.19
N GLY A 103 3.85 24.97 -9.93
CA GLY A 103 3.20 26.14 -9.36
C GLY A 103 2.91 25.92 -7.87
N ILE A 104 2.18 24.86 -7.50
CA ILE A 104 1.66 24.76 -6.17
C ILE A 104 2.67 24.07 -5.31
N SER A 105 3.29 23.05 -5.88
CA SER A 105 4.13 22.19 -5.15
C SER A 105 5.36 22.94 -4.57
N PRO A 106 6.06 23.80 -5.36
CA PRO A 106 7.15 24.51 -4.70
C PRO A 106 6.67 25.44 -3.55
N LEU A 107 5.40 25.87 -3.57
CA LEU A 107 4.89 26.56 -2.37
C LEU A 107 4.92 25.63 -1.11
N GLU A 108 4.62 24.36 -1.31
CA GLU A 108 4.75 23.44 -0.23
C GLU A 108 6.11 23.68 0.41
N HIS A 109 7.14 23.73 -0.42
CA HIS A 109 8.49 23.81 0.13
C HIS A 109 8.79 25.21 0.69
N ALA A 110 8.30 26.23 0.05
CA ALA A 110 8.59 27.51 0.70
C ALA A 110 7.96 27.64 2.11
N ALA A 111 6.78 27.00 2.31
CA ALA A 111 6.17 26.84 3.63
C ALA A 111 7.08 26.02 4.65
N PHE A 112 7.54 24.83 4.25
CA PHE A 112 8.50 24.13 5.09
C PHE A 112 9.57 25.08 5.58
N GLN A 113 10.11 25.86 4.67
CA GLN A 113 11.11 26.88 4.91
C GLN A 113 10.62 27.99 5.88
N GLY A 114 9.60 28.75 5.49
CA GLY A 114 8.93 29.73 6.31
C GLY A 114 8.51 29.27 7.68
N TYR A 115 7.85 28.13 7.82
CA TYR A 115 7.40 27.74 9.16
C TYR A 115 8.56 27.22 9.91
N SER A 116 9.58 26.69 9.27
CA SER A 116 10.69 26.35 10.12
C SER A 116 11.26 27.59 10.83
N LYS A 117 11.17 28.75 10.20
CA LYS A 117 11.83 29.93 10.70
C LYS A 117 10.95 30.44 11.84
N VAL A 118 9.69 30.67 11.52
CA VAL A 118 8.79 31.30 12.40
C VAL A 118 8.79 30.33 13.65
N GLY A 119 9.14 29.04 13.47
CA GLY A 119 9.02 28.08 14.54
C GLY A 119 10.25 28.16 15.41
N ARG A 120 11.11 29.12 15.06
CA ARG A 120 12.29 29.47 15.90
C ARG A 120 12.08 30.82 16.53
N GLN A 121 11.52 31.75 15.80
CA GLN A 121 11.46 33.09 16.22
C GLN A 121 10.35 33.40 17.16
N PHE A 122 9.34 32.57 17.30
CA PHE A 122 8.32 32.92 18.32
C PHE A 122 8.71 32.61 19.80
N SER A 123 8.42 33.55 20.68
CA SER A 123 8.90 33.45 22.04
C SER A 123 8.08 32.39 22.79
N GLY A 124 6.81 32.23 22.45
CA GLY A 124 6.03 31.17 23.06
C GLY A 124 6.38 29.75 22.62
N ALA A 125 6.88 28.95 23.56
CA ALA A 125 7.31 27.59 23.23
C ALA A 125 6.21 26.76 22.47
N GLY A 126 4.96 27.15 22.65
CA GLY A 126 3.90 26.39 22.09
C GLY A 126 3.60 26.86 20.71
N ALA A 127 3.77 28.16 20.46
CA ALA A 127 3.59 28.65 19.14
C ALA A 127 4.74 27.97 18.37
N ARG A 128 5.85 27.62 19.05
CA ARG A 128 7.01 27.08 18.32
C ARG A 128 6.67 25.70 17.89
N VAL A 129 5.97 24.92 18.70
CA VAL A 129 5.80 23.50 18.32
C VAL A 129 4.72 23.31 17.31
N ALA A 130 3.65 24.09 17.42
CA ALA A 130 2.65 24.07 16.40
C ALA A 130 3.35 24.35 15.04
N CYS A 131 4.26 25.32 15.01
CA CYS A 131 4.88 25.75 13.74
C CYS A 131 5.89 24.76 13.22
N GLN A 132 6.71 24.21 14.08
CA GLN A 132 7.65 23.34 13.56
C GLN A 132 6.94 22.09 13.03
N MSE A 133 5.89 21.69 13.74
CA MSE A 133 5.06 20.61 13.34
C MSE A 133 4.53 20.93 11.91
O MSE A 133 4.57 20.05 10.98
CB MSE A 133 3.94 20.55 14.35
CG MSE A 133 2.98 19.43 14.23
SE MSE A 133 3.42 18.04 15.50
CE MSE A 133 5.49 17.80 15.22
N GLN A 134 4.11 22.18 11.70
CA GLN A 134 3.56 22.52 10.43
C GLN A 134 4.70 22.47 9.41
N ALA A 135 5.76 23.20 9.70
CA ALA A 135 6.99 23.02 8.96
C ALA A 135 7.24 21.60 8.35
N ILE A 136 7.21 20.60 9.17
CA ILE A 136 7.70 19.33 8.68
C ILE A 136 6.52 18.65 7.98
N ASP A 137 5.30 19.05 8.30
CA ASP A 137 4.24 18.58 7.48
C ASP A 137 4.43 19.08 6.06
N GLU A 138 4.85 20.33 5.94
CA GLU A 138 4.90 20.97 4.61
C GLU A 138 6.04 20.34 3.89
N LEU A 139 7.04 19.88 4.63
CA LEU A 139 8.14 19.20 3.97
C LEU A 139 7.57 17.87 3.48
N ARG A 140 6.85 17.12 4.34
CA ARG A 140 6.13 15.98 3.82
C ARG A 140 5.31 16.23 2.58
N HIS A 141 4.45 17.24 2.61
CA HIS A 141 3.70 17.57 1.44
C HIS A 141 4.68 17.69 0.28
N SER A 142 5.80 18.41 0.44
CA SER A 142 6.65 18.68 -0.72
C SER A 142 7.28 17.41 -1.28
N GLN A 143 7.96 16.64 -0.46
CA GLN A 143 8.47 15.37 -0.90
C GLN A 143 7.45 14.45 -1.50
N THR A 144 6.22 14.53 -0.99
CA THR A 144 5.25 13.51 -1.27
C THR A 144 4.75 13.76 -2.66
N GLN A 145 4.49 15.01 -2.98
CA GLN A 145 4.13 15.40 -4.31
C GLN A 145 5.21 15.06 -5.33
N GLN A 146 6.44 15.05 -4.93
CA GLN A 146 7.46 14.78 -5.83
C GLN A 146 7.36 13.35 -6.21
N HIS A 147 6.99 12.47 -5.29
CA HIS A 147 6.89 11.06 -5.64
C HIS A 147 5.63 10.74 -6.38
N ALA A 148 4.50 11.14 -5.85
CA ALA A 148 3.27 11.21 -6.58
C ALA A 148 3.48 11.52 -8.03
N MSE A 149 4.24 12.57 -8.33
CA MSE A 149 4.38 13.09 -9.68
C MSE A 149 5.42 12.39 -10.51
O MSE A 149 5.39 12.46 -11.76
CB MSE A 149 4.74 14.52 -9.65
CG MSE A 149 3.72 15.41 -8.99
SE MSE A 149 1.99 15.28 -9.87
CE MSE A 149 1.69 17.00 -10.35
N SER A 150 6.38 11.72 -9.84
CA SER A 150 7.43 11.02 -10.51
C SER A 150 6.93 10.19 -11.71
N HIS A 151 5.98 9.33 -11.49
CA HIS A 151 5.53 8.57 -12.63
C HIS A 151 4.92 9.38 -13.76
N TYR A 152 4.18 10.44 -13.48
CA TYR A 152 3.63 11.20 -14.60
C TYR A 152 4.71 11.90 -15.41
N ASN A 153 5.68 12.39 -14.67
CA ASN A 153 6.87 12.98 -15.28
C ASN A 153 7.51 12.02 -16.33
N LYS A 154 7.50 10.73 -16.05
CA LYS A 154 8.12 9.79 -16.94
C LYS A 154 7.32 9.60 -18.19
N HIS A 155 6.02 9.95 -18.17
CA HIS A 155 5.17 9.69 -19.35
C HIS A 155 4.60 10.87 -20.03
N PHE A 156 4.93 12.09 -19.56
CA PHE A 156 4.31 13.25 -20.09
C PHE A 156 5.28 14.42 -20.03
N ASN A 157 4.93 15.47 -20.74
CA ASN A 157 5.83 16.60 -20.80
C ASN A 157 5.40 17.62 -19.79
N GLY A 158 6.16 18.69 -19.63
CA GLY A 158 5.73 19.73 -18.73
C GLY A 158 6.18 19.59 -17.30
N LEU A 159 6.60 18.42 -16.83
CA LEU A 159 6.86 18.26 -15.39
C LEU A 159 8.32 18.08 -14.97
N HIS A 160 9.22 18.26 -15.92
CA HIS A 160 10.57 17.73 -15.74
C HIS A 160 11.51 18.72 -15.09
N ASP A 161 11.13 19.99 -14.93
CA ASP A 161 11.98 21.00 -14.27
C ASP A 161 11.14 21.98 -13.47
N GLY A 162 10.36 21.44 -12.53
CA GLY A 162 9.52 22.28 -11.69
C GLY A 162 10.28 23.37 -10.97
N PRO A 163 11.20 23.02 -10.03
CA PRO A 163 11.90 24.06 -9.24
C PRO A 163 12.58 25.10 -10.12
N HIS A 164 13.37 24.62 -11.08
CA HIS A 164 13.92 25.51 -12.11
C HIS A 164 12.86 26.51 -12.63
N MSE A 165 11.74 26.03 -13.14
CA MSE A 165 10.84 26.98 -13.75
C MSE A 165 10.17 27.86 -12.77
O MSE A 165 9.89 29.00 -13.09
CB MSE A 165 9.78 26.32 -14.61
CG MSE A 165 10.35 25.37 -15.57
SE MSE A 165 9.02 24.41 -16.64
CE MSE A 165 10.35 22.98 -17.19
N HIS A 166 9.85 27.33 -11.61
CA HIS A 166 9.26 28.20 -10.56
C HIS A 166 10.08 29.57 -10.35
N ASP A 167 11.41 29.51 -10.25
CA ASP A 167 12.19 30.72 -10.10
C ASP A 167 12.22 31.66 -11.34
N ARG A 168 11.67 31.29 -12.50
CA ARG A 168 12.08 31.91 -13.79
C ARG A 168 10.99 32.16 -14.76
N VAL A 169 10.09 31.17 -14.98
CA VAL A 169 9.05 31.23 -16.04
C VAL A 169 8.02 32.33 -15.72
N TRP A 170 7.62 33.16 -16.67
CA TRP A 170 6.83 34.30 -16.24
C TRP A 170 5.67 34.02 -15.27
N TYR A 171 4.76 33.13 -15.64
CA TYR A 171 3.47 33.04 -14.99
C TYR A 171 3.61 32.41 -13.58
N LEU A 172 4.60 31.54 -13.43
CA LEU A 172 4.98 30.99 -12.13
C LEU A 172 5.50 32.06 -11.13
N SER A 173 5.44 33.33 -11.48
CA SER A 173 6.12 34.28 -10.63
C SER A 173 4.93 34.76 -9.80
N VAL A 174 3.74 34.26 -10.19
CA VAL A 174 2.58 34.68 -9.49
C VAL A 174 2.62 33.98 -8.14
N PRO A 175 2.76 32.66 -8.17
CA PRO A 175 2.87 32.05 -6.85
C PRO A 175 4.27 32.21 -6.21
N LYS A 176 5.36 32.31 -6.99
CA LYS A 176 6.75 32.42 -6.41
C LYS A 176 6.74 33.71 -5.58
N SER A 177 6.30 34.78 -6.24
CA SER A 177 6.24 36.08 -5.54
C SER A 177 5.30 36.10 -4.27
N PHE A 178 4.15 35.43 -4.29
CA PHE A 178 3.26 35.35 -3.16
C PHE A 178 3.93 34.95 -1.89
N PHE A 179 4.67 33.90 -2.04
CA PHE A 179 5.36 33.35 -0.95
C PHE A 179 6.56 34.15 -0.51
N ASP A 180 7.31 34.73 -1.47
CA ASP A 180 8.45 35.53 -1.09
C ASP A 180 7.85 36.76 -0.33
N ASP A 181 6.66 37.25 -0.74
CA ASP A 181 6.03 38.34 -0.03
C ASP A 181 5.91 37.99 1.46
N ALA A 182 5.28 36.87 1.76
CA ALA A 182 5.09 36.42 3.08
C ALA A 182 6.38 36.03 3.84
N ARG A 183 7.35 35.45 3.19
CA ARG A 183 8.45 34.89 3.96
C ARG A 183 9.41 36.02 4.40
N SER A 184 9.38 37.09 3.60
CA SER A 184 10.06 38.32 3.85
C SER A 184 9.39 39.21 4.94
N ALA A 185 8.07 39.23 4.98
CA ALA A 185 7.37 39.78 6.12
C ALA A 185 7.94 39.17 7.37
N GLY A 186 7.40 39.71 8.47
CA GLY A 186 7.77 39.39 9.83
C GLY A 186 6.91 38.23 10.24
N PRO A 187 7.17 37.71 11.41
CA PRO A 187 6.48 36.47 11.60
C PRO A 187 5.04 36.54 12.02
N PHE A 188 4.55 37.68 12.53
CA PHE A 188 3.10 37.71 12.77
C PHE A 188 2.36 37.73 11.47
N GLU A 189 2.96 38.40 10.50
CA GLU A 189 2.27 38.55 9.22
C GLU A 189 2.39 37.25 8.43
N PHE A 190 3.43 36.49 8.68
CA PHE A 190 3.57 35.27 7.94
C PHE A 190 2.44 34.31 8.40
N LEU A 191 2.37 34.02 9.72
CA LEU A 191 1.23 33.36 10.30
C LEU A 191 -0.06 33.86 9.72
N THR A 192 -0.19 35.16 9.47
CA THR A 192 -1.52 35.68 9.13
C THR A 192 -1.81 35.43 7.68
N ALA A 193 -0.76 35.44 6.88
CA ALA A 193 -0.94 35.38 5.46
C ALA A 193 -1.18 33.95 5.04
N ILE A 194 -0.39 33.10 5.65
CA ILE A 194 -0.36 31.73 5.30
C ILE A 194 -1.29 30.90 6.17
N SER A 195 -1.01 30.64 7.45
CA SER A 195 -2.00 29.92 8.31
C SER A 195 -3.43 30.44 8.25
N PHE A 196 -3.57 31.72 8.26
CA PHE A 196 -4.90 32.14 8.44
C PHE A 196 -5.41 32.33 7.08
N SER A 197 -4.80 33.26 6.33
CA SER A 197 -5.36 33.66 5.02
C SER A 197 -5.36 32.56 4.01
N PHE A 198 -4.31 31.76 3.94
CA PHE A 198 -4.21 30.74 2.90
C PHE A 198 -4.69 29.43 3.49
N GLU A 199 -4.05 28.98 4.56
CA GLU A 199 -4.41 27.73 5.13
C GLU A 199 -5.82 27.71 5.75
N TYR A 200 -6.43 28.82 6.11
CA TYR A 200 -7.78 28.71 6.65
C TYR A 200 -8.87 29.20 5.71
N VAL A 201 -8.81 30.45 5.34
CA VAL A 201 -9.90 31.02 4.60
C VAL A 201 -9.83 30.42 3.21
N LEU A 202 -8.70 30.45 2.55
CA LEU A 202 -8.65 29.99 1.14
C LEU A 202 -8.27 28.55 0.87
N THR A 203 -7.92 27.76 1.87
CA THR A 203 -7.37 26.46 1.66
C THR A 203 -8.28 25.49 0.81
N ASN A 204 -9.59 25.47 1.05
CA ASN A 204 -10.41 24.54 0.29
C ASN A 204 -10.46 24.96 -1.15
N LEU A 205 -10.32 26.26 -1.37
CA LEU A 205 -10.42 26.80 -2.72
C LEU A 205 -9.30 26.46 -3.63
N LEU A 206 -8.35 25.69 -3.16
CA LEU A 206 -7.15 25.40 -3.84
C LEU A 206 -6.96 23.89 -3.73
N PHE A 207 -7.50 23.32 -2.67
CA PHE A 207 -7.22 21.94 -2.33
C PHE A 207 -8.31 21.12 -2.95
N VAL A 208 -9.54 21.28 -2.54
CA VAL A 208 -10.58 20.51 -3.18
C VAL A 208 -10.49 20.52 -4.76
N PRO A 209 -10.38 21.68 -5.44
CA PRO A 209 -10.38 21.46 -6.87
C PRO A 209 -9.29 20.52 -7.43
N PHE A 210 -8.10 20.50 -6.88
CA PHE A 210 -7.12 19.54 -7.39
C PHE A 210 -7.44 18.13 -6.88
N MSE A 211 -7.59 18.00 -5.57
CA MSE A 211 -7.86 16.75 -4.94
C MSE A 211 -9.02 15.95 -5.53
O MSE A 211 -8.93 14.71 -5.67
CB MSE A 211 -8.03 17.01 -3.47
CG MSE A 211 -6.79 16.64 -2.75
SE MSE A 211 -4.94 16.54 -3.80
CE MSE A 211 -4.80 18.21 -4.72
N SER A 212 -10.09 16.66 -5.89
CA SER A 212 -11.31 16.01 -6.28
C SER A 212 -11.45 15.99 -7.79
N GLY A 213 -10.85 16.97 -8.41
CA GLY A 213 -10.44 16.82 -9.79
C GLY A 213 -9.75 15.49 -10.09
N ALA A 214 -8.79 15.04 -9.26
CA ALA A 214 -8.06 13.79 -9.58
C ALA A 214 -8.98 12.53 -9.43
N ALA A 215 -9.68 12.49 -8.28
CA ALA A 215 -10.80 11.57 -8.10
C ALA A 215 -11.78 11.52 -9.33
N TYR A 216 -12.32 12.64 -9.81
CA TYR A 216 -13.28 12.60 -10.94
C TYR A 216 -12.59 12.29 -12.27
N ASN A 217 -11.26 12.26 -12.28
CA ASN A 217 -10.50 12.12 -13.53
C ASN A 217 -9.59 10.96 -13.53
N GLY A 218 -9.77 10.03 -12.62
CA GLY A 218 -9.09 8.76 -12.75
C GLY A 218 -7.65 8.79 -12.34
N ASP A 219 -7.29 9.91 -11.73
CA ASP A 219 -5.98 10.05 -11.18
C ASP A 219 -5.84 9.49 -9.79
N MSE A 220 -5.42 8.24 -9.69
CA MSE A 220 -5.39 7.67 -8.40
C MSE A 220 -4.23 8.18 -7.53
O MSE A 220 -4.41 8.37 -6.33
CB MSE A 220 -5.38 6.18 -8.50
CG MSE A 220 -5.39 5.48 -7.15
SE MSE A 220 -4.92 3.47 -7.39
CE MSE A 220 -6.44 2.84 -6.25
N ALA A 221 -3.06 8.36 -8.07
CA ALA A 221 -1.98 8.65 -7.13
C ALA A 221 -2.20 10.01 -6.47
N THR A 222 -2.70 10.98 -7.20
CA THR A 222 -2.89 12.32 -6.60
C THR A 222 -4.01 12.39 -5.55
N VAL A 223 -5.16 11.80 -5.84
CA VAL A 223 -6.17 11.72 -4.83
C VAL A 223 -5.73 10.99 -3.55
N THR A 224 -4.96 9.93 -3.64
CA THR A 224 -4.43 9.34 -2.43
C THR A 224 -3.53 10.36 -1.69
N PHE A 225 -2.78 11.17 -2.40
CA PHE A 225 -1.90 12.01 -1.68
C PHE A 225 -2.92 12.86 -0.83
N GLY A 226 -4.01 13.30 -1.50
CA GLY A 226 -4.98 14.20 -0.88
C GLY A 226 -5.62 13.61 0.38
N PHE A 227 -6.06 12.41 0.25
CA PHE A 227 -6.71 11.84 1.38
C PHE A 227 -5.74 11.80 2.54
N SER A 228 -4.60 11.17 2.38
CA SER A 228 -3.61 11.15 3.37
C SER A 228 -3.17 12.60 3.87
N ALA A 229 -3.34 13.66 3.06
CA ALA A 229 -3.10 15.04 3.57
C ALA A 229 -4.25 15.65 4.42
N GLN A 230 -5.43 15.05 4.44
CA GLN A 230 -6.51 15.72 5.12
C GLN A 230 -6.16 15.92 6.57
N SER A 231 -5.69 14.88 7.22
CA SER A 231 -5.58 14.97 8.61
C SER A 231 -4.51 16.03 8.94
N ASP A 232 -3.47 16.12 8.09
CA ASP A 232 -2.52 17.23 8.12
C ASP A 232 -3.23 18.56 8.08
N GLU A 233 -3.99 18.89 7.02
CA GLU A 233 -4.71 20.14 6.93
C GLU A 233 -5.61 20.42 8.19
N ALA A 234 -6.28 19.40 8.73
CA ALA A 234 -7.09 19.59 9.88
C ALA A 234 -6.25 20.40 10.87
N ARG A 235 -5.05 19.93 11.23
CA ARG A 235 -4.20 20.66 12.13
C ARG A 235 -3.79 22.03 11.53
N HIS A 236 -3.50 22.09 10.25
CA HIS A 236 -3.03 23.39 9.81
C HIS A 236 -4.12 24.41 9.99
N MSE A 237 -5.39 24.06 9.76
CA MSE A 237 -6.49 25.02 9.86
C MSE A 237 -6.76 25.47 11.24
O MSE A 237 -6.99 26.63 11.44
CB MSE A 237 -7.75 24.42 9.36
CG MSE A 237 -7.79 24.34 7.85
SE MSE A 237 -9.44 23.48 7.01
CE MSE A 237 -11.32 24.97 6.91
N THR A 238 -6.71 24.55 12.20
CA THR A 238 -6.86 24.95 13.56
C THR A 238 -5.74 25.90 14.00
N LEU A 239 -4.50 25.59 13.64
CA LEU A 239 -3.40 26.52 13.94
C LEU A 239 -3.75 27.92 13.45
N GLY A 240 -4.17 27.99 12.21
CA GLY A 240 -4.57 29.25 11.61
C GLY A 240 -5.64 30.04 12.35
N LEU A 241 -6.62 29.38 12.91
CA LEU A 241 -7.76 30.14 13.41
C LEU A 241 -7.52 30.37 14.86
N GLU A 242 -6.99 29.40 15.57
CA GLU A 242 -6.49 29.79 16.86
C GLU A 242 -5.58 31.06 16.79
N VAL A 243 -4.52 30.98 16.01
CA VAL A 243 -3.58 32.00 16.11
C VAL A 243 -4.05 33.45 15.79
N ILE A 244 -4.96 33.71 14.82
CA ILE A 244 -5.47 35.10 14.74
C ILE A 244 -6.39 35.47 15.90
N LYS A 245 -7.24 34.57 16.38
CA LYS A 245 -7.95 34.80 17.63
C LYS A 245 -6.94 35.20 18.70
N PHE A 246 -5.84 34.50 18.81
CA PHE A 246 -4.91 34.85 19.80
C PHE A 246 -4.31 36.25 19.53
N ILE A 247 -3.83 36.49 18.32
CA ILE A 247 -3.33 37.81 18.10
C ILE A 247 -4.41 38.86 18.34
N LEU A 248 -5.63 38.72 17.86
CA LEU A 248 -6.56 39.84 18.10
C LEU A 248 -6.73 40.00 19.57
N GLU A 249 -6.52 38.95 20.32
CA GLU A 249 -6.93 39.09 21.71
C GLU A 249 -5.94 39.73 22.62
N GLN A 250 -4.71 39.86 22.20
CA GLN A 250 -3.74 40.14 23.14
C GLN A 250 -3.44 41.62 23.10
N HIS A 251 -4.38 42.40 22.56
CA HIS A 251 -4.29 43.84 22.56
C HIS A 251 -5.09 44.58 21.52
N GLU A 252 -5.73 45.69 21.94
CA GLU A 252 -6.53 46.43 20.99
C GLU A 252 -5.81 47.01 19.80
N ASP A 253 -4.52 47.25 19.92
CA ASP A 253 -3.77 47.85 18.84
C ASP A 253 -3.38 46.86 17.81
N ASN A 254 -3.33 45.59 18.21
CA ASN A 254 -3.24 44.47 17.28
C ASN A 254 -4.34 44.47 16.21
N VAL A 255 -5.49 45.08 16.48
CA VAL A 255 -6.68 44.87 15.67
C VAL A 255 -6.50 45.49 14.33
N PRO A 256 -6.26 46.80 14.28
CA PRO A 256 -6.17 47.46 12.91
C PRO A 256 -5.02 46.85 12.01
N ILE A 257 -3.95 46.38 12.69
CA ILE A 257 -2.85 45.77 12.03
C ILE A 257 -3.27 44.42 11.45
N VAL A 258 -3.99 43.64 12.25
CA VAL A 258 -4.47 42.41 11.67
C VAL A 258 -5.48 42.58 10.53
N GLN A 259 -6.40 43.54 10.65
CA GLN A 259 -7.42 43.84 9.62
C GLN A 259 -6.68 44.06 8.36
N ARG A 260 -5.61 44.81 8.51
CA ARG A 260 -4.83 45.22 7.43
C ARG A 260 -4.26 44.00 6.66
N TRP A 261 -3.60 43.11 7.39
CA TRP A 261 -3.09 41.88 6.89
C TRP A 261 -4.23 41.05 6.30
N ILE A 262 -5.44 41.14 6.81
CA ILE A 262 -6.49 40.32 6.25
C ILE A 262 -6.88 40.80 4.87
N ASP A 263 -6.84 42.13 4.69
CA ASP A 263 -7.35 42.66 3.47
C ASP A 263 -6.29 42.36 2.45
N LYS A 264 -5.04 42.54 2.87
CA LYS A 264 -3.91 42.27 1.98
C LYS A 264 -3.90 40.80 1.45
N TRP A 265 -3.88 39.85 2.34
CA TRP A 265 -3.64 38.48 1.94
C TRP A 265 -4.88 37.81 1.42
N PHE A 266 -6.04 38.38 1.69
CA PHE A 266 -7.20 37.83 1.06
C PHE A 266 -7.08 38.17 -0.37
N TRP A 267 -6.50 39.33 -0.62
CA TRP A 267 -6.53 39.80 -1.98
C TRP A 267 -5.39 39.16 -2.74
N ARG A 268 -4.19 39.15 -2.20
CA ARG A 268 -3.13 38.36 -2.77
C ARG A 268 -3.61 36.93 -2.97
N GLY A 269 -4.28 36.31 -2.02
CA GLY A 269 -4.70 34.89 -2.22
C GLY A 269 -5.80 34.70 -3.30
N PHE A 270 -6.69 35.68 -3.37
CA PHE A 270 -7.71 35.57 -4.34
C PHE A 270 -6.99 35.52 -5.69
N ARG A 271 -5.99 36.41 -5.84
CA ARG A 271 -5.30 36.57 -7.11
C ARG A 271 -4.51 35.32 -7.46
N LEU A 272 -3.79 34.74 -6.49
CA LEU A 272 -3.02 33.53 -6.73
C LEU A 272 -4.04 32.53 -7.25
N LEU A 273 -5.07 32.26 -6.45
CA LEU A 273 -6.13 31.29 -6.78
C LEU A 273 -6.72 31.28 -8.17
N SER A 274 -6.66 32.43 -8.80
CA SER A 274 -7.22 32.52 -10.13
C SER A 274 -6.59 31.46 -11.12
N LEU A 275 -5.37 31.00 -10.85
CA LEU A 275 -4.80 29.96 -11.66
C LEU A 275 -5.60 28.69 -11.49
N VAL A 276 -6.09 28.50 -10.27
CA VAL A 276 -6.88 27.34 -9.91
C VAL A 276 -8.26 27.50 -10.54
N SER A 277 -8.80 28.70 -10.55
CA SER A 277 -10.10 28.80 -11.14
C SER A 277 -10.12 28.21 -12.49
N MSE A 278 -9.10 28.54 -13.28
CA MSE A 278 -8.97 28.13 -14.67
C MSE A 278 -8.74 26.66 -14.76
O MSE A 278 -9.33 25.98 -15.57
CB MSE A 278 -7.76 28.80 -15.27
CG MSE A 278 -6.99 28.03 -16.36
SE MSE A 278 -5.25 29.11 -16.74
CE MSE A 278 -4.08 27.72 -15.71
N MSE A 279 -7.86 26.20 -13.90
CA MSE A 279 -7.55 24.82 -13.86
C MSE A 279 -8.80 23.99 -13.73
O MSE A 279 -8.90 23.05 -14.41
CB MSE A 279 -6.69 24.56 -12.69
CG MSE A 279 -6.20 23.20 -12.66
SE MSE A 279 -7.49 21.90 -11.72
CE MSE A 279 -7.76 22.69 -9.70
N MSE A 280 -9.76 24.36 -12.87
CA MSE A 280 -10.84 23.46 -12.63
C MSE A 280 -11.96 23.56 -13.61
O MSE A 280 -12.74 22.63 -13.76
CB MSE A 280 -11.38 23.65 -11.25
CG MSE A 280 -12.31 24.83 -11.07
SE MSE A 280 -12.67 25.11 -9.10
CE MSE A 280 -13.87 23.60 -8.74
N ASP A 281 -12.10 24.70 -14.24
CA ASP A 281 -13.16 24.84 -15.21
C ASP A 281 -12.77 24.35 -16.63
N TYR A 282 -11.46 24.43 -16.96
CA TYR A 282 -11.02 24.26 -18.32
C TYR A 282 -10.14 23.12 -18.41
N MSE A 283 -9.52 22.73 -17.35
CA MSE A 283 -8.51 21.70 -17.52
C MSE A 283 -8.96 20.29 -17.08
O MSE A 283 -8.30 19.27 -17.32
CB MSE A 283 -7.24 22.08 -16.75
CG MSE A 283 -6.35 22.99 -17.48
SE MSE A 283 -4.58 23.37 -16.51
CE MSE A 283 -5.21 25.35 -16.42
N LEU A 284 -10.06 20.20 -16.36
CA LEU A 284 -10.42 18.88 -15.98
C LEU A 284 -11.39 18.36 -17.04
N PRO A 285 -11.01 17.30 -17.79
CA PRO A 285 -11.97 16.80 -18.74
C PRO A 285 -13.30 16.50 -18.02
N ASN A 286 -13.33 15.68 -16.97
CA ASN A 286 -14.60 15.61 -16.22
C ASN A 286 -14.65 16.70 -15.16
N LYS A 287 -15.68 17.57 -15.20
CA LYS A 287 -15.91 18.61 -14.15
C LYS A 287 -16.37 18.10 -12.76
N VAL A 288 -15.93 18.82 -11.71
CA VAL A 288 -16.32 18.70 -10.32
C VAL A 288 -17.34 19.82 -10.06
N MSE A 289 -16.99 21.09 -10.16
CA MSE A 289 -17.96 22.14 -9.94
C MSE A 289 -17.34 23.30 -10.56
O MSE A 289 -16.19 23.24 -10.83
CB MSE A 289 -18.16 22.44 -8.47
CG MSE A 289 -16.97 22.12 -7.56
SE MSE A 289 -17.28 22.78 -5.66
CE MSE A 289 -16.56 21.07 -4.54
N SER A 290 -18.11 24.38 -10.74
CA SER A 290 -17.57 25.50 -11.47
C SER A 290 -16.75 26.22 -10.48
N TRP A 291 -15.91 27.13 -10.96
CA TRP A 291 -15.21 28.02 -10.07
C TRP A 291 -16.24 28.79 -9.30
N SER A 292 -17.31 29.17 -9.97
CA SER A 292 -18.32 29.95 -9.29
C SER A 292 -19.00 29.23 -8.11
N GLU A 293 -19.45 28.04 -8.31
CA GLU A 293 -19.91 27.34 -7.17
C GLU A 293 -18.78 27.08 -6.13
N ALA A 294 -17.52 26.94 -6.53
CA ALA A 294 -16.49 26.71 -5.55
C ALA A 294 -16.27 28.01 -4.72
N TRP A 295 -16.09 29.17 -5.34
CA TRP A 295 -16.14 30.43 -4.58
C TRP A 295 -17.35 30.63 -3.62
N GLU A 296 -18.53 30.43 -4.17
CA GLU A 296 -19.75 30.63 -3.49
C GLU A 296 -19.86 29.81 -2.22
N VAL A 297 -19.44 28.57 -2.31
CA VAL A 297 -19.51 27.68 -1.15
C VAL A 297 -18.39 27.84 -0.21
N TYR A 298 -17.16 27.93 -0.67
CA TYR A 298 -16.09 27.84 0.27
C TYR A 298 -15.72 29.25 0.65
N TYR A 299 -16.02 30.23 -0.17
CA TYR A 299 -15.65 31.59 0.36
C TYR A 299 -16.90 32.30 0.82
N GLU A 300 -17.84 32.51 -0.10
CA GLU A 300 -18.99 33.34 0.23
C GLU A 300 -19.70 32.76 1.48
N GLN A 301 -19.84 31.43 1.58
CA GLN A 301 -20.62 30.90 2.71
C GLN A 301 -19.76 30.63 3.85
N ASN A 302 -18.79 29.73 3.70
CA ASN A 302 -17.89 29.36 4.82
C ASN A 302 -17.14 30.52 5.43
N GLY A 303 -16.66 31.39 4.57
CA GLY A 303 -15.90 32.54 4.93
C GLY A 303 -16.83 33.58 5.53
N GLY A 304 -17.98 33.80 4.87
CA GLY A 304 -19.09 34.55 5.48
C GLY A 304 -19.22 34.19 6.96
N ALA A 305 -19.47 32.93 7.27
CA ALA A 305 -19.59 32.50 8.67
C ALA A 305 -18.32 32.74 9.42
N LEU A 306 -17.16 32.44 8.82
CA LEU A 306 -15.93 32.62 9.59
C LEU A 306 -15.84 34.10 10.19
N PHE A 307 -16.25 35.09 9.39
CA PHE A 307 -16.09 36.50 9.65
C PHE A 307 -17.20 36.93 10.53
N LYS A 308 -18.37 36.34 10.29
CA LYS A 308 -19.49 36.54 11.21
C LYS A 308 -18.99 36.27 12.66
N ASP A 309 -18.22 35.20 12.90
CA ASP A 309 -17.63 34.96 14.23
C ASP A 309 -16.54 35.93 14.65
N LEU A 310 -15.83 36.56 13.74
CA LEU A 310 -14.72 37.41 14.23
C LEU A 310 -15.18 38.86 14.44
N GLU A 311 -16.39 39.25 13.96
CA GLU A 311 -17.02 40.52 14.29
C GLU A 311 -16.76 40.89 15.76
N ARG A 312 -16.92 39.91 16.64
CA ARG A 312 -16.68 40.14 18.08
C ARG A 312 -15.28 40.56 18.45
N TYR A 313 -14.36 40.70 17.52
CA TYR A 313 -13.01 41.15 17.88
C TYR A 313 -12.77 42.48 17.20
N GLY A 314 -13.82 42.99 16.55
CA GLY A 314 -13.80 44.23 15.74
C GLY A 314 -13.06 43.98 14.44
N ILE A 315 -13.21 42.81 13.86
CA ILE A 315 -12.71 42.50 12.58
C ILE A 315 -13.91 42.50 11.61
N ARG A 316 -13.69 42.98 10.41
CA ARG A 316 -14.72 42.86 9.38
C ARG A 316 -14.27 42.12 8.09
N PRO A 317 -15.21 41.76 7.24
CA PRO A 317 -14.86 40.99 6.09
C PRO A 317 -13.99 41.81 5.10
N PRO A 318 -13.01 41.16 4.45
CA PRO A 318 -11.90 41.78 3.67
C PRO A 318 -12.30 42.76 2.56
N LYS A 319 -11.56 43.86 2.45
CA LYS A 319 -11.83 44.86 1.38
C LYS A 319 -11.97 44.21 -0.02
N TYR A 320 -13.03 44.57 -0.71
CA TYR A 320 -13.13 44.22 -2.13
C TYR A 320 -13.69 42.77 -2.34
N GLN A 321 -14.11 42.09 -1.27
CA GLN A 321 -14.62 40.74 -1.45
C GLN A 321 -15.76 40.74 -2.46
N ASP A 322 -16.41 41.89 -2.56
CA ASP A 322 -17.53 42.05 -3.50
C ASP A 322 -17.04 42.11 -4.96
N VAL A 323 -15.78 42.48 -5.12
CA VAL A 323 -15.17 42.49 -6.41
C VAL A 323 -14.91 41.04 -6.82
N ALA A 324 -14.42 40.31 -5.83
CA ALA A 324 -13.95 38.98 -6.02
C ALA A 324 -15.20 38.12 -6.22
N ASN A 325 -16.31 38.46 -5.55
CA ASN A 325 -17.51 37.64 -5.71
C ASN A 325 -18.02 37.97 -7.08
N ASP A 326 -18.05 39.26 -7.43
CA ASP A 326 -18.53 39.53 -8.72
C ASP A 326 -17.66 38.88 -9.85
N ALA A 327 -16.42 38.53 -9.53
CA ALA A 327 -15.54 37.97 -10.51
C ALA A 327 -15.68 36.36 -10.64
N LYS A 328 -16.27 35.73 -9.67
CA LYS A 328 -16.39 34.32 -9.89
C LYS A 328 -17.06 33.99 -11.28
N HIS A 329 -17.87 34.89 -11.84
CA HIS A 329 -18.53 34.60 -13.12
C HIS A 329 -17.61 34.77 -14.37
N HIS A 330 -16.40 35.35 -14.13
CA HIS A 330 -15.44 35.67 -15.15
C HIS A 330 -14.07 35.05 -14.99
N LEU A 331 -13.60 35.04 -13.75
CA LEU A 331 -12.23 34.64 -13.52
C LEU A 331 -11.76 33.53 -14.44
N SER A 332 -12.44 32.38 -14.48
CA SER A 332 -11.83 31.24 -15.16
C SER A 332 -11.72 31.48 -16.63
N HIS A 333 -12.73 32.06 -17.27
CA HIS A 333 -12.69 32.32 -18.73
C HIS A 333 -11.58 33.37 -19.16
N GLN A 334 -11.27 34.26 -18.21
CA GLN A 334 -10.36 35.32 -18.45
C GLN A 334 -8.99 34.71 -18.33
N LEU A 335 -8.86 33.75 -17.42
CA LEU A 335 -7.55 33.21 -17.29
C LEU A 335 -7.19 32.34 -18.41
N TRP A 336 -8.16 31.56 -18.92
CA TRP A 336 -7.90 30.56 -19.97
C TRP A 336 -7.55 31.26 -21.29
N THR A 337 -8.28 32.31 -21.69
CA THR A 337 -7.85 33.02 -22.89
C THR A 337 -6.39 33.62 -22.83
N THR A 338 -6.02 34.07 -21.64
CA THR A 338 -4.67 34.52 -21.42
C THR A 338 -3.65 33.40 -21.66
N PHE A 339 -3.86 32.30 -20.98
CA PHE A 339 -2.94 31.23 -21.21
C PHE A 339 -2.98 30.63 -22.65
N TYR A 340 -4.19 30.64 -23.24
CA TYR A 340 -4.38 30.17 -24.57
C TYR A 340 -3.31 30.80 -25.47
N GLN A 341 -3.26 32.15 -25.39
CA GLN A 341 -2.68 33.02 -26.41
C GLN A 341 -1.18 33.25 -26.15
N TYR A 342 -0.74 32.81 -24.97
CA TYR A 342 0.63 32.83 -24.59
C TYR A 342 1.17 31.48 -24.27
N CYS A 343 0.45 30.40 -24.57
CA CYS A 343 1.05 29.13 -24.24
C CYS A 343 2.23 28.76 -25.16
N GLN A 344 2.69 29.69 -26.02
CA GLN A 344 3.99 29.40 -26.71
C GLN A 344 5.03 29.41 -25.65
N ALA A 345 4.70 29.95 -24.44
CA ALA A 345 5.68 30.12 -23.36
C ALA A 345 5.31 29.45 -22.10
N THR A 346 4.62 28.34 -22.15
CA THR A 346 4.19 27.76 -20.86
C THR A 346 4.61 26.32 -20.89
N ASN A 347 4.52 25.66 -19.77
CA ASN A 347 5.07 24.38 -19.79
C ASN A 347 3.88 23.43 -19.76
N PHE A 348 2.71 23.92 -20.14
CA PHE A 348 1.60 23.03 -20.28
C PHE A 348 0.90 23.41 -21.60
N HIS A 349 0.03 22.51 -22.14
CA HIS A 349 -0.68 22.91 -23.34
C HIS A 349 -1.92 23.68 -22.98
N THR A 350 -2.56 24.33 -23.94
CA THR A 350 -3.97 24.77 -23.86
C THR A 350 -4.69 24.26 -25.11
N TRP A 351 -6.01 24.55 -25.21
CA TRP A 351 -6.85 24.06 -26.32
C TRP A 351 -8.20 24.72 -26.30
N ILE A 352 -8.98 24.57 -27.38
CA ILE A 352 -10.41 25.02 -27.30
C ILE A 352 -11.27 23.95 -26.59
N PRO A 353 -12.14 24.32 -25.70
CA PRO A 353 -12.80 23.16 -25.09
C PRO A 353 -13.86 22.64 -26.00
N GLU A 354 -14.16 21.37 -25.79
CA GLU A 354 -15.27 20.64 -26.41
C GLU A 354 -16.64 21.30 -26.29
N LYS A 355 -17.57 20.89 -27.15
CA LYS A 355 -18.82 21.65 -27.20
C LYS A 355 -19.74 21.30 -26.01
N GLU A 356 -19.63 20.07 -25.55
CA GLU A 356 -20.38 19.76 -24.33
C GLU A 356 -19.64 20.22 -23.09
N GLU A 357 -18.38 20.62 -23.22
CA GLU A 357 -17.81 21.46 -22.20
C GLU A 357 -18.43 22.86 -22.32
N MSE A 358 -18.66 23.37 -23.54
CA MSE A 358 -19.15 24.73 -23.52
C MSE A 358 -20.54 24.72 -23.09
O MSE A 358 -20.97 25.61 -22.43
CB MSE A 358 -19.01 25.41 -24.82
CG MSE A 358 -17.58 25.68 -24.93
SE MSE A 358 -16.98 26.34 -26.68
CE MSE A 358 -17.40 28.38 -26.61
N ASP A 359 -21.24 23.65 -23.37
CA ASP A 359 -22.59 23.67 -23.00
C ASP A 359 -22.61 23.78 -21.46
N TRP A 360 -21.76 22.99 -20.80
CA TRP A 360 -21.65 23.02 -19.35
C TRP A 360 -21.40 24.46 -18.90
N MSE A 361 -20.37 25.09 -19.46
CA MSE A 361 -20.05 26.46 -19.08
C MSE A 361 -21.20 27.41 -19.28
O MSE A 361 -21.45 28.26 -18.42
CB MSE A 361 -18.83 26.96 -19.84
CG MSE A 361 -17.66 26.07 -19.55
SE MSE A 361 -16.01 26.64 -20.32
CE MSE A 361 -16.37 26.51 -22.09
N SER A 362 -21.92 27.26 -20.38
CA SER A 362 -23.12 28.01 -20.56
C SER A 362 -24.00 27.79 -19.34
N GLU A 363 -24.19 26.52 -18.99
CA GLU A 363 -24.99 26.20 -17.82
C GLU A 363 -24.41 26.68 -16.46
N LYS A 364 -23.09 26.75 -16.23
CA LYS A 364 -22.65 27.29 -14.90
C LYS A 364 -22.50 28.84 -14.83
N TYR A 365 -22.59 29.47 -16.00
CA TYR A 365 -22.32 30.83 -16.19
C TYR A 365 -23.39 31.26 -17.13
N PRO A 366 -24.62 31.21 -16.67
CA PRO A 366 -25.70 31.58 -17.59
C PRO A 366 -25.72 33.08 -17.86
N ASP A 367 -24.84 33.90 -17.25
CA ASP A 367 -24.98 35.37 -17.40
C ASP A 367 -23.86 36.03 -18.13
N THR A 368 -22.90 35.18 -18.49
CA THR A 368 -21.55 35.61 -18.83
C THR A 368 -20.87 34.69 -19.85
N PHE A 369 -21.26 33.43 -19.92
CA PHE A 369 -20.54 32.64 -20.83
C PHE A 369 -20.87 32.96 -22.29
N ASP A 370 -22.16 32.90 -22.58
CA ASP A 370 -22.64 33.09 -23.89
C ASP A 370 -22.46 34.59 -24.22
N LYS A 371 -22.57 35.50 -23.25
CA LYS A 371 -22.40 36.87 -23.63
C LYS A 371 -21.00 37.21 -23.98
N TYR A 372 -20.03 36.68 -23.28
CA TYR A 372 -18.69 37.31 -23.38
C TYR A 372 -17.59 36.38 -23.83
N TYR A 373 -17.74 35.08 -23.52
CA TYR A 373 -16.66 34.12 -23.58
C TYR A 373 -16.79 33.07 -24.72
N ARG A 374 -18.04 32.72 -25.07
CA ARG A 374 -18.27 31.62 -26.01
C ARG A 374 -17.93 32.15 -27.38
N PRO A 375 -18.38 33.36 -27.68
CA PRO A 375 -17.87 34.03 -28.91
C PRO A 375 -16.36 33.88 -29.12
N ARG A 376 -15.64 33.82 -28.01
CA ARG A 376 -14.19 33.83 -28.11
C ARG A 376 -13.77 32.53 -28.69
N TYR A 377 -14.32 31.46 -28.19
CA TYR A 377 -13.91 30.18 -28.71
C TYR A 377 -14.43 29.89 -30.14
N GLU A 378 -15.58 30.45 -30.51
CA GLU A 378 -16.15 30.33 -31.85
C GLU A 378 -15.19 30.95 -32.83
N TYR A 379 -14.72 32.14 -32.52
CA TYR A 379 -13.72 32.88 -33.32
C TYR A 379 -12.41 32.10 -33.40
N LEU A 380 -11.89 31.78 -32.21
CA LEU A 380 -10.62 31.11 -32.12
C LEU A 380 -10.61 29.77 -32.91
N ALA A 381 -11.69 29.00 -32.81
CA ALA A 381 -11.86 27.77 -33.56
C ALA A 381 -11.88 27.95 -35.09
N LYS A 382 -12.41 29.09 -35.62
CA LYS A 382 -12.47 29.39 -37.06
C LYS A 382 -11.05 29.55 -37.55
N GLU A 383 -10.44 30.52 -36.90
CA GLU A 383 -9.05 30.82 -36.98
C GLU A 383 -8.11 29.65 -36.87
N ALA A 384 -8.42 28.67 -36.05
CA ALA A 384 -7.50 27.54 -35.99
C ALA A 384 -7.69 26.63 -37.21
N ALA A 385 -8.97 26.52 -37.64
CA ALA A 385 -9.37 25.70 -38.76
C ALA A 385 -8.59 26.22 -39.96
N ALA A 386 -8.65 27.54 -40.22
CA ALA A 386 -7.80 28.28 -41.21
C ALA A 386 -6.24 28.22 -41.08
N GLY A 387 -5.69 27.40 -40.14
CA GLY A 387 -4.24 27.26 -39.90
C GLY A 387 -3.74 28.59 -39.34
N ARG A 388 -4.53 29.15 -38.42
CA ARG A 388 -4.22 30.52 -37.94
C ARG A 388 -4.46 30.60 -36.44
N ARG A 389 -4.16 29.48 -35.76
CA ARG A 389 -4.38 29.37 -34.32
C ARG A 389 -3.65 30.51 -33.66
N PHE A 390 -4.39 31.31 -32.91
CA PHE A 390 -3.86 32.50 -32.27
C PHE A 390 -2.76 32.30 -31.27
N TYR A 391 -1.70 33.09 -31.42
CA TYR A 391 -0.57 33.22 -30.47
C TYR A 391 -0.25 34.72 -30.41
N ASN A 392 -0.23 35.34 -29.23
CA ASN A 392 0.07 36.74 -29.15
C ASN A 392 1.55 36.90 -28.92
N ASN A 393 2.19 37.62 -29.80
CA ASN A 393 3.70 37.63 -29.77
C ASN A 393 4.38 38.74 -29.04
N THR A 394 3.51 39.53 -28.44
CA THR A 394 3.84 40.73 -27.76
C THR A 394 3.50 40.48 -26.31
N LEU A 395 4.57 40.52 -25.51
CA LEU A 395 4.38 40.34 -24.11
C LEU A 395 3.41 41.30 -23.39
N PRO A 396 2.74 40.79 -22.32
CA PRO A 396 1.70 41.61 -21.67
C PRO A 396 2.30 42.44 -20.61
N GLN A 397 1.63 43.55 -20.35
CA GLN A 397 1.85 44.25 -19.12
C GLN A 397 1.58 43.39 -17.85
N LEU A 398 2.52 43.36 -16.89
CA LEU A 398 2.28 42.62 -15.59
C LEU A 398 1.85 43.51 -14.44
N CYS A 399 1.15 42.99 -13.41
CA CYS A 399 0.72 43.85 -12.31
C CYS A 399 1.86 43.96 -11.29
N GLN A 400 2.20 45.17 -10.84
CA GLN A 400 3.34 45.30 -9.90
C GLN A 400 3.12 44.50 -8.63
N VAL A 401 1.88 44.30 -8.20
CA VAL A 401 1.73 43.42 -7.04
C VAL A 401 1.49 41.91 -7.35
N CYS A 402 0.39 41.54 -8.08
CA CYS A 402 0.08 40.10 -8.18
C CYS A 402 0.92 39.38 -9.23
N GLN A 403 1.55 40.21 -10.08
CA GLN A 403 2.41 39.80 -11.21
C GLN A 403 1.68 39.06 -12.31
N ILE A 404 0.38 38.97 -12.19
CA ILE A 404 -0.42 38.40 -13.23
C ILE A 404 -0.57 39.45 -14.34
N PRO A 405 -0.69 39.06 -15.63
CA PRO A 405 -1.07 40.08 -16.59
C PRO A 405 -2.34 40.82 -16.23
N THR A 406 -2.40 42.10 -16.57
CA THR A 406 -3.57 42.94 -16.31
C THR A 406 -4.78 42.61 -17.20
N ILE A 407 -5.33 41.42 -16.97
CA ILE A 407 -6.44 40.89 -17.78
C ILE A 407 -7.78 41.09 -17.07
N PHE A 408 -7.71 41.50 -15.81
CA PHE A 408 -8.92 41.66 -15.07
C PHE A 408 -9.78 42.90 -15.36
N THR A 409 -11.08 42.76 -15.19
CA THR A 409 -11.99 43.82 -15.58
C THR A 409 -12.81 44.58 -14.49
N GLU A 410 -13.26 45.80 -14.78
CA GLU A 410 -14.06 46.59 -13.79
C GLU A 410 -15.27 45.81 -13.22
N LYS A 411 -15.50 45.81 -11.91
CA LYS A 411 -16.70 45.13 -11.45
C LYS A 411 -17.91 45.73 -12.23
N ASP A 412 -18.87 44.89 -12.64
CA ASP A 412 -20.04 45.39 -13.40
C ASP A 412 -19.75 45.95 -14.81
N ALA A 413 -18.48 45.96 -15.24
CA ALA A 413 -18.15 46.23 -16.61
C ALA A 413 -17.05 45.24 -17.07
N PRO A 414 -17.46 44.06 -17.56
CA PRO A 414 -16.59 42.91 -17.94
C PRO A 414 -15.88 43.21 -19.23
N THR A 415 -16.27 44.30 -19.83
CA THR A 415 -15.59 44.74 -21.03
C THR A 415 -14.45 45.74 -20.81
N MSE A 416 -14.38 46.41 -19.66
CA MSE A 416 -13.26 47.29 -19.33
C MSE A 416 -12.26 46.71 -18.38
O MSE A 416 -12.52 46.39 -17.26
CB MSE A 416 -13.74 48.54 -18.68
CG MSE A 416 -14.34 49.48 -19.65
SE MSE A 416 -15.47 50.81 -18.63
CE MSE A 416 -14.03 51.25 -16.76
N LEU A 417 -11.06 46.67 -18.89
CA LEU A 417 -9.93 46.39 -18.13
C LEU A 417 -9.96 47.33 -16.91
N SER A 418 -9.75 46.76 -15.72
CA SER A 418 -9.74 47.58 -14.48
C SER A 418 -8.33 48.08 -14.14
N HIS A 419 -7.63 48.73 -15.08
CA HIS A 419 -6.23 49.14 -14.88
C HIS A 419 -6.11 50.30 -13.89
N ARG A 420 -4.95 50.39 -13.24
CA ARG A 420 -4.64 51.42 -12.27
C ARG A 420 -3.15 51.68 -12.28
N GLN A 421 -2.84 52.94 -12.03
CA GLN A 421 -1.51 53.49 -12.37
C GLN A 421 -1.16 54.58 -11.39
N ILE A 422 0.07 54.60 -10.89
CA ILE A 422 0.34 55.54 -9.85
C ILE A 422 1.72 56.09 -10.13
N GLU A 423 2.12 57.20 -9.49
CA GLU A 423 3.60 57.48 -9.52
C GLU A 423 4.14 57.36 -8.12
N HIS A 424 5.36 56.93 -8.00
CA HIS A 424 5.93 56.93 -6.72
C HIS A 424 7.44 57.09 -6.85
N GLU A 425 8.01 58.15 -6.23
CA GLU A 425 9.48 58.48 -6.40
C GLU A 425 9.88 58.75 -7.87
N GLY A 426 8.96 59.34 -8.65
CA GLY A 426 9.15 59.57 -10.12
C GLY A 426 9.41 58.27 -10.93
N GLU A 427 8.71 57.23 -10.52
CA GLU A 427 8.72 55.96 -11.18
C GLU A 427 7.25 55.69 -11.23
N ARG A 428 6.86 55.20 -12.40
CA ARG A 428 5.48 54.69 -12.60
C ARG A 428 5.32 53.21 -12.37
N TYR A 429 4.14 52.85 -11.92
CA TYR A 429 3.86 51.44 -11.67
C TYR A 429 2.39 51.24 -11.95
N HIS A 430 2.10 49.99 -12.24
CA HIS A 430 0.84 49.59 -12.80
C HIS A 430 0.24 48.41 -12.04
N PHE A 431 -1.10 48.37 -12.03
CA PHE A 431 -1.87 47.48 -11.17
C PHE A 431 -3.04 46.86 -11.88
N CYS A 432 -3.22 45.58 -11.59
CA CYS A 432 -4.38 44.86 -12.04
C CYS A 432 -5.73 45.36 -11.52
N SER A 433 -5.77 46.13 -10.42
CA SER A 433 -7.03 46.34 -9.63
C SER A 433 -6.94 47.39 -8.49
N ASP A 434 -8.04 47.82 -7.91
CA ASP A 434 -7.92 48.64 -6.64
C ASP A 434 -7.16 47.91 -5.54
N GLY A 435 -7.56 46.65 -5.29
CA GLY A 435 -6.88 45.80 -4.35
C GLY A 435 -5.38 45.76 -4.53
N CYS A 436 -4.89 45.69 -5.77
CA CYS A 436 -3.49 45.46 -5.96
C CYS A 436 -2.84 46.78 -5.75
N CYS A 437 -3.51 47.81 -6.22
CA CYS A 437 -3.05 49.13 -5.94
C CYS A 437 -2.95 49.43 -4.40
N ASP A 438 -4.02 49.16 -3.65
CA ASP A 438 -4.01 49.47 -2.18
C ASP A 438 -2.85 48.82 -1.48
N ILE A 439 -2.49 47.59 -1.87
CA ILE A 439 -1.37 46.88 -1.29
C ILE A 439 -0.08 47.59 -1.62
N PHE A 440 0.00 48.18 -2.83
CA PHE A 440 1.20 48.87 -3.25
C PHE A 440 1.52 50.13 -2.39
N LYS A 441 0.50 51.00 -2.36
CA LYS A 441 0.52 52.26 -1.70
C LYS A 441 0.81 51.96 -0.26
N HIS A 442 0.29 50.86 0.29
CA HIS A 442 0.63 50.62 1.71
C HIS A 442 2.13 50.28 1.94
N GLU A 443 2.84 49.58 1.03
CA GLU A 443 4.27 49.19 1.19
C GLU A 443 5.08 49.42 -0.09
N PRO A 444 5.05 50.62 -0.57
CA PRO A 444 5.67 50.79 -1.86
C PRO A 444 7.13 50.43 -1.88
N GLU A 445 7.81 50.41 -0.77
CA GLU A 445 9.24 50.14 -0.81
C GLU A 445 9.58 48.67 -0.96
N LYS A 446 8.57 47.83 -0.72
CA LYS A 446 8.72 46.39 -0.87
C LYS A 446 8.64 46.11 -2.42
N TYR A 447 7.52 46.47 -3.01
CA TYR A 447 7.13 46.04 -4.32
C TYR A 447 7.97 46.55 -5.59
N ILE A 448 8.54 47.77 -5.43
CA ILE A 448 9.43 48.28 -6.42
C ILE A 448 10.62 47.39 -6.61
N GLN A 449 10.91 46.46 -5.69
CA GLN A 449 11.95 45.42 -5.77
C GLN A 449 11.57 44.17 -6.62
N ALA A 450 10.26 44.03 -6.91
CA ALA A 450 9.77 42.90 -7.71
C ALA A 450 10.51 42.63 -9.00
N TRP A 451 10.91 41.39 -9.15
CA TRP A 451 11.47 40.87 -10.36
C TRP A 451 10.36 40.58 -11.40
N LEU A 452 9.82 41.56 -12.11
CA LEU A 452 8.79 41.24 -13.11
C LEU A 452 9.37 40.45 -14.31
N PRO A 453 8.84 39.20 -14.55
CA PRO A 453 9.36 38.37 -15.67
C PRO A 453 9.45 39.11 -17.03
N VAL A 454 8.39 39.76 -17.49
CA VAL A 454 8.36 40.52 -18.75
C VAL A 454 9.45 41.59 -18.78
N HIS A 455 9.41 42.50 -17.84
CA HIS A 455 10.51 43.44 -17.57
C HIS A 455 11.90 42.89 -17.52
N GLN A 456 12.13 41.88 -16.70
CA GLN A 456 13.44 41.26 -16.75
C GLN A 456 13.87 40.69 -18.15
N ILE A 457 12.91 40.25 -18.98
CA ILE A 457 13.21 39.71 -20.30
C ILE A 457 13.76 40.91 -21.11
N TYR A 458 13.11 42.07 -21.03
CA TYR A 458 13.60 43.17 -21.81
C TYR A 458 14.89 43.67 -21.22
N GLN A 459 15.09 43.58 -19.93
CA GLN A 459 16.43 43.97 -19.43
C GLN A 459 17.53 43.09 -19.92
N GLY A 460 17.23 42.02 -20.64
CA GLY A 460 18.21 41.03 -21.00
C GLY A 460 18.62 40.13 -19.86
N ASN A 461 17.87 40.14 -18.76
CA ASN A 461 18.27 39.28 -17.67
C ASN A 461 17.89 37.78 -17.72
N CYS A 462 17.34 37.35 -18.86
CA CYS A 462 16.74 36.00 -18.97
C CYS A 462 17.32 35.16 -20.12
N GLU A 463 18.65 35.22 -20.24
CA GLU A 463 19.50 34.69 -21.32
C GLU A 463 18.82 34.58 -22.70
N GLY A 464 18.37 35.68 -23.32
CA GLY A 464 17.86 35.58 -24.68
C GLY A 464 17.13 36.80 -25.17
N GLY A 465 17.29 37.06 -26.47
CA GLY A 465 16.82 38.32 -27.07
C GLY A 465 15.50 38.24 -27.81
N ASP A 466 14.93 37.02 -27.83
CA ASP A 466 13.69 36.61 -28.52
C ASP A 466 12.95 35.80 -27.44
N LEU A 467 11.67 35.99 -27.29
CA LEU A 467 10.92 35.17 -26.34
C LEU A 467 11.22 33.66 -26.40
N GLU A 468 11.19 33.12 -27.60
CA GLU A 468 11.53 31.73 -27.81
C GLU A 468 12.91 31.24 -27.30
N THR A 469 13.90 32.12 -27.35
CA THR A 469 15.21 31.75 -26.95
C THR A 469 15.18 31.66 -25.42
N VAL A 470 14.45 32.60 -24.81
CA VAL A 470 14.31 32.61 -23.36
C VAL A 470 13.66 31.28 -22.90
N VAL A 471 12.54 30.95 -23.56
CA VAL A 471 11.76 29.80 -23.27
C VAL A 471 12.54 28.51 -23.32
N GLN A 472 13.33 28.33 -24.35
CA GLN A 472 14.11 27.14 -24.48
C GLN A 472 15.36 27.16 -23.58
N LYS A 473 16.10 28.27 -23.54
CA LYS A 473 17.38 28.23 -22.81
C LYS A 473 17.28 28.55 -21.31
N TYR A 474 16.38 29.43 -20.94
CA TYR A 474 16.34 29.97 -19.59
C TYR A 474 15.31 29.19 -18.87
N TYR A 475 14.10 29.26 -19.40
CA TYR A 475 13.01 28.37 -18.99
C TYR A 475 13.19 26.88 -19.08
N HIS A 476 14.12 26.34 -19.86
CA HIS A 476 14.13 24.88 -20.11
C HIS A 476 12.85 24.31 -20.69
N ILE A 477 12.00 25.10 -21.29
CA ILE A 477 10.81 24.49 -21.76
C ILE A 477 10.99 24.03 -23.20
N ASN A 478 10.93 22.72 -23.42
CA ASN A 478 11.28 22.19 -24.73
C ASN A 478 10.34 22.62 -25.83
N ILE A 479 10.76 23.59 -26.62
CA ILE A 479 9.91 23.99 -27.72
C ILE A 479 9.50 22.72 -28.46
N GLY A 480 8.21 22.73 -28.86
CA GLY A 480 7.58 21.67 -29.62
C GLY A 480 7.07 20.52 -28.79
N GLU A 481 7.54 20.39 -27.54
CA GLU A 481 7.28 19.28 -26.68
C GLU A 481 6.40 19.66 -25.42
N ASP A 482 6.80 20.70 -24.73
CA ASP A 482 6.22 21.16 -23.48
C ASP A 482 5.18 22.24 -23.74
N ASN A 483 5.24 22.70 -24.98
CA ASN A 483 4.78 23.95 -25.44
C ASN A 483 3.45 23.89 -26.19
N PHE A 484 2.82 25.01 -26.54
CA PHE A 484 1.81 25.03 -27.65
C PHE A 484 0.52 24.29 -27.37
N ASP A 485 -0.54 24.55 -28.19
CA ASP A 485 -1.85 23.82 -28.12
C ASP A 485 -1.64 22.30 -27.83
N TYR A 486 -2.57 21.76 -27.06
CA TYR A 486 -2.71 20.34 -26.92
C TYR A 486 -2.73 19.58 -28.27
N VAL A 487 -3.44 20.16 -29.27
CA VAL A 487 -3.59 19.52 -30.57
C VAL A 487 -2.29 19.55 -31.35
N GLY A 488 -1.69 18.39 -31.55
CA GLY A 488 -0.41 18.34 -32.23
C GLY A 488 0.62 17.88 -31.26
N SER A 489 0.30 17.91 -29.98
CA SER A 489 1.38 17.83 -28.99
C SER A 489 1.92 16.40 -28.94
N PRO A 490 3.20 16.26 -28.63
CA PRO A 490 3.60 14.93 -28.34
C PRO A 490 2.65 14.20 -27.36
N ASP A 491 2.05 14.93 -26.38
CA ASP A 491 1.28 14.24 -25.29
C ASP A 491 0.06 13.65 -25.88
N GLN A 492 -0.59 14.42 -26.76
CA GLN A 492 -1.77 13.91 -27.45
C GLN A 492 -1.47 12.68 -28.25
N LYS A 493 -0.53 12.72 -29.21
CA LYS A 493 -0.16 11.49 -29.97
C LYS A 493 0.06 10.31 -29.06
N HIS A 494 0.94 10.46 -28.09
CA HIS A 494 1.26 9.41 -27.12
C HIS A 494 -0.04 8.93 -26.39
N TRP A 495 -1.02 9.83 -26.21
CA TRP A 495 -2.28 9.44 -25.66
C TRP A 495 -3.12 8.64 -26.66
N LEU A 496 -3.28 9.16 -27.86
CA LEU A 496 -3.89 8.34 -28.94
C LEU A 496 -3.19 7.02 -29.20
N SER A 497 -1.87 6.87 -29.05
CA SER A 497 -1.30 5.46 -29.05
C SER A 497 -1.93 4.66 -27.92
N ILE A 498 -1.37 4.73 -26.68
CA ILE A 498 -2.05 4.23 -25.46
C ILE A 498 -3.58 3.78 -25.70
N LYS A 499 -4.56 4.70 -25.77
CA LYS A 499 -5.98 4.35 -26.13
C LYS A 499 -6.08 3.49 -27.48
N LYS B 6 29.17 -24.98 22.76
CA LYS B 6 29.93 -24.44 21.55
C LYS B 6 29.28 -23.16 20.97
N LYS B 7 28.00 -23.20 20.62
CA LYS B 7 27.29 -22.01 20.08
C LYS B 7 26.63 -22.26 18.75
N LEU B 8 25.31 -22.30 18.69
CA LEU B 8 24.61 -22.85 17.53
C LEU B 8 24.71 -22.08 16.19
N ASN B 9 24.70 -22.81 15.09
CA ASN B 9 24.53 -22.17 13.77
C ASN B 9 23.07 -21.96 13.58
N LEU B 10 22.74 -21.21 12.54
CA LEU B 10 21.35 -20.92 12.21
C LEU B 10 20.48 -22.17 12.04
N LYS B 11 21.12 -23.23 11.57
CA LYS B 11 20.48 -24.48 11.28
C LYS B 11 20.08 -25.21 12.56
N ASP B 12 20.94 -25.13 13.58
CA ASP B 12 20.71 -25.84 14.86
C ASP B 12 19.87 -25.04 15.85
N LYS B 13 20.04 -23.71 15.81
CA LYS B 13 19.30 -22.80 16.63
C LYS B 13 17.85 -22.75 16.22
N TYR B 14 17.57 -23.03 14.94
CA TYR B 14 16.20 -23.08 14.53
C TYR B 14 15.57 -24.41 14.97
N GLN B 15 16.39 -25.43 14.95
CA GLN B 15 15.94 -26.74 15.42
C GLN B 15 15.59 -26.74 16.90
N TYR B 16 16.40 -26.03 17.67
CA TYR B 16 16.14 -25.97 19.08
C TYR B 16 14.89 -25.19 19.29
N LEU B 17 14.62 -24.30 18.35
CA LEU B 17 13.48 -23.50 18.48
C LEU B 17 12.25 -24.22 17.91
N THR B 18 12.39 -25.48 17.61
CA THR B 18 11.44 -26.09 16.71
C THR B 18 11.34 -27.52 17.01
N ARG B 19 12.28 -28.34 16.52
CA ARG B 19 12.23 -29.82 16.64
C ARG B 19 12.39 -30.22 18.14
N ASP B 20 13.12 -29.43 18.93
CA ASP B 20 13.48 -29.89 20.30
C ASP B 20 12.39 -29.75 21.36
N MSE B 21 11.31 -29.06 21.01
CA MSE B 21 10.07 -28.98 21.78
C MSE B 21 9.14 -30.21 21.77
O MSE B 21 8.34 -30.37 22.76
CB MSE B 21 9.22 -27.90 21.20
CG MSE B 21 9.35 -26.62 21.83
SE MSE B 21 7.79 -25.50 21.20
CE MSE B 21 8.91 -24.13 20.00
N ALA B 22 9.16 -30.99 20.66
CA ALA B 22 8.60 -32.34 20.64
C ALA B 22 9.39 -33.22 21.60
N TRP B 23 8.89 -34.46 21.86
CA TRP B 23 9.68 -35.44 22.71
C TRP B 23 9.20 -36.83 22.50
N GLU B 24 9.98 -37.82 22.94
CA GLU B 24 9.51 -39.23 22.87
C GLU B 24 8.44 -39.64 23.93
N PRO B 25 7.22 -39.91 23.48
CA PRO B 25 6.09 -40.18 24.33
C PRO B 25 6.31 -41.39 25.23
N THR B 26 6.10 -41.22 26.53
CA THR B 26 6.16 -42.38 27.47
C THR B 26 4.76 -42.83 27.95
N TYR B 27 3.72 -42.07 27.67
CA TYR B 27 2.46 -42.42 28.31
C TYR B 27 1.37 -42.89 27.38
N GLN B 28 1.43 -42.45 26.12
CA GLN B 28 0.63 -42.99 25.00
C GLN B 28 1.57 -43.61 24.02
N ASP B 29 1.08 -44.50 23.18
CA ASP B 29 1.97 -44.99 22.13
C ASP B 29 2.14 -44.04 20.98
N LYS B 30 3.38 -43.85 20.56
CA LYS B 30 3.70 -43.00 19.40
C LYS B 30 2.66 -43.19 18.32
N LYS B 31 2.23 -44.44 18.11
CA LYS B 31 1.41 -44.79 16.96
C LYS B 31 -0.01 -44.50 17.23
N ASP B 32 -0.42 -44.37 18.49
CA ASP B 32 -1.77 -43.85 18.75
C ASP B 32 -1.76 -42.32 18.52
N ILE B 33 -0.63 -41.65 18.75
CA ILE B 33 -0.63 -40.26 18.72
C ILE B 33 -0.55 -39.85 17.27
N PHE B 34 0.19 -40.65 16.49
CA PHE B 34 0.24 -40.52 14.99
C PHE B 34 -0.12 -41.77 14.16
N PRO B 35 -1.40 -41.98 13.99
CA PRO B 35 -1.84 -43.23 13.37
C PRO B 35 -2.08 -43.18 11.84
N GLU B 36 -1.51 -42.23 11.10
CA GLU B 36 -1.88 -42.09 9.70
C GLU B 36 -0.66 -42.33 8.81
N GLU B 37 0.49 -42.42 9.46
CA GLU B 37 1.71 -42.56 8.73
C GLU B 37 2.05 -43.97 8.27
N ASP B 38 1.25 -44.98 8.50
CA ASP B 38 1.70 -46.27 7.99
C ASP B 38 0.84 -46.80 6.90
N PHE B 39 -0.39 -46.38 6.76
CA PHE B 39 -1.23 -47.17 5.90
C PHE B 39 -0.88 -47.05 4.42
N GLU B 40 -0.34 -45.90 4.04
CA GLU B 40 -0.17 -45.54 2.63
C GLU B 40 0.94 -46.38 2.03
N GLY B 41 1.84 -46.83 2.89
CA GLY B 41 2.85 -47.76 2.47
C GLY B 41 4.17 -47.04 2.50
N ILE B 42 4.12 -45.75 2.76
CA ILE B 42 5.33 -45.03 2.99
C ILE B 42 5.92 -45.43 4.35
N LYS B 43 7.25 -45.39 4.36
CA LYS B 43 8.11 -45.77 5.48
C LYS B 43 9.13 -44.69 5.75
N ILE B 44 9.18 -44.29 7.03
CA ILE B 44 10.02 -43.22 7.51
C ILE B 44 10.96 -43.86 8.53
N THR B 45 12.26 -43.79 8.29
CA THR B 45 13.28 -44.34 9.17
C THR B 45 13.52 -43.36 10.27
N ASP B 46 13.47 -42.06 9.96
CA ASP B 46 14.24 -41.06 10.71
C ASP B 46 13.78 -39.59 10.43
N TRP B 47 12.76 -39.12 11.14
CA TRP B 47 12.26 -37.78 10.86
C TRP B 47 13.27 -36.64 11.05
N SER B 48 14.47 -36.93 11.51
CA SER B 48 15.45 -35.88 11.75
C SER B 48 16.29 -35.57 10.49
N GLN B 49 16.19 -36.45 9.49
CA GLN B 49 16.81 -36.20 8.21
C GLN B 49 16.19 -34.96 7.65
N TRP B 50 14.90 -34.86 7.90
CA TRP B 50 14.09 -33.79 7.38
C TRP B 50 14.79 -32.49 7.61
N GLU B 51 14.92 -31.75 6.50
CA GLU B 51 15.67 -30.51 6.41
C GLU B 51 14.75 -29.32 6.14
N ASP B 52 14.51 -28.50 7.15
CA ASP B 52 13.54 -27.38 7.06
C ASP B 52 13.98 -26.41 5.99
N PRO B 53 13.25 -26.33 4.86
CA PRO B 53 13.78 -25.55 3.71
C PRO B 53 13.87 -24.07 4.14
N PHE B 54 12.73 -23.55 4.63
N PHE B 54 12.76 -23.46 4.57
CA PHE B 54 12.66 -22.22 5.25
CA PHE B 54 12.83 -22.11 5.16
C PHE B 54 12.86 -22.26 6.76
C PHE B 54 12.86 -22.22 6.69
N ARG B 55 13.44 -21.20 7.31
CA ARG B 55 13.73 -21.22 8.73
C ARG B 55 12.93 -20.15 9.50
N LEU B 56 11.59 -20.07 9.40
CA LEU B 56 10.90 -18.94 10.10
C LEU B 56 10.35 -19.21 11.49
N THR B 57 10.51 -18.22 12.34
CA THR B 57 9.98 -18.38 13.65
C THR B 57 8.64 -17.59 13.69
N MSE B 58 7.76 -17.89 14.62
CA MSE B 58 6.59 -17.11 14.65
C MSE B 58 6.85 -15.61 14.59
O MSE B 58 6.17 -14.88 13.88
CB MSE B 58 5.81 -17.44 15.87
CG MSE B 58 5.21 -18.80 15.80
SE MSE B 58 4.31 -19.08 14.02
CE MSE B 58 3.18 -17.41 13.77
N ASP B 59 7.84 -15.11 15.32
CA ASP B 59 8.01 -13.67 15.36
C ASP B 59 8.33 -13.23 13.98
N ALA B 60 9.23 -13.97 13.35
CA ALA B 60 9.60 -13.56 12.01
C ALA B 60 8.35 -13.75 11.04
N TYR B 61 7.68 -14.91 11.13
CA TYR B 61 6.45 -15.11 10.34
C TYR B 61 5.48 -13.90 10.49
N TRP B 62 5.06 -13.55 11.72
CA TRP B 62 4.05 -12.46 11.91
C TRP B 62 4.58 -11.15 11.35
N LYS B 63 5.83 -10.81 11.64
CA LYS B 63 6.41 -9.55 11.20
C LYS B 63 6.39 -9.36 9.71
N TYR B 64 6.73 -10.40 8.97
CA TYR B 64 6.81 -10.16 7.54
C TYR B 64 5.47 -10.22 6.86
N GLN B 65 4.63 -11.15 7.30
CA GLN B 65 3.36 -11.26 6.69
C GLN B 65 2.57 -9.96 6.91
N ALA B 66 2.75 -9.35 8.10
CA ALA B 66 1.95 -8.21 8.49
C ALA B 66 2.34 -7.01 7.65
N GLU B 67 3.62 -6.96 7.39
CA GLU B 67 4.14 -5.94 6.53
C GLU B 67 3.52 -6.07 5.05
N LYS B 68 3.47 -7.29 4.52
CA LYS B 68 2.63 -7.58 3.30
C LYS B 68 1.15 -7.09 3.41
N GLU B 69 0.52 -7.40 4.53
CA GLU B 69 -0.91 -7.12 4.63
C GLU B 69 -1.26 -5.61 4.67
N LYS B 70 -0.43 -4.84 5.36
CA LYS B 70 -0.71 -3.48 5.44
C LYS B 70 -0.77 -2.93 4.01
N LYS B 71 0.20 -3.37 3.24
CA LYS B 71 0.39 -2.87 1.95
C LYS B 71 -0.73 -3.34 1.04
N LEU B 72 -0.96 -4.66 1.13
CA LEU B 72 -2.00 -5.32 0.33
C LEU B 72 -3.37 -4.66 0.53
N TYR B 73 -3.86 -4.49 1.80
CA TYR B 73 -5.15 -3.77 2.03
C TYR B 73 -5.18 -2.26 1.70
N ALA B 74 -4.05 -1.56 1.76
CA ALA B 74 -4.09 -0.17 1.31
C ALA B 74 -4.54 -0.11 -0.16
N ILE B 75 -3.97 -1.04 -0.92
CA ILE B 75 -4.24 -1.05 -2.32
C ILE B 75 -5.67 -1.46 -2.57
N PHE B 76 -6.11 -2.52 -1.89
CA PHE B 76 -7.50 -2.98 -2.09
C PHE B 76 -8.50 -1.87 -1.86
N ASP B 77 -8.33 -1.17 -0.72
CA ASP B 77 -9.09 -0.01 -0.32
C ASP B 77 -9.06 1.05 -1.37
N ALA B 78 -7.87 1.38 -1.92
CA ALA B 78 -7.76 2.42 -2.94
C ALA B 78 -8.45 2.01 -4.28
N PHE B 79 -8.04 0.89 -4.90
CA PHE B 79 -8.86 0.29 -5.87
C PHE B 79 -10.40 0.52 -5.68
N ALA B 80 -10.95 0.25 -4.48
CA ALA B 80 -12.39 0.36 -4.24
C ALA B 80 -12.79 1.83 -4.27
N GLN B 81 -12.33 2.60 -3.26
CA GLN B 81 -12.42 4.02 -3.24
C GLN B 81 -12.47 4.60 -4.62
N ASN B 82 -11.67 4.11 -5.54
CA ASN B 82 -11.49 4.80 -6.77
C ASN B 82 -12.15 4.16 -7.99
N ASN B 83 -12.94 3.11 -7.75
CA ASN B 83 -13.68 2.45 -8.79
C ASN B 83 -12.77 1.94 -9.86
N GLY B 84 -11.69 1.31 -9.42
CA GLY B 84 -10.69 0.77 -10.31
C GLY B 84 -11.19 -0.38 -11.17
N HIS B 85 -12.36 -0.91 -10.87
CA HIS B 85 -12.95 -1.82 -11.84
C HIS B 85 -13.29 -1.22 -13.21
N GLN B 86 -13.40 0.10 -13.28
CA GLN B 86 -13.71 0.77 -14.57
C GLN B 86 -12.46 0.87 -15.48
N ASN B 87 -11.33 0.36 -14.98
CA ASN B 87 -10.10 0.52 -15.65
C ASN B 87 -9.70 -0.77 -16.34
N ILE B 88 -10.50 -1.85 -16.16
CA ILE B 88 -10.15 -3.12 -16.77
C ILE B 88 -10.20 -2.99 -18.30
N SER B 89 -9.28 -3.60 -19.02
CA SER B 89 -9.46 -3.60 -20.47
C SER B 89 -10.87 -3.78 -20.96
N ASP B 90 -11.60 -4.80 -20.57
CA ASP B 90 -12.96 -4.88 -21.11
C ASP B 90 -13.87 -5.68 -20.17
N ALA B 91 -15.17 -5.43 -20.11
CA ALA B 91 -16.00 -6.25 -19.15
C ALA B 91 -16.00 -7.72 -19.47
N ARG B 92 -15.58 -8.15 -20.65
CA ARG B 92 -15.39 -9.57 -20.87
C ARG B 92 -14.44 -10.17 -19.82
N TYR B 93 -13.39 -9.44 -19.45
CA TYR B 93 -12.36 -9.95 -18.56
C TYR B 93 -12.82 -10.47 -17.17
N VAL B 94 -14.01 -10.08 -16.74
CA VAL B 94 -14.34 -10.28 -15.33
C VAL B 94 -14.73 -11.73 -15.26
N ASN B 95 -14.96 -12.28 -16.43
CA ASN B 95 -15.42 -13.68 -16.46
C ASN B 95 -14.26 -14.54 -15.92
N ALA B 96 -13.00 -14.27 -16.28
CA ALA B 96 -11.89 -14.96 -15.63
C ALA B 96 -12.04 -14.94 -14.11
N LEU B 97 -12.64 -13.85 -13.59
CA LEU B 97 -12.69 -13.66 -12.18
C LEU B 97 -13.86 -14.41 -11.64
N LYS B 98 -14.95 -14.50 -12.42
CA LYS B 98 -16.09 -15.37 -12.08
C LYS B 98 -15.64 -16.86 -12.01
N LEU B 99 -14.89 -17.30 -12.99
CA LEU B 99 -14.31 -18.63 -12.90
C LEU B 99 -13.39 -18.65 -11.69
N PHE B 100 -12.76 -17.51 -11.30
CA PHE B 100 -11.75 -17.51 -10.19
C PHE B 100 -12.30 -17.74 -8.84
N ILE B 101 -13.42 -17.12 -8.59
CA ILE B 101 -13.81 -17.11 -7.22
C ILE B 101 -14.65 -18.33 -6.93
N SER B 102 -15.29 -18.89 -7.95
CA SER B 102 -16.08 -20.10 -7.74
C SER B 102 -15.21 -21.37 -7.91
N GLY B 103 -14.21 -21.28 -8.76
CA GLY B 103 -13.40 -22.46 -9.01
C GLY B 103 -12.15 -22.53 -8.22
N ILE B 104 -11.33 -21.44 -8.14
CA ILE B 104 -10.01 -21.44 -7.45
C ILE B 104 -9.95 -20.99 -5.98
N SER B 105 -10.54 -19.87 -5.70
CA SER B 105 -10.58 -19.55 -4.30
C SER B 105 -11.02 -20.71 -3.43
N PRO B 106 -12.10 -21.48 -3.78
CA PRO B 106 -12.40 -22.54 -2.82
C PRO B 106 -11.29 -23.52 -2.62
N LEU B 107 -10.47 -23.78 -3.64
CA LEU B 107 -9.22 -24.55 -3.42
C LEU B 107 -8.25 -23.96 -2.38
N GLU B 108 -8.22 -22.64 -2.26
CA GLU B 108 -7.30 -22.08 -1.24
C GLU B 108 -7.80 -22.51 0.13
N HIS B 109 -9.10 -22.49 0.27
CA HIS B 109 -9.70 -23.03 1.50
C HIS B 109 -9.48 -24.55 1.73
N ALA B 110 -9.63 -25.33 0.66
CA ALA B 110 -9.49 -26.74 0.84
C ALA B 110 -8.00 -26.92 1.19
N ALA B 111 -7.06 -26.12 0.67
CA ALA B 111 -5.69 -26.28 1.15
C ALA B 111 -5.52 -26.04 2.66
N PHE B 112 -6.23 -25.02 3.10
CA PHE B 112 -6.11 -24.59 4.48
C PHE B 112 -6.57 -25.78 5.30
N GLN B 113 -7.76 -26.30 5.03
CA GLN B 113 -8.18 -27.55 5.65
C GLN B 113 -7.13 -28.67 5.50
N GLY B 114 -6.85 -29.13 4.29
CA GLY B 114 -5.78 -30.12 4.09
C GLY B 114 -4.53 -30.00 4.96
N TYR B 115 -3.87 -28.83 4.87
CA TYR B 115 -2.61 -28.64 5.60
C TYR B 115 -2.70 -28.56 7.14
N SER B 116 -3.71 -27.86 7.65
CA SER B 116 -4.06 -27.94 9.08
C SER B 116 -4.02 -29.42 9.49
N LYS B 117 -4.75 -30.28 8.78
CA LYS B 117 -4.83 -31.69 9.19
C LYS B 117 -3.46 -32.45 9.22
N VAL B 118 -2.75 -32.34 8.13
CA VAL B 118 -1.54 -33.02 7.97
C VAL B 118 -0.59 -32.30 8.96
N GLY B 119 -0.78 -30.99 9.17
CA GLY B 119 0.03 -30.22 10.12
C GLY B 119 -0.10 -30.80 11.55
N ARG B 120 -1.09 -31.69 11.77
CA ARG B 120 -1.21 -32.44 13.01
C ARG B 120 -0.66 -33.87 12.84
N GLN B 121 -1.00 -34.53 11.71
CA GLN B 121 -0.68 -35.93 11.46
C GLN B 121 0.79 -36.35 11.38
N PHE B 122 1.68 -35.55 10.86
CA PHE B 122 3.09 -35.98 10.68
C PHE B 122 3.79 -36.05 11.99
N SER B 123 4.48 -37.17 12.20
CA SER B 123 5.19 -37.32 13.45
C SER B 123 6.50 -36.54 13.54
N GLY B 124 6.86 -35.75 12.52
CA GLY B 124 8.13 -34.95 12.62
C GLY B 124 7.91 -33.48 12.94
N ALA B 125 8.44 -33.02 14.04
CA ALA B 125 8.01 -31.72 14.49
C ALA B 125 8.33 -30.61 13.50
N GLY B 126 9.42 -30.83 12.74
CA GLY B 126 9.81 -29.93 11.69
C GLY B 126 8.69 -29.82 10.67
N ALA B 127 8.36 -30.97 10.09
CA ALA B 127 7.35 -31.00 9.04
C ALA B 127 6.01 -30.40 9.55
N ARG B 128 5.72 -30.50 10.84
CA ARG B 128 4.41 -30.06 11.23
C ARG B 128 4.35 -28.56 11.07
N VAL B 129 5.36 -27.81 11.60
CA VAL B 129 5.33 -26.32 11.63
C VAL B 129 5.28 -25.77 10.24
N ALA B 130 6.02 -26.40 9.33
CA ALA B 130 6.03 -26.00 7.94
C ALA B 130 4.62 -26.15 7.39
N CYS B 131 3.98 -27.28 7.71
CA CYS B 131 2.62 -27.53 7.25
C CYS B 131 1.64 -26.60 7.84
N GLN B 132 1.88 -26.28 9.09
CA GLN B 132 1.03 -25.39 9.84
C GLN B 132 1.04 -24.01 9.29
N MSE B 133 2.19 -23.52 8.89
CA MSE B 133 2.25 -22.24 8.26
C MSE B 133 1.69 -22.29 6.90
O MSE B 133 0.92 -21.45 6.50
CB MSE B 133 3.63 -21.75 8.26
CG MSE B 133 4.01 -21.46 9.68
SE MSE B 133 5.89 -20.92 9.69
CE MSE B 133 6.51 -21.30 11.70
N GLN B 134 2.02 -23.30 6.15
CA GLN B 134 1.49 -23.41 4.83
C GLN B 134 -0.06 -23.31 4.95
N ALA B 135 -0.58 -24.10 5.88
CA ALA B 135 -1.95 -24.11 6.18
C ALA B 135 -2.48 -22.67 6.48
N ILE B 136 -1.68 -21.83 7.11
CA ILE B 136 -2.21 -20.56 7.52
C ILE B 136 -2.08 -19.60 6.36
N ASP B 137 -1.02 -19.72 5.55
CA ASP B 137 -0.98 -19.03 4.27
C ASP B 137 -2.22 -19.33 3.43
N GLU B 138 -2.67 -20.59 3.40
CA GLU B 138 -3.76 -20.85 2.50
C GLU B 138 -5.01 -20.07 2.95
N LEU B 139 -5.13 -19.95 4.26
CA LEU B 139 -6.32 -19.34 4.75
C LEU B 139 -6.25 -17.86 4.33
N ARG B 140 -5.05 -17.23 4.48
CA ARG B 140 -4.73 -15.90 3.99
C ARG B 140 -5.04 -15.72 2.49
N HIS B 141 -4.67 -16.72 1.66
CA HIS B 141 -5.10 -16.72 0.21
C HIS B 141 -6.60 -16.60 0.10
N SER B 142 -7.27 -17.35 0.98
CA SER B 142 -8.68 -17.55 0.84
C SER B 142 -9.35 -16.24 1.22
N GLN B 143 -8.86 -15.59 2.25
CA GLN B 143 -9.58 -14.40 2.78
C GLN B 143 -9.30 -13.18 1.89
N THR B 144 -8.01 -13.04 1.56
CA THR B 144 -7.57 -11.95 0.74
C THR B 144 -8.28 -11.96 -0.59
N GLN B 145 -8.67 -13.13 -1.07
CA GLN B 145 -9.35 -13.17 -2.35
C GLN B 145 -10.77 -12.81 -2.15
N GLN B 146 -11.37 -13.32 -1.09
CA GLN B 146 -12.73 -12.94 -0.79
C GLN B 146 -12.73 -11.40 -0.79
N HIS B 147 -11.62 -10.85 -0.26
CA HIS B 147 -11.48 -9.42 -0.11
C HIS B 147 -11.20 -8.71 -1.39
N ALA B 148 -10.43 -9.34 -2.25
CA ALA B 148 -10.12 -8.70 -3.55
C ALA B 148 -11.36 -8.64 -4.47
N MSE B 149 -11.93 -9.83 -4.73
CA MSE B 149 -13.06 -10.09 -5.56
C MSE B 149 -14.21 -9.34 -5.07
O MSE B 149 -15.18 -9.19 -5.79
CB MSE B 149 -13.41 -11.58 -5.44
CG MSE B 149 -12.33 -12.57 -5.96
SE MSE B 149 -11.88 -11.94 -7.76
CE MSE B 149 -10.08 -11.01 -7.43
N SER B 150 -14.17 -8.86 -3.83
CA SER B 150 -15.36 -8.26 -3.17
C SER B 150 -15.88 -6.96 -3.87
N HIS B 151 -14.97 -6.15 -4.45
CA HIS B 151 -15.38 -5.04 -5.26
C HIS B 151 -15.99 -5.50 -6.58
N TYR B 152 -15.36 -6.50 -7.20
CA TYR B 152 -15.92 -7.05 -8.47
C TYR B 152 -17.30 -7.64 -8.25
N ASN B 153 -17.54 -8.26 -7.11
CA ASN B 153 -18.90 -8.78 -6.85
C ASN B 153 -19.90 -7.70 -6.81
N LYS B 154 -19.58 -6.55 -6.25
CA LYS B 154 -20.53 -5.43 -6.17
C LYS B 154 -20.92 -4.86 -7.52
N HIS B 155 -20.14 -5.01 -8.59
CA HIS B 155 -20.48 -4.33 -9.88
C HIS B 155 -20.77 -5.23 -11.10
N PHE B 156 -20.53 -6.52 -10.94
CA PHE B 156 -20.64 -7.47 -12.03
C PHE B 156 -21.35 -8.70 -11.55
N ASN B 157 -21.87 -9.45 -12.51
CA ASN B 157 -22.58 -10.66 -12.22
C ASN B 157 -21.73 -11.94 -12.12
N GLY B 158 -22.27 -12.97 -11.48
CA GLY B 158 -21.67 -14.24 -11.31
C GLY B 158 -20.56 -14.42 -10.29
N LEU B 159 -20.54 -13.64 -9.23
CA LEU B 159 -19.52 -13.86 -8.18
C LEU B 159 -20.23 -13.86 -6.83
N HIS B 160 -21.55 -13.75 -6.83
CA HIS B 160 -22.30 -13.60 -5.60
C HIS B 160 -22.68 -14.88 -4.81
N ASP B 161 -22.36 -16.07 -5.38
CA ASP B 161 -22.43 -17.31 -4.56
C ASP B 161 -21.31 -18.28 -4.72
N GLY B 162 -20.10 -17.80 -4.93
CA GLY B 162 -18.94 -18.70 -5.05
C GLY B 162 -18.96 -20.08 -4.41
N PRO B 163 -18.79 -20.16 -3.10
CA PRO B 163 -18.82 -21.43 -2.38
C PRO B 163 -20.06 -22.29 -2.66
N HIS B 164 -21.24 -21.69 -2.64
CA HIS B 164 -22.47 -22.46 -2.80
C HIS B 164 -22.44 -23.18 -4.15
N MSE B 165 -21.75 -22.56 -5.10
CA MSE B 165 -21.69 -23.00 -6.48
C MSE B 165 -20.64 -24.06 -6.64
O MSE B 165 -20.80 -25.04 -7.41
CB MSE B 165 -21.39 -21.83 -7.35
CG MSE B 165 -22.55 -20.80 -7.34
SE MSE B 165 -22.34 -19.62 -8.91
CE MSE B 165 -24.10 -18.85 -8.87
N HIS B 166 -19.59 -23.92 -5.85
CA HIS B 166 -18.47 -24.83 -5.90
C HIS B 166 -18.99 -26.24 -5.59
N ASP B 167 -20.04 -26.35 -4.77
CA ASP B 167 -20.46 -27.60 -4.18
C ASP B 167 -21.53 -28.24 -5.13
N ARG B 168 -22.07 -27.49 -6.11
CA ARG B 168 -23.23 -27.97 -6.87
C ARG B 168 -23.08 -27.84 -8.35
N VAL B 169 -22.56 -26.70 -8.81
CA VAL B 169 -22.40 -26.47 -10.28
C VAL B 169 -21.56 -27.48 -11.07
N TRP B 170 -22.10 -27.96 -12.16
CA TRP B 170 -21.46 -29.05 -12.84
C TRP B 170 -19.96 -28.93 -12.98
N TYR B 171 -19.53 -27.93 -13.77
CA TYR B 171 -18.13 -27.79 -14.13
C TYR B 171 -17.18 -27.59 -12.92
N LEU B 172 -17.74 -27.05 -11.84
CA LEU B 172 -16.93 -26.88 -10.61
C LEU B 172 -16.61 -28.21 -9.86
N SER B 173 -17.15 -29.33 -10.30
CA SER B 173 -16.71 -30.54 -9.64
C SER B 173 -15.37 -30.93 -10.28
N VAL B 174 -14.93 -30.23 -11.30
CA VAL B 174 -13.59 -30.43 -11.75
C VAL B 174 -12.60 -30.10 -10.63
N PRO B 175 -12.47 -28.81 -10.23
CA PRO B 175 -11.77 -28.51 -9.02
C PRO B 175 -12.28 -29.09 -7.69
N LYS B 176 -13.57 -29.19 -7.46
CA LYS B 176 -13.93 -29.71 -6.13
C LYS B 176 -13.40 -31.14 -5.97
N SER B 177 -13.59 -31.99 -6.99
CA SER B 177 -13.18 -33.39 -6.78
C SER B 177 -11.65 -33.53 -6.67
N PHE B 178 -10.91 -32.63 -7.33
CA PHE B 178 -9.48 -32.63 -7.25
C PHE B 178 -9.03 -32.62 -5.81
N PHE B 179 -9.59 -31.71 -4.99
CA PHE B 179 -9.03 -31.56 -3.67
C PHE B 179 -9.62 -32.55 -2.76
N ASP B 180 -10.88 -32.88 -3.09
CA ASP B 180 -11.53 -33.99 -2.35
C ASP B 180 -10.69 -35.34 -2.44
N ASP B 181 -10.20 -35.59 -3.65
CA ASP B 181 -9.27 -36.64 -3.88
C ASP B 181 -8.04 -36.47 -2.93
N ALA B 182 -7.46 -35.30 -2.90
CA ALA B 182 -6.24 -35.17 -2.15
C ALA B 182 -6.53 -35.26 -0.67
N ARG B 183 -7.62 -34.65 -0.21
CA ARG B 183 -7.89 -34.58 1.26
C ARG B 183 -8.46 -35.88 1.79
N SER B 184 -8.95 -36.78 0.92
CA SER B 184 -9.50 -38.07 1.42
C SER B 184 -8.37 -39.08 1.49
N ALA B 185 -7.26 -38.70 0.85
CA ALA B 185 -6.06 -39.50 0.73
C ALA B 185 -5.32 -39.38 2.05
N GLY B 186 -4.19 -40.03 2.25
CA GLY B 186 -3.55 -39.97 3.55
C GLY B 186 -2.55 -38.89 3.32
N PRO B 187 -1.60 -38.71 4.27
CA PRO B 187 -0.82 -37.46 4.33
C PRO B 187 0.34 -37.29 3.37
N PHE B 188 1.00 -38.37 2.99
CA PHE B 188 2.02 -38.20 2.02
C PHE B 188 1.38 -38.06 0.68
N GLU B 189 0.36 -38.81 0.34
CA GLU B 189 -0.14 -38.64 -1.01
C GLU B 189 -0.59 -37.18 -1.05
N PHE B 190 -1.22 -36.74 0.04
CA PHE B 190 -1.68 -35.37 0.08
C PHE B 190 -0.46 -34.49 -0.17
N LEU B 191 0.62 -34.78 0.50
CA LEU B 191 1.72 -33.87 0.37
C LEU B 191 2.36 -33.95 -1.00
N THR B 192 2.47 -35.15 -1.58
CA THR B 192 3.00 -35.30 -2.91
C THR B 192 2.06 -34.72 -3.94
N ALA B 193 0.78 -34.63 -3.69
CA ALA B 193 -0.13 -34.16 -4.72
C ALA B 193 -0.15 -32.67 -4.80
N ILE B 194 -0.14 -32.05 -3.62
CA ILE B 194 -0.37 -30.63 -3.49
C ILE B 194 0.96 -29.90 -3.38
N SER B 195 1.73 -30.22 -2.34
CA SER B 195 2.99 -29.51 -2.21
C SER B 195 3.87 -29.73 -3.40
N PHE B 196 4.16 -31.00 -3.68
CA PHE B 196 4.96 -31.30 -4.81
C PHE B 196 4.31 -31.06 -6.15
N SER B 197 3.26 -31.82 -6.44
CA SER B 197 2.73 -31.79 -7.84
C SER B 197 2.10 -30.52 -8.19
N PHE B 198 1.29 -29.98 -7.32
CA PHE B 198 0.44 -28.91 -7.69
C PHE B 198 1.20 -27.60 -7.36
N GLU B 199 1.76 -27.57 -6.16
CA GLU B 199 2.24 -26.33 -5.66
C GLU B 199 3.55 -25.95 -6.29
N TYR B 200 4.34 -26.92 -6.69
CA TYR B 200 5.64 -26.64 -7.20
C TYR B 200 5.60 -26.63 -8.71
N VAL B 201 5.15 -27.79 -9.27
CA VAL B 201 5.19 -28.06 -10.71
C VAL B 201 4.18 -27.21 -11.47
N LEU B 202 2.93 -27.17 -11.09
CA LEU B 202 2.02 -26.51 -12.00
C LEU B 202 1.56 -25.23 -11.44
N THR B 203 2.11 -24.89 -10.29
CA THR B 203 1.74 -23.65 -9.55
C THR B 203 1.82 -22.48 -10.46
N ASN B 204 2.99 -22.18 -10.91
CA ASN B 204 3.13 -21.29 -11.96
C ASN B 204 2.02 -21.37 -12.99
N LEU B 205 2.03 -22.46 -13.76
CA LEU B 205 1.01 -22.73 -14.80
C LEU B 205 -0.40 -22.39 -14.43
N LEU B 206 -0.64 -22.20 -13.13
CA LEU B 206 -1.88 -21.56 -12.69
C LEU B 206 -1.80 -20.07 -12.16
N PHE B 207 -0.95 -19.77 -11.16
CA PHE B 207 -0.75 -18.32 -10.76
C PHE B 207 -0.44 -17.38 -11.88
N VAL B 208 0.78 -17.48 -12.51
CA VAL B 208 1.28 -16.60 -13.72
C VAL B 208 0.32 -16.29 -14.88
N PRO B 209 -0.40 -17.35 -15.39
CA PRO B 209 -1.47 -16.97 -16.38
C PRO B 209 -2.42 -15.85 -15.82
N PHE B 210 -3.45 -16.13 -14.99
CA PHE B 210 -4.18 -15.05 -14.27
C PHE B 210 -3.24 -13.76 -13.91
N MSE B 211 -2.20 -13.94 -13.13
CA MSE B 211 -1.59 -12.82 -12.51
C MSE B 211 -1.05 -11.76 -13.51
O MSE B 211 -1.45 -10.55 -13.53
CB MSE B 211 -0.61 -13.29 -11.38
CG MSE B 211 -1.25 -13.93 -10.10
SE MSE B 211 -3.19 -13.37 -9.95
CE MSE B 211 -4.05 -14.97 -9.01
N SER B 212 -0.21 -12.24 -14.40
CA SER B 212 0.28 -11.38 -15.55
C SER B 212 -0.87 -10.95 -16.42
N GLY B 213 -1.87 -11.80 -16.54
CA GLY B 213 -3.12 -11.39 -17.24
C GLY B 213 -3.82 -10.14 -16.73
N ALA B 214 -3.87 -10.07 -15.39
CA ALA B 214 -4.59 -9.11 -14.74
C ALA B 214 -3.70 -7.89 -14.88
N ALA B 215 -2.40 -8.11 -14.81
CA ALA B 215 -1.48 -7.05 -15.27
C ALA B 215 -1.92 -6.28 -16.54
N TYR B 216 -1.84 -6.92 -17.70
CA TYR B 216 -2.39 -6.33 -18.91
C TYR B 216 -3.83 -5.79 -19.08
N ASN B 217 -4.71 -6.04 -18.12
CA ASN B 217 -6.07 -5.79 -18.41
C ASN B 217 -6.69 -4.83 -17.38
N GLY B 218 -5.78 -4.21 -16.59
CA GLY B 218 -5.99 -3.01 -15.78
C GLY B 218 -6.54 -3.31 -14.40
N ASP B 219 -6.27 -4.54 -13.96
CA ASP B 219 -6.95 -5.05 -12.86
C ASP B 219 -5.99 -5.09 -11.72
N MSE B 220 -5.89 -3.99 -11.00
CA MSE B 220 -4.85 -3.86 -10.03
C MSE B 220 -5.09 -4.79 -8.83
O MSE B 220 -4.15 -5.35 -8.27
CB MSE B 220 -4.83 -2.43 -9.63
CG MSE B 220 -3.70 -2.12 -8.75
SE MSE B 220 -3.76 -0.23 -8.12
CE MSE B 220 -3.89 0.77 -10.15
N ALA B 221 -6.35 -4.99 -8.46
CA ALA B 221 -6.62 -5.74 -7.28
C ALA B 221 -6.19 -7.20 -7.46
N THR B 222 -6.55 -7.85 -8.59
CA THR B 222 -6.09 -9.22 -8.74
C THR B 222 -4.54 -9.33 -8.71
N VAL B 223 -3.85 -8.60 -9.59
CA VAL B 223 -2.45 -8.71 -9.65
C VAL B 223 -1.81 -8.46 -8.30
N THR B 224 -2.19 -7.35 -7.69
CA THR B 224 -1.74 -7.03 -6.35
C THR B 224 -1.76 -8.23 -5.44
N PHE B 225 -2.92 -8.89 -5.37
N PHE B 225 -2.92 -8.89 -5.33
CA PHE B 225 -3.00 -10.02 -4.50
CA PHE B 225 -2.94 -10.07 -4.51
C PHE B 225 -2.15 -11.05 -5.14
C PHE B 225 -2.00 -10.89 -5.29
N GLY B 226 -2.58 -11.52 -6.33
CA GLY B 226 -2.00 -12.68 -7.03
C GLY B 226 -0.54 -12.90 -6.76
N PHE B 227 0.12 -11.72 -6.76
CA PHE B 227 1.54 -11.53 -6.63
C PHE B 227 2.11 -11.64 -5.24
N SER B 228 2.09 -10.49 -4.49
CA SER B 228 2.19 -10.49 -2.99
C SER B 228 1.66 -11.79 -2.35
N ALA B 229 0.69 -12.45 -2.99
CA ALA B 229 0.16 -13.72 -2.42
C ALA B 229 0.88 -14.99 -2.83
N GLN B 230 2.19 -14.79 -3.10
CA GLN B 230 2.98 -15.89 -3.64
C GLN B 230 4.42 -15.86 -3.20
N SER B 231 4.99 -14.70 -2.79
CA SER B 231 6.16 -14.78 -1.85
C SER B 231 5.95 -15.98 -0.90
N ASP B 232 4.68 -16.36 -0.74
CA ASP B 232 4.27 -17.48 0.04
C ASP B 232 4.58 -18.77 -0.75
N GLU B 233 3.91 -18.94 -1.88
CA GLU B 233 4.16 -20.02 -2.82
C GLU B 233 5.66 -20.25 -2.98
N ALA B 234 6.50 -19.25 -3.06
CA ALA B 234 7.94 -19.59 -2.88
C ALA B 234 8.25 -20.57 -1.69
N ARG B 235 7.64 -20.34 -0.53
CA ARG B 235 7.91 -21.23 0.58
C ARG B 235 7.23 -22.52 0.34
N HIS B 236 6.03 -22.44 -0.24
CA HIS B 236 5.12 -23.54 -0.43
C HIS B 236 5.66 -24.60 -1.39
N MSE B 237 6.52 -24.13 -2.30
CA MSE B 237 7.27 -24.89 -3.30
C MSE B 237 8.43 -25.57 -2.69
O MSE B 237 8.60 -26.74 -2.88
CB MSE B 237 7.92 -23.93 -4.30
CG MSE B 237 7.29 -24.02 -5.59
SE MSE B 237 7.70 -22.37 -6.48
CE MSE B 237 7.98 -22.71 -8.73
N THR B 238 9.31 -24.79 -2.06
CA THR B 238 10.47 -25.43 -1.46
C THR B 238 10.10 -26.42 -0.32
N LEU B 239 8.83 -26.50 0.07
CA LEU B 239 8.39 -27.65 0.83
C LEU B 239 8.04 -28.84 -0.06
N GLY B 240 7.61 -28.60 -1.29
CA GLY B 240 7.13 -29.65 -2.21
C GLY B 240 8.39 -30.42 -2.50
N LEU B 241 9.22 -29.86 -3.39
CA LEU B 241 10.63 -30.24 -3.48
C LEU B 241 11.18 -30.91 -2.21
N GLU B 242 11.19 -30.24 -1.11
CA GLU B 242 12.07 -30.84 -0.11
C GLU B 242 11.52 -32.07 0.50
N VAL B 243 10.28 -32.37 0.15
CA VAL B 243 9.61 -33.43 0.85
C VAL B 243 9.57 -34.66 0.02
N ILE B 244 9.30 -34.56 -1.26
CA ILE B 244 9.61 -35.76 -1.99
C ILE B 244 11.14 -36.18 -1.86
N LYS B 245 12.09 -35.25 -2.01
CA LYS B 245 13.48 -35.64 -1.86
C LYS B 245 13.63 -36.42 -0.57
N PHE B 246 12.81 -36.09 0.41
CA PHE B 246 13.02 -36.64 1.73
C PHE B 246 12.36 -37.97 1.75
N ILE B 247 11.12 -38.01 1.32
CA ILE B 247 10.39 -39.25 1.18
C ILE B 247 11.14 -40.24 0.34
N LEU B 248 11.73 -39.83 -0.76
CA LEU B 248 12.25 -40.84 -1.66
C LEU B 248 13.46 -41.45 -1.07
N GLU B 249 14.22 -40.65 -0.40
CA GLU B 249 15.50 -41.14 -0.09
C GLU B 249 15.38 -41.68 1.28
N GLN B 250 14.16 -41.89 1.74
CA GLN B 250 13.92 -42.37 3.13
C GLN B 250 13.81 -43.87 3.12
N HIS B 251 13.41 -44.37 1.98
CA HIS B 251 13.38 -45.79 1.74
C HIS B 251 13.17 -46.15 0.31
N GLU B 252 14.04 -47.03 -0.17
CA GLU B 252 14.01 -47.52 -1.52
C GLU B 252 12.58 -47.82 -1.91
N ASP B 253 11.87 -48.33 -0.95
CA ASP B 253 10.49 -48.79 -1.14
C ASP B 253 9.53 -47.71 -1.49
N ASN B 254 9.72 -46.51 -0.90
CA ASN B 254 8.85 -45.39 -1.18
C ASN B 254 8.90 -45.03 -2.63
N VAL B 255 10.03 -45.26 -3.33
CA VAL B 255 10.18 -44.79 -4.71
C VAL B 255 9.00 -45.17 -5.64
N PRO B 256 8.67 -46.45 -5.77
CA PRO B 256 7.57 -46.71 -6.72
C PRO B 256 6.22 -46.19 -6.20
N ILE B 257 5.97 -46.23 -4.88
CA ILE B 257 4.77 -45.54 -4.44
C ILE B 257 4.86 -44.01 -4.83
N VAL B 258 5.98 -43.35 -4.56
CA VAL B 258 6.11 -41.97 -5.00
C VAL B 258 5.84 -41.81 -6.48
N GLN B 259 6.30 -42.77 -7.27
CA GLN B 259 6.18 -42.65 -8.68
C GLN B 259 4.71 -42.67 -9.08
N ARG B 260 4.01 -43.69 -8.51
CA ARG B 260 2.58 -43.86 -8.83
C ARG B 260 1.94 -42.46 -8.63
N TRP B 261 2.33 -41.81 -7.50
CA TRP B 261 1.68 -40.54 -7.11
C TRP B 261 1.92 -39.46 -8.07
N ILE B 262 3.23 -39.28 -8.37
CA ILE B 262 3.69 -38.40 -9.42
C ILE B 262 2.86 -38.68 -10.69
N ASP B 263 2.67 -39.92 -11.06
CA ASP B 263 1.84 -40.13 -12.23
C ASP B 263 0.40 -39.54 -12.13
N LYS B 264 -0.25 -39.90 -11.02
CA LYS B 264 -1.66 -39.65 -10.74
C LYS B 264 -1.86 -38.17 -10.66
N TRP B 265 -1.05 -37.52 -9.84
CA TRP B 265 -1.27 -36.06 -9.71
C TRP B 265 -0.90 -35.14 -10.90
N PHE B 266 0.08 -35.57 -11.69
CA PHE B 266 0.40 -34.81 -12.84
C PHE B 266 -0.85 -34.83 -13.75
N TRP B 267 -1.41 -36.04 -14.04
CA TRP B 267 -2.60 -36.14 -14.87
C TRP B 267 -3.77 -35.42 -14.23
N ARG B 268 -3.99 -35.63 -12.93
CA ARG B 268 -5.08 -34.83 -12.33
C ARG B 268 -4.80 -33.31 -12.49
N GLY B 269 -3.78 -32.80 -11.74
CA GLY B 269 -3.10 -31.55 -12.11
C GLY B 269 -3.43 -31.08 -13.53
N PHE B 270 -3.06 -31.89 -14.52
CA PHE B 270 -3.03 -31.38 -15.87
C PHE B 270 -4.43 -31.15 -16.26
N ARG B 271 -5.31 -32.12 -16.02
CA ARG B 271 -6.69 -31.89 -16.47
C ARG B 271 -7.32 -30.67 -15.79
N LEU B 272 -7.11 -30.46 -14.50
CA LEU B 272 -7.67 -29.27 -13.87
C LEU B 272 -7.06 -28.00 -14.52
N LEU B 273 -5.74 -28.02 -14.78
CA LEU B 273 -5.14 -26.93 -15.57
C LEU B 273 -5.86 -26.57 -16.87
N SER B 274 -6.40 -27.58 -17.53
CA SER B 274 -7.04 -27.23 -18.78
C SER B 274 -7.96 -25.99 -18.63
N LEU B 275 -8.70 -25.83 -17.53
CA LEU B 275 -9.56 -24.64 -17.38
C LEU B 275 -8.84 -23.33 -17.58
N VAL B 276 -7.61 -23.27 -17.09
CA VAL B 276 -6.82 -22.06 -17.18
C VAL B 276 -6.48 -21.69 -18.62
N SER B 277 -6.18 -22.75 -19.35
CA SER B 277 -5.91 -22.67 -20.75
C SER B 277 -6.99 -21.87 -21.42
N MSE B 278 -8.20 -22.33 -21.34
CA MSE B 278 -9.21 -21.54 -21.96
C MSE B 278 -9.19 -20.10 -21.48
O MSE B 278 -9.48 -19.19 -22.22
CB MSE B 278 -10.57 -22.16 -21.68
CG MSE B 278 -11.58 -21.21 -21.00
SE MSE B 278 -13.01 -22.41 -20.67
CE MSE B 278 -12.86 -22.50 -18.66
N MSE B 279 -8.89 -19.85 -20.22
CA MSE B 279 -9.28 -18.58 -19.77
C MSE B 279 -8.20 -17.66 -20.33
O MSE B 279 -8.50 -16.54 -20.80
CB MSE B 279 -9.49 -18.54 -18.24
CG MSE B 279 -8.27 -18.33 -17.41
SE MSE B 279 -7.41 -16.45 -17.86
CE MSE B 279 -5.99 -16.17 -16.38
N MSE B 280 -6.97 -18.17 -20.37
CA MSE B 280 -5.83 -17.32 -20.73
C MSE B 280 -5.76 -16.99 -22.17
O MSE B 280 -5.47 -15.85 -22.55
CB MSE B 280 -4.52 -17.82 -20.20
CG MSE B 280 -3.75 -18.70 -21.12
SE MSE B 280 -1.95 -19.16 -20.26
CE MSE B 280 -1.48 -17.15 -19.92
N ASP B 281 -6.08 -17.97 -22.99
CA ASP B 281 -6.30 -17.65 -24.40
C ASP B 281 -7.58 -16.92 -24.76
N TYR B 282 -8.56 -16.74 -23.85
CA TYR B 282 -9.87 -16.24 -24.29
C TYR B 282 -10.54 -15.20 -23.43
N MSE B 283 -10.23 -15.17 -22.16
CA MSE B 283 -10.95 -14.24 -21.34
C MSE B 283 -10.01 -13.04 -21.05
O MSE B 283 -10.31 -12.11 -20.27
CB MSE B 283 -11.45 -14.93 -20.08
CG MSE B 283 -12.06 -16.27 -20.40
SE MSE B 283 -12.80 -17.27 -18.78
CE MSE B 283 -14.29 -16.23 -18.44
N LEU B 284 -8.86 -13.03 -21.68
CA LEU B 284 -7.98 -11.92 -21.50
C LEU B 284 -8.22 -11.05 -22.71
N PRO B 285 -9.01 -9.97 -22.56
CA PRO B 285 -9.08 -9.16 -23.78
C PRO B 285 -7.67 -8.79 -24.31
N ASN B 286 -6.78 -8.19 -23.51
CA ASN B 286 -5.35 -8.05 -23.95
C ASN B 286 -4.61 -9.33 -23.62
N LYS B 287 -4.06 -9.96 -24.64
CA LYS B 287 -3.37 -11.26 -24.53
C LYS B 287 -2.02 -11.13 -23.84
N VAL B 288 -1.48 -12.20 -23.34
CA VAL B 288 -0.26 -12.24 -22.63
C VAL B 288 0.50 -13.41 -23.16
N MSE B 289 0.01 -14.62 -23.08
CA MSE B 289 0.87 -15.57 -23.66
C MSE B 289 0.10 -16.84 -23.99
O MSE B 289 -0.52 -17.41 -23.12
CB MSE B 289 2.01 -15.68 -22.66
CG MSE B 289 2.73 -16.95 -22.61
SE MSE B 289 3.87 -17.16 -20.92
CE MSE B 289 4.40 -15.27 -20.24
N SER B 290 0.12 -17.29 -25.24
CA SER B 290 -0.57 -18.55 -25.59
C SER B 290 -0.43 -19.64 -24.52
N TRP B 291 -1.57 -20.24 -24.09
CA TRP B 291 -1.54 -21.34 -23.19
C TRP B 291 -0.37 -22.21 -23.68
N SER B 292 -0.29 -22.39 -24.99
CA SER B 292 0.77 -23.18 -25.50
C SER B 292 2.18 -22.76 -25.08
N GLU B 293 2.47 -21.48 -25.25
CA GLU B 293 3.76 -20.93 -24.82
C GLU B 293 3.91 -21.24 -23.39
N ALA B 294 2.82 -20.99 -22.66
CA ALA B 294 2.85 -20.97 -21.21
C ALA B 294 3.13 -22.33 -20.70
N TRP B 295 2.72 -23.36 -21.43
CA TRP B 295 2.96 -24.67 -20.97
C TRP B 295 4.38 -25.06 -21.22
N GLU B 296 4.85 -24.75 -22.42
CA GLU B 296 6.20 -25.11 -22.89
C GLU B 296 7.25 -24.59 -21.97
N VAL B 297 7.13 -23.34 -21.64
CA VAL B 297 8.09 -22.77 -20.73
C VAL B 297 7.84 -23.56 -19.46
N TYR B 298 6.86 -23.09 -18.70
CA TYR B 298 6.43 -23.49 -17.38
C TYR B 298 6.35 -24.96 -16.99
N TYR B 299 5.92 -25.84 -17.90
CA TYR B 299 5.98 -27.25 -17.65
C TYR B 299 7.14 -27.89 -18.38
N GLU B 300 7.04 -28.03 -19.72
CA GLU B 300 7.95 -28.89 -20.49
C GLU B 300 9.39 -28.64 -20.10
N GLN B 301 9.71 -27.38 -19.82
CA GLN B 301 11.09 -26.97 -19.60
C GLN B 301 11.41 -26.84 -18.11
N ASN B 302 10.95 -25.77 -17.49
N ASN B 302 10.88 -25.77 -17.45
CA ASN B 302 11.19 -25.63 -16.09
CA ASN B 302 10.91 -25.52 -15.95
C ASN B 302 10.89 -26.97 -15.38
C ASN B 302 10.44 -26.73 -15.13
N GLY B 303 9.86 -27.67 -15.84
CA GLY B 303 9.44 -28.94 -15.25
C GLY B 303 10.43 -30.01 -15.59
N GLY B 304 10.40 -30.44 -16.86
CA GLY B 304 11.32 -31.45 -17.40
C GLY B 304 12.72 -31.30 -16.86
N ALA B 305 13.01 -30.08 -16.36
CA ALA B 305 14.25 -29.73 -15.71
C ALA B 305 14.32 -30.44 -14.39
N LEU B 306 13.54 -29.98 -13.42
CA LEU B 306 13.38 -30.68 -12.14
C LEU B 306 13.09 -32.26 -12.11
N PHE B 307 12.48 -32.84 -13.12
CA PHE B 307 12.48 -34.30 -13.12
C PHE B 307 13.84 -34.92 -13.48
N LYS B 308 14.81 -34.02 -13.68
CA LYS B 308 16.22 -34.30 -14.00
C LYS B 308 16.93 -34.41 -12.70
N ASP B 309 16.90 -33.32 -11.96
CA ASP B 309 17.39 -33.36 -10.57
C ASP B 309 16.78 -34.51 -9.72
N LEU B 310 15.95 -35.35 -10.37
CA LEU B 310 15.25 -36.42 -9.69
C LEU B 310 15.57 -37.83 -10.13
N GLU B 311 16.36 -38.00 -11.19
CA GLU B 311 16.61 -39.35 -11.64
C GLU B 311 17.64 -39.85 -10.69
N ARG B 312 18.45 -38.95 -10.23
CA ARG B 312 19.29 -39.32 -9.15
C ARG B 312 18.60 -40.16 -8.09
N TYR B 313 17.29 -39.96 -7.82
CA TYR B 313 16.54 -40.78 -6.77
C TYR B 313 15.79 -42.01 -7.32
N GLY B 314 15.93 -42.22 -8.63
CA GLY B 314 15.29 -43.31 -9.35
C GLY B 314 13.88 -42.99 -9.88
N ILE B 315 13.54 -41.75 -10.19
CA ILE B 315 12.17 -41.40 -10.67
C ILE B 315 12.06 -40.98 -12.16
N ARG B 316 11.12 -41.56 -12.91
CA ARG B 316 10.99 -41.07 -14.31
C ARG B 316 10.06 -39.83 -14.42
N PRO B 317 10.13 -39.05 -15.56
CA PRO B 317 9.01 -38.11 -15.70
C PRO B 317 7.66 -38.83 -15.65
N PRO B 318 6.59 -38.10 -15.43
CA PRO B 318 5.21 -38.61 -15.35
C PRO B 318 4.70 -39.27 -16.63
N LYS B 319 3.91 -40.31 -16.44
CA LYS B 319 3.36 -41.01 -17.50
C LYS B 319 2.36 -40.11 -18.27
N TYR B 320 2.28 -40.27 -19.60
CA TYR B 320 1.36 -39.55 -20.53
C TYR B 320 1.69 -38.09 -20.74
N GLN B 321 2.73 -37.64 -20.07
CA GLN B 321 3.22 -36.34 -20.40
C GLN B 321 3.40 -36.02 -21.91
N ASP B 322 3.71 -37.00 -22.73
CA ASP B 322 3.65 -36.72 -24.17
C ASP B 322 2.24 -36.27 -24.64
N VAL B 323 1.18 -36.94 -24.15
CA VAL B 323 -0.20 -36.56 -24.47
C VAL B 323 -0.44 -35.04 -24.18
N ALA B 324 0.07 -34.58 -23.06
CA ALA B 324 -0.31 -33.27 -22.54
C ALA B 324 0.53 -32.17 -23.13
N ASN B 325 1.59 -32.62 -23.80
CA ASN B 325 2.42 -31.75 -24.54
C ASN B 325 1.87 -31.53 -25.90
N ASP B 326 1.34 -32.57 -26.52
CA ASP B 326 0.64 -32.38 -27.77
C ASP B 326 -0.66 -31.57 -27.57
N ALA B 327 -1.23 -31.70 -26.38
CA ALA B 327 -2.58 -31.26 -26.10
C ALA B 327 -2.56 -29.77 -26.20
N LYS B 328 -1.50 -29.16 -25.69
CA LYS B 328 -1.35 -27.71 -25.75
C LYS B 328 -1.77 -26.96 -27.04
N HIS B 329 -1.74 -27.62 -28.19
CA HIS B 329 -2.22 -26.98 -29.42
C HIS B 329 -3.73 -26.90 -29.53
N HIS B 330 -4.41 -27.67 -28.67
CA HIS B 330 -5.87 -27.91 -28.75
C HIS B 330 -6.78 -27.44 -27.61
N LEU B 331 -6.28 -27.63 -26.36
CA LEU B 331 -6.94 -27.37 -25.04
C LEU B 331 -7.88 -26.19 -25.11
N SER B 332 -7.32 -25.00 -25.00
CA SER B 332 -8.12 -23.76 -24.98
C SER B 332 -9.29 -23.72 -25.97
N HIS B 333 -9.08 -24.15 -27.22
CA HIS B 333 -10.14 -24.20 -28.26
C HIS B 333 -11.20 -25.23 -27.94
N GLN B 334 -10.74 -26.38 -27.48
CA GLN B 334 -11.68 -27.38 -27.10
C GLN B 334 -12.45 -26.86 -25.86
N LEU B 335 -11.77 -26.51 -24.77
CA LEU B 335 -12.50 -26.14 -23.56
C LEU B 335 -13.42 -24.99 -23.81
N TRP B 336 -12.97 -24.01 -24.59
CA TRP B 336 -13.77 -22.79 -24.78
C TRP B 336 -14.99 -23.09 -25.64
N THR B 337 -14.83 -23.77 -26.79
CA THR B 337 -16.03 -24.16 -27.52
C THR B 337 -16.92 -25.04 -26.61
N THR B 338 -16.34 -25.77 -25.65
CA THR B 338 -17.20 -26.58 -24.75
C THR B 338 -18.08 -25.63 -23.94
N PHE B 339 -17.43 -24.69 -23.23
CA PHE B 339 -18.20 -23.77 -22.41
C PHE B 339 -19.13 -22.87 -23.22
N TYR B 340 -18.69 -22.49 -24.43
CA TYR B 340 -19.50 -21.68 -25.27
C TYR B 340 -20.91 -22.30 -25.28
N GLN B 341 -21.00 -23.61 -25.60
CA GLN B 341 -22.25 -24.29 -25.97
C GLN B 341 -23.07 -24.73 -24.73
N TYR B 342 -22.52 -24.45 -23.52
CA TYR B 342 -23.15 -24.86 -22.27
C TYR B 342 -23.35 -23.74 -21.27
N CYS B 343 -23.02 -22.53 -21.66
CA CYS B 343 -22.97 -21.40 -20.71
C CYS B 343 -24.33 -20.91 -20.33
N GLN B 344 -25.39 -21.58 -20.73
CA GLN B 344 -26.70 -21.41 -20.11
C GLN B 344 -26.61 -22.08 -18.76
N ALA B 345 -25.61 -22.93 -18.48
CA ALA B 345 -25.50 -23.46 -17.10
C ALA B 345 -24.14 -23.17 -16.36
N THR B 346 -23.71 -21.90 -16.52
CA THR B 346 -22.43 -21.40 -16.00
C THR B 346 -22.76 -20.04 -15.40
N ASN B 347 -22.03 -19.67 -14.34
CA ASN B 347 -22.04 -18.31 -13.76
C ASN B 347 -21.21 -17.34 -14.58
N PHE B 348 -20.99 -17.61 -15.84
CA PHE B 348 -20.15 -16.72 -16.57
C PHE B 348 -20.45 -16.74 -18.07
N HIS B 349 -20.01 -15.66 -18.74
CA HIS B 349 -20.35 -15.50 -20.13
C HIS B 349 -19.27 -16.05 -21.05
N THR B 350 -19.66 -16.36 -22.27
CA THR B 350 -18.74 -16.75 -23.29
C THR B 350 -19.08 -15.95 -24.55
N TRP B 351 -18.22 -16.03 -25.55
CA TRP B 351 -18.46 -15.29 -26.77
C TRP B 351 -17.56 -15.82 -27.86
N ILE B 352 -17.78 -15.32 -29.08
CA ILE B 352 -16.87 -15.54 -30.18
C ILE B 352 -15.70 -14.54 -30.09
N PRO B 353 -14.41 -14.97 -30.12
CA PRO B 353 -13.33 -14.05 -30.11
C PRO B 353 -13.53 -12.91 -31.16
N GLU B 354 -12.75 -11.83 -31.08
CA GLU B 354 -12.79 -10.75 -32.11
C GLU B 354 -11.87 -11.12 -33.30
N LYS B 355 -12.07 -10.58 -34.52
CA LYS B 355 -11.03 -10.82 -35.62
C LYS B 355 -9.55 -10.84 -35.20
N GLU B 356 -9.15 -9.88 -34.37
CA GLU B 356 -7.74 -9.72 -33.92
C GLU B 356 -7.31 -10.78 -32.93
N GLU B 357 -8.27 -11.28 -32.14
CA GLU B 357 -7.98 -12.38 -31.26
C GLU B 357 -7.78 -13.65 -32.04
N MSE B 358 -8.58 -13.86 -33.07
CA MSE B 358 -8.37 -15.04 -33.89
C MSE B 358 -7.03 -15.05 -34.65
O MSE B 358 -6.34 -16.07 -34.75
CB MSE B 358 -9.51 -15.15 -34.85
CG MSE B 358 -10.44 -16.23 -34.43
SE MSE B 358 -12.29 -15.91 -34.98
CE MSE B 358 -12.84 -14.70 -33.60
N ASP B 359 -6.68 -13.88 -35.18
CA ASP B 359 -5.40 -13.66 -35.84
C ASP B 359 -4.23 -13.95 -34.93
N TRP B 360 -4.26 -13.42 -33.72
CA TRP B 360 -3.27 -13.82 -32.69
C TRP B 360 -3.24 -15.40 -32.52
N MSE B 361 -4.43 -15.95 -32.38
CA MSE B 361 -4.62 -17.37 -32.31
C MSE B 361 -4.12 -18.11 -33.57
O MSE B 361 -3.57 -19.21 -33.44
CB MSE B 361 -6.11 -17.63 -32.13
CG MSE B 361 -6.46 -18.07 -30.74
SE MSE B 361 -8.36 -17.69 -30.10
CE MSE B 361 -9.45 -18.42 -31.74
N SER B 362 -4.35 -17.55 -34.76
CA SER B 362 -3.87 -18.28 -35.96
C SER B 362 -2.36 -18.27 -35.83
N GLU B 363 -1.84 -17.22 -35.19
CA GLU B 363 -0.44 -16.96 -35.16
C GLU B 363 0.24 -17.81 -34.11
N LYS B 364 -0.07 -17.61 -32.81
CA LYS B 364 0.31 -18.54 -31.77
C LYS B 364 -0.04 -20.10 -32.00
N TYR B 365 -0.96 -20.45 -32.92
CA TYR B 365 -1.42 -21.86 -33.11
C TYR B 365 -1.51 -22.12 -34.58
N PRO B 366 -0.30 -22.12 -35.18
CA PRO B 366 -0.10 -22.02 -36.65
C PRO B 366 -0.51 -23.33 -37.31
N ASP B 367 -0.49 -24.42 -36.54
CA ASP B 367 -0.76 -25.76 -37.03
C ASP B 367 -2.14 -26.26 -36.77
N THR B 368 -2.80 -25.66 -35.78
CA THR B 368 -4.03 -26.20 -35.34
C THR B 368 -5.18 -25.27 -35.65
N PHE B 369 -5.01 -23.97 -35.41
CA PHE B 369 -6.16 -23.03 -35.35
C PHE B 369 -7.01 -22.89 -36.61
N ASP B 370 -6.40 -22.45 -37.70
CA ASP B 370 -7.15 -22.25 -38.94
C ASP B 370 -7.79 -23.56 -39.44
N LYS B 371 -7.09 -24.69 -39.23
CA LYS B 371 -7.62 -26.02 -39.61
C LYS B 371 -8.89 -26.38 -38.88
N TYR B 372 -8.79 -26.35 -37.54
CA TYR B 372 -9.82 -26.95 -36.65
C TYR B 372 -10.74 -26.01 -35.92
N TYR B 373 -10.31 -24.77 -35.68
CA TYR B 373 -11.07 -23.96 -34.79
C TYR B 373 -11.50 -22.64 -35.41
N ARG B 374 -10.80 -22.08 -36.36
CA ARG B 374 -11.37 -20.89 -36.97
C ARG B 374 -12.74 -21.18 -37.62
N PRO B 375 -12.84 -22.33 -38.34
CA PRO B 375 -14.12 -22.61 -39.01
C PRO B 375 -15.22 -22.86 -38.04
N ARG B 376 -14.87 -23.05 -36.78
CA ARG B 376 -15.91 -23.20 -35.77
C ARG B 376 -16.47 -21.88 -35.51
N TYR B 377 -15.63 -20.87 -35.24
CA TYR B 377 -16.13 -19.54 -35.00
C TYR B 377 -16.86 -18.93 -36.20
N GLU B 378 -16.52 -19.34 -37.44
CA GLU B 378 -17.18 -18.77 -38.63
C GLU B 378 -18.63 -19.20 -38.63
N TYR B 379 -18.71 -20.52 -38.49
CA TYR B 379 -19.99 -21.14 -38.40
C TYR B 379 -20.88 -20.67 -37.21
N LEU B 380 -20.31 -20.73 -36.01
CA LEU B 380 -21.00 -20.13 -34.88
C LEU B 380 -21.44 -18.68 -35.14
N ALA B 381 -20.60 -17.86 -35.78
CA ALA B 381 -21.03 -16.46 -36.07
C ALA B 381 -22.28 -16.32 -37.02
N LYS B 382 -22.29 -17.14 -38.08
CA LYS B 382 -23.46 -17.15 -38.96
C LYS B 382 -24.67 -17.56 -38.15
N GLU B 383 -24.60 -18.73 -37.51
CA GLU B 383 -25.75 -19.08 -36.68
C GLU B 383 -26.20 -17.89 -35.82
N ALA B 384 -25.25 -17.16 -35.22
CA ALA B 384 -25.70 -16.16 -34.22
C ALA B 384 -26.39 -15.00 -34.92
N ALA B 385 -25.77 -14.55 -35.97
CA ALA B 385 -26.40 -13.52 -36.75
C ALA B 385 -27.74 -13.95 -37.35
N ALA B 386 -28.02 -15.24 -37.45
CA ALA B 386 -29.26 -15.66 -38.09
C ALA B 386 -30.31 -15.67 -37.03
N GLY B 387 -29.88 -15.55 -35.77
CA GLY B 387 -30.84 -15.50 -34.64
C GLY B 387 -30.92 -16.88 -34.01
N ARG B 388 -29.90 -17.71 -34.33
CA ARG B 388 -29.76 -19.01 -33.69
C ARG B 388 -28.43 -19.18 -32.93
N ARG B 389 -28.08 -18.25 -32.04
CA ARG B 389 -26.83 -18.49 -31.21
C ARG B 389 -27.00 -19.91 -30.68
N PHE B 390 -25.99 -20.70 -30.72
CA PHE B 390 -26.13 -22.08 -30.48
C PHE B 390 -25.89 -22.35 -29.03
N TYR B 391 -26.86 -23.07 -28.42
CA TYR B 391 -26.70 -23.68 -27.11
C TYR B 391 -27.06 -25.16 -27.20
N ASN B 392 -26.15 -26.01 -26.72
CA ASN B 392 -26.38 -27.43 -26.77
C ASN B 392 -27.33 -27.84 -25.64
N ASN B 393 -28.50 -28.41 -25.98
CA ASN B 393 -29.53 -28.58 -24.96
C ASN B 393 -29.55 -29.88 -24.28
N THR B 394 -28.45 -30.60 -24.28
CA THR B 394 -28.39 -32.00 -23.90
C THR B 394 -27.01 -32.13 -23.21
N LEU B 395 -26.99 -32.53 -21.94
CA LEU B 395 -25.75 -32.67 -21.12
C LEU B 395 -24.69 -33.63 -21.65
N PRO B 396 -23.43 -33.51 -21.24
CA PRO B 396 -22.46 -34.34 -21.86
C PRO B 396 -22.09 -35.48 -20.93
N GLN B 397 -21.49 -36.51 -21.52
CA GLN B 397 -20.76 -37.50 -20.84
C GLN B 397 -19.58 -36.92 -20.00
N LEU B 398 -19.50 -37.23 -18.70
CA LEU B 398 -18.35 -36.75 -17.92
C LEU B 398 -17.31 -37.85 -17.63
N CYS B 399 -16.06 -37.46 -17.57
CA CYS B 399 -15.01 -38.40 -17.32
C CYS B 399 -15.10 -38.81 -15.84
N GLN B 400 -15.21 -40.12 -15.57
CA GLN B 400 -15.37 -40.59 -14.17
C GLN B 400 -14.26 -40.09 -13.23
N VAL B 401 -13.09 -39.83 -13.76
CA VAL B 401 -12.10 -39.32 -12.83
C VAL B 401 -11.96 -37.77 -12.82
N CYS B 402 -11.54 -37.15 -13.94
CA CYS B 402 -11.34 -35.72 -13.86
C CYS B 402 -12.68 -34.98 -13.84
N GLN B 403 -13.70 -35.64 -14.29
CA GLN B 403 -15.06 -35.13 -14.18
C GLN B 403 -15.35 -34.09 -15.22
N ILE B 404 -14.30 -33.73 -15.94
CA ILE B 404 -14.47 -32.87 -17.14
C ILE B 404 -15.34 -33.63 -18.20
N PRO B 405 -16.17 -32.92 -19.00
CA PRO B 405 -16.89 -33.59 -20.07
C PRO B 405 -15.87 -34.30 -20.93
N THR B 406 -16.25 -35.29 -21.73
CA THR B 406 -15.22 -36.04 -22.40
C THR B 406 -14.92 -35.39 -23.75
N ILE B 407 -14.41 -34.16 -23.71
CA ILE B 407 -14.16 -33.43 -24.98
C ILE B 407 -12.72 -33.57 -25.55
N PHE B 408 -11.80 -34.28 -24.88
CA PHE B 408 -10.41 -34.35 -25.37
C PHE B 408 -10.20 -35.17 -26.63
N THR B 409 -9.10 -34.93 -27.38
CA THR B 409 -8.91 -35.76 -28.60
C THR B 409 -7.74 -36.74 -28.53
N GLU B 410 -7.75 -37.80 -29.29
CA GLU B 410 -6.63 -38.75 -29.28
C GLU B 410 -5.31 -38.07 -29.67
N LYS B 411 -4.13 -38.54 -29.22
CA LYS B 411 -2.89 -37.82 -29.54
C LYS B 411 -2.75 -37.76 -31.06
N ASP B 412 -2.39 -36.65 -31.66
CA ASP B 412 -2.31 -36.53 -33.14
C ASP B 412 -3.46 -37.19 -33.90
N ALA B 413 -4.70 -36.79 -33.60
CA ALA B 413 -5.96 -37.22 -34.29
C ALA B 413 -7.10 -36.34 -33.71
N PRO B 414 -6.89 -35.03 -33.79
CA PRO B 414 -7.76 -34.00 -33.29
C PRO B 414 -9.24 -34.18 -33.62
N THR B 415 -9.64 -35.11 -34.50
CA THR B 415 -11.09 -35.26 -34.74
C THR B 415 -11.70 -36.46 -34.06
N MSE B 416 -10.90 -37.21 -33.33
CA MSE B 416 -11.45 -38.28 -32.53
C MSE B 416 -11.39 -38.10 -30.99
O MSE B 416 -10.32 -37.85 -30.43
CB MSE B 416 -10.69 -39.49 -32.86
CG MSE B 416 -10.96 -39.99 -34.23
SE MSE B 416 -9.79 -41.72 -34.36
CE MSE B 416 -9.58 -42.34 -32.31
N LEU B 417 -12.51 -38.25 -30.30
CA LEU B 417 -12.42 -38.24 -28.84
C LEU B 417 -11.64 -39.43 -28.31
N SER B 418 -10.79 -39.16 -27.34
CA SER B 418 -10.00 -40.20 -26.77
C SER B 418 -10.90 -40.90 -25.68
N HIS B 419 -12.14 -41.25 -26.02
CA HIS B 419 -13.05 -42.04 -25.10
C HIS B 419 -12.41 -43.30 -24.57
N ARG B 420 -12.74 -43.69 -23.33
CA ARG B 420 -12.31 -45.02 -22.84
C ARG B 420 -13.39 -45.62 -21.94
N GLN B 421 -13.52 -46.96 -21.92
CA GLN B 421 -14.45 -47.60 -20.96
C GLN B 421 -14.02 -48.86 -20.35
N ILE B 422 -14.45 -49.07 -19.13
CA ILE B 422 -14.25 -50.35 -18.56
C ILE B 422 -15.51 -50.77 -17.83
N GLU B 423 -15.42 -52.01 -17.34
CA GLU B 423 -16.39 -52.62 -16.47
C GLU B 423 -15.69 -52.98 -15.23
N HIS B 424 -16.38 -52.66 -14.14
CA HIS B 424 -15.93 -52.96 -12.82
C HIS B 424 -17.09 -53.34 -11.88
N GLU B 425 -17.01 -54.60 -11.40
CA GLU B 425 -17.99 -55.29 -10.63
C GLU B 425 -19.33 -55.00 -11.29
N GLY B 426 -19.48 -55.24 -12.60
CA GLY B 426 -20.82 -55.23 -13.15
C GLY B 426 -21.28 -53.89 -13.64
N GLU B 427 -20.48 -52.88 -13.39
CA GLU B 427 -20.86 -51.53 -13.59
C GLU B 427 -20.00 -50.94 -14.74
N ARG B 428 -20.61 -50.15 -15.63
CA ARG B 428 -19.84 -49.34 -16.61
C ARG B 428 -19.27 -47.93 -16.17
N TYR B 429 -18.05 -47.63 -16.61
CA TYR B 429 -17.44 -46.31 -16.40
C TYR B 429 -16.65 -45.88 -17.60
N HIS B 430 -16.52 -44.57 -17.74
CA HIS B 430 -16.07 -43.93 -18.94
C HIS B 430 -15.06 -42.86 -18.57
N PHE B 431 -14.11 -42.58 -19.46
CA PHE B 431 -12.95 -41.76 -19.15
C PHE B 431 -12.59 -40.87 -20.34
N CYS B 432 -11.82 -39.78 -20.10
CA CYS B 432 -11.45 -38.79 -21.16
C CYS B 432 -10.21 -39.23 -21.89
N SER B 433 -9.44 -40.10 -21.24
CA SER B 433 -8.08 -40.41 -21.62
C SER B 433 -7.55 -41.67 -20.96
N ASP B 434 -6.36 -42.11 -21.35
CA ASP B 434 -5.74 -43.29 -20.69
C ASP B 434 -5.24 -42.86 -19.36
N GLY B 435 -4.66 -41.66 -19.32
CA GLY B 435 -4.31 -41.09 -18.02
C GLY B 435 -5.40 -41.24 -16.96
N CYS B 436 -6.62 -40.81 -17.31
CA CYS B 436 -7.77 -40.81 -16.37
C CYS B 436 -8.13 -42.23 -16.08
N CYS B 437 -8.34 -43.02 -17.11
CA CYS B 437 -8.49 -44.48 -16.93
C CYS B 437 -7.48 -45.23 -16.04
N ASP B 438 -6.16 -45.10 -16.28
CA ASP B 438 -5.19 -45.80 -15.36
C ASP B 438 -5.45 -45.49 -13.86
N ILE B 439 -5.80 -44.25 -13.57
CA ILE B 439 -5.95 -43.84 -12.19
C ILE B 439 -7.18 -44.51 -11.67
N PHE B 440 -8.16 -44.71 -12.53
CA PHE B 440 -9.38 -45.38 -12.03
C PHE B 440 -8.96 -46.76 -11.62
N LYS B 441 -8.21 -47.44 -12.55
CA LYS B 441 -7.97 -48.89 -12.39
C LYS B 441 -7.13 -49.07 -11.19
N HIS B 442 -6.36 -48.08 -10.76
CA HIS B 442 -5.57 -48.41 -9.56
C HIS B 442 -6.44 -48.38 -8.29
N GLU B 443 -7.46 -47.49 -8.29
CA GLU B 443 -8.34 -47.25 -7.10
C GLU B 443 -9.85 -47.19 -7.43
N PRO B 444 -10.43 -48.28 -7.94
CA PRO B 444 -11.87 -48.19 -8.28
C PRO B 444 -12.83 -47.94 -7.11
N GLU B 445 -12.50 -48.46 -5.96
CA GLU B 445 -13.46 -48.50 -4.82
C GLU B 445 -13.59 -47.07 -4.35
N LYS B 446 -12.60 -46.24 -4.67
CA LYS B 446 -12.65 -44.79 -4.52
C LYS B 446 -13.52 -44.11 -5.61
N TYR B 447 -13.13 -44.23 -6.87
CA TYR B 447 -13.82 -43.31 -7.75
C TYR B 447 -15.25 -43.67 -8.08
N ILE B 448 -15.68 -44.90 -7.71
CA ILE B 448 -17.04 -45.26 -8.04
C ILE B 448 -17.96 -44.41 -7.15
N GLN B 449 -17.38 -43.70 -6.13
CA GLN B 449 -18.12 -42.77 -5.23
C GLN B 449 -18.43 -41.38 -5.82
N ALA B 450 -17.76 -40.93 -6.85
CA ALA B 450 -17.88 -39.53 -7.28
C ALA B 450 -19.32 -39.06 -7.46
N TRP B 451 -19.54 -37.83 -7.13
CA TRP B 451 -20.83 -37.28 -7.30
C TRP B 451 -20.79 -36.58 -8.66
N LEU B 452 -20.92 -37.33 -9.74
CA LEU B 452 -20.88 -36.66 -11.09
C LEU B 452 -22.08 -35.83 -11.30
N PRO B 453 -21.89 -34.50 -11.41
CA PRO B 453 -23.00 -33.58 -11.51
C PRO B 453 -24.04 -34.01 -12.50
N VAL B 454 -23.70 -34.27 -13.74
CA VAL B 454 -24.74 -34.70 -14.76
C VAL B 454 -25.60 -35.87 -14.24
N HIS B 455 -24.95 -36.85 -13.61
CA HIS B 455 -25.71 -38.00 -13.16
C HIS B 455 -26.70 -37.54 -12.15
N GLN B 456 -26.22 -36.69 -11.28
CA GLN B 456 -27.03 -36.35 -10.17
C GLN B 456 -28.11 -35.47 -10.68
N ILE B 457 -27.95 -34.78 -11.75
CA ILE B 457 -29.12 -33.96 -12.17
C ILE B 457 -30.13 -35.04 -12.62
N TYR B 458 -29.66 -36.02 -13.38
CA TYR B 458 -30.63 -37.06 -13.76
C TYR B 458 -31.12 -38.00 -12.58
N GLN B 459 -30.39 -38.21 -11.48
CA GLN B 459 -31.02 -39.01 -10.40
C GLN B 459 -32.09 -38.15 -9.78
N GLY B 460 -32.28 -36.98 -10.39
CA GLY B 460 -33.21 -35.93 -9.91
C GLY B 460 -32.80 -35.31 -8.56
N ASN B 461 -31.52 -35.39 -8.16
CA ASN B 461 -30.96 -34.79 -6.91
C ASN B 461 -30.40 -33.34 -6.96
N CYS B 462 -30.71 -32.56 -8.00
CA CYS B 462 -30.24 -31.13 -8.02
C CYS B 462 -31.39 -30.18 -8.17
N GLU B 463 -32.51 -30.65 -7.68
CA GLU B 463 -33.75 -29.88 -7.39
C GLU B 463 -34.44 -29.24 -8.56
N GLY B 464 -34.58 -29.98 -9.63
CA GLY B 464 -35.40 -29.56 -10.78
C GLY B 464 -35.47 -30.75 -11.72
N GLY B 465 -36.47 -30.69 -12.60
CA GLY B 465 -36.62 -31.60 -13.73
C GLY B 465 -36.17 -31.00 -15.02
N ASP B 466 -35.98 -29.70 -15.09
CA ASP B 466 -35.40 -28.97 -16.21
C ASP B 466 -33.94 -28.80 -15.92
N LEU B 467 -33.11 -28.48 -16.89
CA LEU B 467 -31.78 -27.91 -16.52
C LEU B 467 -31.94 -26.45 -15.99
N GLU B 468 -32.94 -25.78 -16.52
CA GLU B 468 -33.22 -24.36 -16.37
C GLU B 468 -33.53 -24.15 -14.87
N THR B 469 -34.46 -24.95 -14.36
CA THR B 469 -34.74 -24.97 -12.94
C THR B 469 -33.58 -25.37 -12.10
N VAL B 470 -32.80 -26.37 -12.47
CA VAL B 470 -31.64 -26.66 -11.60
C VAL B 470 -30.72 -25.42 -11.50
N VAL B 471 -30.37 -24.90 -12.67
CA VAL B 471 -29.56 -23.75 -12.74
C VAL B 471 -30.07 -22.62 -11.84
N GLN B 472 -31.35 -22.24 -11.95
CA GLN B 472 -31.91 -21.20 -11.12
C GLN B 472 -31.93 -21.68 -9.64
N LYS B 473 -32.82 -22.55 -9.24
CA LYS B 473 -33.02 -22.83 -7.80
C LYS B 473 -31.91 -23.57 -7.06
N TYR B 474 -31.20 -24.43 -7.74
CA TYR B 474 -30.06 -25.18 -7.07
C TYR B 474 -28.68 -24.46 -7.09
N TYR B 475 -28.27 -23.99 -8.27
CA TYR B 475 -26.96 -23.39 -8.46
C TYR B 475 -26.98 -21.90 -8.00
N HIS B 476 -28.17 -21.34 -7.77
CA HIS B 476 -28.36 -19.89 -7.65
C HIS B 476 -27.88 -19.08 -8.82
N ILE B 477 -27.97 -19.62 -10.02
CA ILE B 477 -27.57 -18.79 -11.14
C ILE B 477 -28.76 -17.96 -11.67
N ASN B 478 -28.69 -16.63 -11.69
CA ASN B 478 -29.80 -15.87 -12.23
C ASN B 478 -29.87 -15.92 -13.74
N ILE B 479 -30.86 -16.66 -14.20
CA ILE B 479 -31.09 -16.79 -15.60
C ILE B 479 -31.27 -15.44 -16.23
N GLY B 480 -30.45 -15.09 -17.21
CA GLY B 480 -30.69 -13.78 -17.84
C GLY B 480 -29.61 -12.86 -17.28
N GLU B 481 -28.98 -13.20 -16.16
CA GLU B 481 -27.96 -12.35 -15.59
C GLU B 481 -26.52 -12.91 -15.61
N ASP B 482 -26.27 -14.08 -14.97
CA ASP B 482 -24.93 -14.60 -14.78
C ASP B 482 -24.48 -15.49 -15.91
N ASN B 483 -25.43 -15.67 -16.77
CA ASN B 483 -25.77 -16.81 -17.61
C ASN B 483 -25.55 -16.44 -19.09
N PHE B 484 -25.57 -17.36 -20.05
CA PHE B 484 -25.70 -16.92 -21.49
C PHE B 484 -24.50 -16.18 -22.13
N ASP B 485 -24.62 -15.83 -23.41
CA ASP B 485 -23.51 -15.16 -24.16
C ASP B 485 -23.20 -13.80 -23.48
N TYR B 486 -21.93 -13.37 -23.52
CA TYR B 486 -21.59 -11.98 -23.17
C TYR B 486 -22.48 -10.92 -23.90
N VAL B 487 -22.88 -11.18 -25.14
CA VAL B 487 -23.70 -10.21 -25.93
C VAL B 487 -25.16 -10.22 -25.44
N GLY B 488 -25.72 -9.09 -25.03
CA GLY B 488 -27.08 -9.11 -24.48
C GLY B 488 -27.03 -9.24 -22.98
N SER B 489 -25.86 -9.55 -22.39
CA SER B 489 -25.79 -9.60 -20.91
C SER B 489 -25.85 -8.30 -20.14
N PRO B 490 -26.40 -8.37 -18.92
CA PRO B 490 -26.36 -7.16 -18.16
C PRO B 490 -24.94 -6.62 -17.99
N ASP B 491 -23.87 -7.46 -17.87
CA ASP B 491 -22.48 -6.94 -17.91
C ASP B 491 -22.18 -6.07 -19.16
N GLN B 492 -22.43 -6.60 -20.33
CA GLN B 492 -22.31 -5.80 -21.50
C GLN B 492 -23.00 -4.43 -21.34
N LYS B 493 -24.27 -4.37 -20.89
CA LYS B 493 -25.03 -3.15 -20.99
C LYS B 493 -24.29 -2.15 -20.13
N HIS B 494 -23.74 -2.60 -18.99
CA HIS B 494 -23.24 -1.68 -18.00
C HIS B 494 -21.93 -1.21 -18.48
N TRP B 495 -20.99 -2.10 -18.64
CA TRP B 495 -19.75 -1.64 -19.23
C TRP B 495 -19.87 -0.57 -20.36
N LEU B 496 -20.56 -0.96 -21.44
CA LEU B 496 -20.78 -0.10 -22.55
C LEU B 496 -21.22 1.28 -22.20
N SER B 497 -21.99 1.46 -21.13
CA SER B 497 -22.31 2.84 -20.72
C SER B 497 -21.16 3.61 -19.86
N ILE B 498 -19.98 3.76 -20.49
CA ILE B 498 -18.73 4.38 -20.04
C ILE B 498 -17.69 3.97 -21.16
N PRO C 12 8.35 5.04 -21.92
CA PRO C 12 8.61 6.21 -21.06
C PRO C 12 9.46 7.22 -21.74
N ILE C 13 9.08 8.48 -21.69
CA ILE C 13 9.93 9.48 -22.26
C ILE C 13 11.25 9.64 -21.49
N ARG C 14 11.21 9.69 -20.15
CA ARG C 14 12.46 9.91 -19.34
C ARG C 14 12.37 9.20 -18.08
N HIS C 15 13.50 9.11 -17.43
CA HIS C 15 13.52 8.37 -16.20
C HIS C 15 13.34 9.08 -14.90
N THR C 16 13.47 10.38 -14.90
CA THR C 16 13.44 11.09 -13.67
C THR C 16 13.32 12.55 -14.00
N TYR C 17 13.38 13.41 -13.00
CA TYR C 17 13.23 14.82 -13.31
C TYR C 17 14.57 15.47 -13.70
N GLY C 18 14.45 16.50 -14.47
CA GLY C 18 15.67 17.06 -15.03
C GLY C 18 16.73 17.35 -14.02
N HIS C 19 16.36 18.01 -12.90
CA HIS C 19 17.39 18.48 -11.96
C HIS C 19 18.16 17.26 -11.38
N ILE C 20 17.45 16.13 -11.39
CA ILE C 20 18.07 14.88 -11.01
C ILE C 20 18.89 14.30 -12.12
N ALA C 21 18.28 14.18 -13.29
CA ALA C 21 19.01 13.70 -14.47
C ALA C 21 20.33 14.47 -14.51
N ARG C 22 20.26 15.81 -14.45
CA ARG C 22 21.45 16.65 -14.41
C ARG C 22 22.44 16.35 -13.34
N ARG C 23 22.08 15.68 -12.28
CA ARG C 23 23.01 15.46 -11.21
C ARG C 23 23.54 13.99 -11.11
N PHE C 24 22.78 13.03 -11.63
CA PHE C 24 23.09 11.64 -11.42
C PHE C 24 22.86 10.81 -12.66
N GLY C 25 22.66 11.47 -13.81
CA GLY C 25 22.39 10.79 -15.06
C GLY C 25 20.93 10.49 -15.37
N ASP C 26 20.62 10.17 -16.62
CA ASP C 26 19.25 9.92 -17.06
C ASP C 26 18.95 8.46 -16.80
N LYS C 27 18.52 8.14 -15.58
CA LYS C 27 18.01 6.81 -15.26
C LYS C 27 17.30 6.95 -13.97
N PRO C 28 16.42 5.98 -13.72
CA PRO C 28 15.54 5.97 -12.61
C PRO C 28 16.26 6.51 -11.33
N ALA C 29 15.68 7.48 -10.62
CA ALA C 29 16.44 7.98 -9.45
C ALA C 29 15.87 7.40 -8.11
N THR C 30 16.61 7.43 -7.00
CA THR C 30 16.08 6.79 -5.81
C THR C 30 14.97 7.66 -5.22
N ARG C 31 14.04 7.09 -4.45
CA ARG C 31 13.07 7.97 -3.64
C ARG C 31 13.71 9.07 -2.85
N TYR C 32 14.79 8.76 -2.13
CA TYR C 32 15.55 9.81 -1.44
C TYR C 32 16.01 10.91 -2.41
N GLN C 33 16.46 10.49 -3.63
CA GLN C 33 17.00 11.51 -4.56
C GLN C 33 15.90 12.42 -5.08
N GLU C 34 14.82 11.88 -5.57
CA GLU C 34 13.79 12.78 -6.02
C GLU C 34 13.19 13.67 -4.93
N ALA C 35 13.32 13.32 -3.64
CA ALA C 35 12.76 14.14 -2.57
C ALA C 35 13.76 15.22 -2.08
N SER C 36 15.06 15.00 -2.23
CA SER C 36 16.03 15.84 -1.53
C SER C 36 16.88 16.93 -2.27
N TYR C 37 17.10 16.78 -3.59
CA TYR C 37 18.07 17.63 -4.36
C TYR C 37 17.33 18.58 -5.20
N ASP C 38 17.58 19.86 -5.05
CA ASP C 38 17.21 20.83 -6.04
C ASP C 38 15.77 21.05 -6.14
N ILE C 39 15.03 20.91 -5.00
CA ILE C 39 13.58 21.27 -4.89
C ILE C 39 13.44 22.73 -4.38
N GLU C 40 14.48 23.18 -3.68
CA GLU C 40 14.43 24.51 -2.98
C GLU C 40 14.38 25.58 -4.02
N ALA C 41 13.83 26.72 -3.69
CA ALA C 41 13.88 27.95 -4.53
C ALA C 41 15.32 28.36 -4.42
N LYS C 42 15.85 28.92 -5.51
CA LYS C 42 17.29 29.23 -5.53
C LYS C 42 17.62 30.63 -5.91
N THR C 43 16.86 31.27 -6.81
CA THR C 43 17.34 32.52 -7.37
C THR C 43 16.13 33.34 -7.62
N ASN C 44 16.29 34.60 -8.10
CA ASN C 44 15.26 35.58 -8.43
C ASN C 44 14.19 35.98 -7.37
N PHE C 45 14.53 35.77 -6.10
CA PHE C 45 13.71 36.24 -4.96
C PHE C 45 13.07 37.61 -5.11
N HIS C 46 11.86 37.79 -4.69
CA HIS C 46 11.22 39.04 -5.07
C HIS C 46 11.40 40.28 -4.14
N TYR C 47 11.84 40.05 -2.91
CA TYR C 47 11.94 41.20 -2.07
C TYR C 47 12.91 40.76 -1.05
N ARG C 48 13.44 41.71 -0.32
CA ARG C 48 14.44 41.39 0.62
C ARG C 48 13.86 41.22 2.03
N PRO C 49 14.47 40.32 2.81
CA PRO C 49 13.83 40.14 4.15
C PRO C 49 13.82 41.44 4.98
N GLN C 50 12.63 41.78 5.52
CA GLN C 50 12.31 42.96 6.35
C GLN C 50 12.94 42.75 7.72
N TRP C 51 13.41 41.53 7.98
CA TRP C 51 13.88 41.11 9.31
C TRP C 51 15.35 40.89 9.19
N ASP C 52 15.91 41.07 7.99
CA ASP C 52 17.39 40.88 7.90
C ASP C 52 18.02 41.75 6.84
N SER C 53 18.98 42.60 7.22
CA SER C 53 19.61 43.56 6.22
C SER C 53 20.80 42.96 5.44
N GLU C 54 21.40 41.93 6.00
CA GLU C 54 22.61 41.39 5.47
C GLU C 54 22.34 40.40 4.34
N HIS C 55 21.22 39.73 4.36
CA HIS C 55 21.19 38.64 3.46
C HIS C 55 19.88 38.72 2.78
N THR C 56 19.72 37.78 1.86
CA THR C 56 18.55 37.66 1.00
C THR C 56 17.68 36.45 1.41
N LEU C 57 16.47 36.35 0.90
CA LEU C 57 15.82 35.01 0.95
C LEU C 57 16.76 33.91 0.49
N ASN C 58 16.51 32.72 1.02
CA ASN C 58 17.32 31.53 0.67
C ASN C 58 18.77 31.86 0.31
N ASP C 59 19.56 32.36 1.28
CA ASP C 59 20.95 32.84 1.09
C ASP C 59 22.11 31.98 1.68
N PRO C 60 22.94 31.41 0.78
CA PRO C 60 24.00 30.48 1.15
C PRO C 60 25.08 31.08 2.05
N THR C 61 25.02 32.41 2.26
CA THR C 61 26.07 33.21 3.05
C THR C 61 25.61 33.60 4.51
N ARG C 62 24.61 32.91 5.04
CA ARG C 62 24.12 33.18 6.37
C ARG C 62 25.05 32.39 7.19
N THR C 63 25.90 31.60 6.52
CA THR C 63 27.11 31.05 7.15
C THR C 63 28.28 31.60 6.36
N ALA C 64 29.34 31.96 7.07
CA ALA C 64 30.65 32.21 6.49
C ALA C 64 31.19 30.95 5.85
N ILE C 65 30.80 29.75 6.24
CA ILE C 65 31.29 28.59 5.50
C ILE C 65 30.98 28.63 3.96
N ARG C 66 31.77 28.00 3.10
CA ARG C 66 31.56 28.27 1.66
C ARG C 66 31.58 26.94 0.99
N MSE C 67 30.58 26.63 0.19
CA MSE C 67 30.58 25.31 -0.42
C MSE C 67 30.28 25.48 -1.90
O MSE C 67 29.40 26.26 -2.31
CB MSE C 67 29.52 24.39 0.21
CG MSE C 67 29.70 24.09 1.61
SE MSE C 67 31.10 22.79 1.69
CE MSE C 67 30.03 21.07 0.91
N GLU C 68 31.03 24.73 -2.69
CA GLU C 68 30.78 24.66 -4.09
C GLU C 68 29.30 24.34 -4.35
N ASP C 69 28.86 23.19 -3.80
CA ASP C 69 27.54 22.55 -3.91
C ASP C 69 27.14 21.99 -2.53
N TRP C 70 26.29 22.69 -1.82
CA TRP C 70 25.89 22.03 -0.56
C TRP C 70 25.51 20.52 -0.65
N CYS C 71 24.90 20.16 -1.77
CA CYS C 71 24.57 18.79 -2.03
C CYS C 71 25.71 17.80 -1.90
N ALA C 72 26.95 18.28 -1.72
CA ALA C 72 28.00 17.35 -1.33
C ALA C 72 27.71 16.91 0.09
N VAL C 73 26.82 17.57 0.85
CA VAL C 73 26.41 17.06 2.16
C VAL C 73 25.10 16.34 1.91
N SER C 74 25.07 15.01 1.98
CA SER C 74 23.81 14.27 1.70
C SER C 74 23.72 13.32 2.90
N ASP C 75 22.67 12.47 3.05
CA ASP C 75 22.48 11.74 4.29
C ASP C 75 22.62 10.29 4.07
N PRO C 76 23.63 9.67 4.68
CA PRO C 76 23.77 8.23 4.63
C PRO C 76 22.53 7.39 5.01
N ARG C 77 21.67 7.91 5.89
CA ARG C 77 20.51 7.15 6.33
C ARG C 77 19.48 7.37 5.26
N GLN C 78 19.66 8.35 4.41
CA GLN C 78 18.77 8.42 3.27
C GLN C 78 17.33 8.83 3.77
N PHE C 79 17.24 9.57 4.88
CA PHE C 79 15.93 10.13 5.25
C PHE C 79 15.29 11.18 4.36
N TYR C 80 14.33 10.76 3.55
CA TYR C 80 13.29 11.71 3.21
C TYR C 80 12.11 11.46 4.22
N TYR C 81 11.11 12.32 4.20
CA TYR C 81 10.17 12.38 5.29
C TYR C 81 9.63 11.03 5.70
N GLY C 82 8.98 10.38 4.71
CA GLY C 82 8.56 8.98 4.87
C GLY C 82 9.57 8.04 5.54
N ALA C 83 10.85 8.03 5.17
CA ALA C 83 11.73 7.06 5.86
C ALA C 83 12.04 7.60 7.28
N TYR C 84 11.93 8.92 7.48
CA TYR C 84 12.26 9.44 8.84
C TYR C 84 11.18 8.91 9.79
N VAL C 85 9.92 9.28 9.51
CA VAL C 85 8.83 8.88 10.37
C VAL C 85 8.63 7.37 10.53
N GLY C 86 8.95 6.61 9.52
CA GLY C 86 8.72 5.20 9.60
C GLY C 86 9.77 4.63 10.49
N ASN C 87 10.94 5.30 10.59
CA ASN C 87 12.01 4.78 11.43
C ASN C 87 11.71 5.09 12.89
N ARG C 88 11.38 6.37 13.11
CA ARG C 88 11.02 6.90 14.42
C ARG C 88 9.80 6.12 14.95
N ALA C 89 8.84 5.78 14.05
CA ALA C 89 7.63 5.07 14.48
C ALA C 89 8.09 3.84 15.15
N LYS C 90 9.07 3.17 14.54
CA LYS C 90 9.54 1.89 15.08
C LYS C 90 10.21 2.08 16.44
N MSE C 91 11.01 3.11 16.56
CA MSE C 91 11.68 3.40 17.80
C MSE C 91 10.74 3.77 19.01
O MSE C 91 10.98 3.35 20.17
CB MSE C 91 12.60 4.55 17.53
CG MSE C 91 14.00 4.09 17.24
SE MSE C 91 15.05 5.65 16.71
CE MSE C 91 15.77 6.45 18.39
N GLN C 92 9.70 4.56 18.70
CA GLN C 92 8.84 5.08 19.68
C GLN C 92 7.99 3.97 20.18
N GLU C 93 7.56 3.10 19.27
CA GLU C 93 6.89 1.86 19.71
C GLU C 93 7.64 1.16 20.80
N SER C 94 8.92 1.01 20.61
CA SER C 94 9.75 0.26 21.48
C SER C 94 9.93 0.95 22.83
N ALA C 95 9.95 2.27 22.86
CA ALA C 95 10.16 2.93 24.09
C ALA C 95 8.84 2.86 24.79
N GLU C 96 7.76 2.94 24.01
CA GLU C 96 6.42 2.92 24.55
C GLU C 96 6.20 1.65 25.36
N THR C 97 6.90 0.60 24.89
CA THR C 97 6.91 -0.71 25.60
C THR C 97 7.55 -0.57 26.96
N SER C 98 8.77 -0.06 26.95
CA SER C 98 9.55 0.28 28.10
C SER C 98 8.81 1.04 29.21
N PHE C 99 8.20 2.15 28.81
CA PHE C 99 7.52 3.00 29.73
C PHE C 99 6.27 2.33 30.29
N GLY C 100 5.65 1.40 29.54
CA GLY C 100 4.43 0.72 29.94
C GLY C 100 4.84 -0.21 31.04
N PHE C 101 5.96 -0.90 30.77
CA PHE C 101 6.48 -1.84 31.71
C PHE C 101 6.95 -1.22 33.02
N CYS C 102 7.50 -0.02 32.97
CA CYS C 102 8.03 0.60 34.19
C CYS C 102 6.95 1.08 35.03
N GLU C 103 6.11 1.85 34.40
CA GLU C 103 4.95 2.30 34.93
C GLU C 103 4.28 1.08 35.64
N LYS C 104 4.09 -0.04 35.00
CA LYS C 104 3.11 -0.94 35.52
C LYS C 104 3.70 -1.85 36.63
N ARG C 105 4.94 -2.20 36.49
CA ARG C 105 5.66 -2.79 37.58
C ARG C 105 6.22 -1.77 38.64
N ASN C 106 5.80 -0.53 38.59
CA ASN C 106 6.21 0.48 39.56
C ASN C 106 7.70 0.53 39.82
N LEU C 107 8.51 0.27 38.78
CA LEU C 107 9.98 0.33 38.86
C LEU C 107 10.66 1.68 39.36
N LEU C 108 10.08 2.83 38.99
CA LEU C 108 10.64 4.13 39.45
C LEU C 108 9.97 4.55 40.79
N THR C 109 8.64 4.42 40.92
CA THR C 109 7.92 4.90 42.10
C THR C 109 8.41 4.17 43.35
N ARG C 110 8.69 2.89 43.19
CA ARG C 110 9.23 2.15 44.29
C ARG C 110 10.60 2.64 44.74
N LEU C 111 11.37 3.36 43.95
CA LEU C 111 12.71 3.74 44.45
C LEU C 111 12.68 4.74 45.67
N SER C 112 13.74 4.74 46.47
CA SER C 112 13.98 5.73 47.53
C SER C 112 13.89 7.20 47.09
N GLU C 113 13.45 8.06 47.98
CA GLU C 113 13.39 9.43 47.61
C GLU C 113 14.79 10.03 47.33
N GLU C 114 15.91 9.55 47.88
CA GLU C 114 17.22 10.15 47.46
C GLU C 114 17.62 9.81 46.03
N THR C 115 17.20 8.63 45.55
CA THR C 115 17.48 8.19 44.21
C THR C 115 16.57 8.96 43.31
N GLN C 116 15.27 8.98 43.56
CA GLN C 116 14.44 9.78 42.65
C GLN C 116 15.06 11.19 42.49
N LYS C 117 15.52 11.77 43.60
CA LYS C 117 16.05 13.13 43.60
C LYS C 117 17.25 13.07 42.66
N GLN C 118 18.10 12.05 42.76
CA GLN C 118 19.24 11.95 41.89
C GLN C 118 18.86 12.06 40.36
N LEU C 119 17.77 11.35 39.96
CA LEU C 119 17.23 11.37 38.58
C LEU C 119 16.66 12.70 38.27
N LEU C 120 15.95 13.27 39.23
CA LEU C 120 15.38 14.59 39.01
C LEU C 120 16.41 15.66 39.02
N ARG C 121 17.68 15.28 39.24
CA ARG C 121 18.68 16.33 39.34
C ARG C 121 19.77 16.18 38.34
N LEU C 122 20.34 15.00 38.27
CA LEU C 122 21.29 14.77 37.16
C LEU C 122 20.67 14.35 35.78
N LEU C 123 19.37 14.07 35.68
CA LEU C 123 18.93 13.47 34.44
C LEU C 123 17.84 14.27 33.80
N VAL C 124 16.68 14.35 34.48
CA VAL C 124 15.51 15.03 33.89
C VAL C 124 15.81 16.44 33.41
N PRO C 125 16.65 17.17 34.14
CA PRO C 125 16.87 18.58 33.63
C PRO C 125 17.40 18.72 32.16
N LEU C 126 18.20 17.78 31.63
CA LEU C 126 18.48 17.77 30.20
C LEU C 126 17.31 18.18 29.24
N ARG C 127 16.08 17.81 29.58
CA ARG C 127 14.94 18.25 28.75
C ARG C 127 15.09 19.68 28.30
N HIS C 128 15.89 20.38 29.09
CA HIS C 128 16.15 21.78 28.94
C HIS C 128 17.22 22.02 27.85
N VAL C 129 18.30 21.26 27.95
CA VAL C 129 19.26 21.30 26.90
C VAL C 129 18.52 20.91 25.57
N GLU C 130 17.62 19.90 25.69
CA GLU C 130 16.88 19.35 24.51
C GLU C 130 15.98 20.39 23.90
N LEU C 131 15.31 21.09 24.79
CA LEU C 131 14.56 22.19 24.26
C LEU C 131 15.47 23.13 23.44
N GLY C 132 16.66 23.41 24.01
CA GLY C 132 17.68 24.22 23.34
C GLY C 132 17.98 23.68 21.93
N ALA C 133 18.38 22.41 21.90
CA ALA C 133 18.69 21.85 20.66
C ALA C 133 17.45 22.00 19.76
N ASN C 134 16.24 21.72 20.25
CA ASN C 134 15.16 21.81 19.29
C ASN C 134 15.04 23.23 18.67
N MSE C 135 15.25 24.27 19.45
CA MSE C 135 15.23 25.62 18.81
C MSE C 135 16.34 25.92 17.77
O MSE C 135 16.15 26.61 16.73
CB MSE C 135 15.33 26.66 19.88
CG MSE C 135 14.47 26.34 21.06
SE MSE C 135 14.33 28.03 22.15
CE MSE C 135 14.88 29.54 20.79
N ASN C 136 17.53 25.43 18.11
CA ASN C 136 18.69 25.62 17.29
C ASN C 136 18.42 25.09 15.95
N ASN C 137 18.24 23.77 15.87
CA ASN C 137 17.80 23.11 14.66
C ASN C 137 16.70 23.70 13.80
N ALA C 138 15.63 24.19 14.41
CA ALA C 138 14.71 24.98 13.67
C ALA C 138 15.42 26.18 13.01
N LYS C 139 16.25 26.92 13.78
CA LYS C 139 16.93 28.04 13.10
C LYS C 139 17.74 27.48 11.95
N ILE C 140 18.52 26.42 12.18
CA ILE C 140 19.26 25.84 11.11
C ILE C 140 18.40 25.45 9.91
N ALA C 141 17.33 24.68 10.16
CA ALA C 141 16.57 24.14 9.06
C ALA C 141 15.92 25.25 8.27
N GLY C 142 15.66 26.39 8.89
CA GLY C 142 15.12 27.49 8.06
C GLY C 142 16.14 28.45 7.53
N ASP C 143 17.41 28.15 7.80
CA ASP C 143 18.53 29.06 7.45
C ASP C 143 19.33 28.54 6.29
N ALA C 144 19.72 27.25 6.37
CA ALA C 144 20.51 26.52 5.40
C ALA C 144 19.72 26.36 4.14
N THR C 145 20.35 26.57 2.99
CA THR C 145 19.63 26.57 1.77
C THR C 145 19.40 25.19 1.20
N ALA C 146 20.32 24.28 1.37
CA ALA C 146 20.18 23.05 0.61
C ALA C 146 19.19 22.09 1.28
N THR C 147 18.17 21.70 0.55
CA THR C 147 17.31 20.72 1.13
C THR C 147 17.98 19.60 1.85
N THR C 148 19.07 18.99 1.37
CA THR C 148 19.64 17.82 2.07
C THR C 148 20.18 18.19 3.48
N VAL C 149 20.67 19.41 3.60
CA VAL C 149 21.09 19.95 4.89
C VAL C 149 19.81 20.27 5.83
N SER C 150 18.96 21.20 5.34
CA SER C 150 17.88 21.68 6.07
C SER C 150 16.97 20.58 6.53
N GLN C 151 16.77 19.54 5.76
CA GLN C 151 15.91 18.49 6.23
C GLN C 151 16.47 17.80 7.44
N MSE C 152 17.79 17.63 7.47
CA MSE C 152 18.35 16.81 8.51
C MSE C 152 18.24 17.58 9.74
O MSE C 152 18.14 17.00 10.81
CB MSE C 152 19.77 16.54 8.26
CG MSE C 152 19.99 15.94 6.91
SE MSE C 152 21.78 15.03 6.78
CE MSE C 152 22.84 16.86 6.51
N HIS C 153 18.16 18.89 9.59
CA HIS C 153 17.96 19.69 10.75
C HIS C 153 16.52 19.72 11.30
N ILE C 154 15.49 19.92 10.49
CA ILE C 154 14.21 19.71 11.04
C ILE C 154 14.00 18.31 11.66
N TYR C 155 14.56 17.23 11.09
CA TYR C 155 14.43 15.95 11.73
C TYR C 155 15.02 15.93 13.13
N THR C 156 16.30 16.28 13.22
CA THR C 156 16.96 16.27 14.49
C THR C 156 16.22 17.21 15.42
N GLY C 157 15.58 18.23 14.86
CA GLY C 157 14.93 19.21 15.71
C GLY C 157 13.85 18.51 16.53
N MSE C 158 13.12 17.65 15.83
CA MSE C 158 11.89 17.18 16.31
C MSE C 158 12.31 16.02 17.17
O MSE C 158 11.70 15.80 18.19
CB MSE C 158 11.01 16.63 15.15
CG MSE C 158 10.43 17.62 14.17
SE MSE C 158 9.71 19.34 15.06
CE MSE C 158 11.40 20.24 15.30
N ASP C 159 13.35 15.29 16.78
CA ASP C 159 13.86 14.28 17.65
C ASP C 159 14.15 14.92 19.00
N ARG C 160 14.75 16.10 19.04
CA ARG C 160 15.08 16.64 20.39
C ARG C 160 13.87 16.90 21.29
N LEU C 161 12.86 17.57 20.76
CA LEU C 161 11.63 17.72 21.43
C LEU C 161 11.11 16.37 21.94
N GLY C 162 11.12 15.35 21.10
CA GLY C 162 10.57 14.08 21.51
C GLY C 162 11.44 13.54 22.59
N ILE C 163 12.73 13.85 22.54
CA ILE C 163 13.64 13.34 23.62
C ILE C 163 13.42 14.09 24.97
N GLY C 164 13.14 15.38 24.85
CA GLY C 164 12.65 16.16 25.97
C GLY C 164 11.48 15.45 26.55
N GLN C 165 10.74 14.80 25.65
CA GLN C 165 9.41 14.44 25.98
C GLN C 165 9.61 13.24 26.83
N TYR C 166 10.58 12.38 26.44
CA TYR C 166 10.81 11.20 27.25
C TYR C 166 11.34 11.55 28.64
N LEU C 167 12.34 12.39 28.71
CA LEU C 167 12.90 12.77 29.96
C LEU C 167 11.75 13.27 30.80
N SER C 168 10.85 14.06 30.19
CA SER C 168 9.74 14.61 30.94
C SER C 168 8.82 13.53 31.45
N ARG C 169 8.79 12.42 30.73
CA ARG C 169 7.94 11.32 31.10
C ARG C 169 8.56 10.57 32.27
N ILE C 170 9.88 10.69 32.41
CA ILE C 170 10.51 10.11 33.58
C ILE C 170 9.94 10.79 34.85
N ALA C 171 10.00 12.11 34.84
CA ALA C 171 9.45 12.87 35.87
C ALA C 171 8.01 12.50 36.15
N LEU C 172 7.16 12.56 35.16
CA LEU C 172 5.77 12.27 35.43
C LEU C 172 5.50 10.85 36.06
N MSE C 173 6.34 9.85 35.77
CA MSE C 173 6.07 8.52 36.34
C MSE C 173 6.23 8.59 37.86
O MSE C 173 5.33 8.29 38.63
CB MSE C 173 6.96 7.44 35.77
CG MSE C 173 6.50 6.07 36.01
SE MSE C 173 7.75 5.00 34.97
CE MSE C 173 6.88 5.67 33.15
N ILE C 174 7.42 8.99 38.26
CA ILE C 174 7.72 9.43 39.61
C ILE C 174 6.66 10.27 40.35
N ASP C 175 6.04 11.29 39.77
CA ASP C 175 5.12 12.07 40.59
C ASP C 175 3.69 11.71 40.40
N GLY C 176 3.41 10.51 39.89
CA GLY C 176 2.03 10.12 39.51
C GLY C 176 1.26 11.02 38.53
N SER C 177 2.02 11.70 37.66
CA SER C 177 1.49 12.53 36.60
C SER C 177 0.81 13.75 37.24
N THR C 178 1.53 14.36 38.17
CA THR C 178 1.05 15.61 38.77
C THR C 178 1.84 16.85 38.35
N GLY C 179 3.14 16.69 38.12
CA GLY C 179 3.96 17.81 37.63
C GLY C 179 5.04 18.15 38.63
N ALA C 180 4.70 17.91 39.90
CA ALA C 180 5.57 18.26 40.96
C ALA C 180 7.03 17.83 40.73
N ALA C 181 7.29 16.73 40.00
CA ALA C 181 8.69 16.37 39.78
C ALA C 181 9.25 17.26 38.66
N LEU C 182 8.40 17.74 37.77
CA LEU C 182 8.89 18.68 36.83
C LEU C 182 9.28 19.98 37.55
N ASP C 183 8.33 20.60 38.22
CA ASP C 183 8.61 21.73 39.10
C ASP C 183 9.92 21.58 39.81
N GLU C 184 10.16 20.43 40.42
CA GLU C 184 11.32 20.22 41.23
C GLU C 184 12.55 20.38 40.35
N SER C 185 12.72 19.38 39.44
CA SER C 185 13.76 19.39 38.46
C SER C 185 13.95 20.77 37.83
N LYS C 186 12.90 21.53 37.55
CA LYS C 186 13.17 22.70 36.80
C LYS C 186 13.80 23.69 37.73
N ALA C 187 13.39 23.61 38.98
CA ALA C 187 14.06 24.39 39.99
C ALA C 187 15.62 24.16 40.01
N TYR C 188 16.07 22.89 40.01
CA TYR C 188 17.50 22.67 39.86
C TYR C 188 17.99 23.40 38.59
N TRP C 189 17.34 23.16 37.46
CA TRP C 189 17.76 23.87 36.29
C TRP C 189 18.02 25.37 36.60
N MSE C 190 17.11 26.06 37.30
CA MSE C 190 17.24 27.50 37.50
C MSE C 190 18.14 27.87 38.66
O MSE C 190 19.04 28.68 38.54
CB MSE C 190 15.89 28.22 37.68
CG MSE C 190 14.76 28.03 36.65
SE MSE C 190 15.25 28.89 34.89
CE MSE C 190 17.13 27.89 34.64
N ASP C 191 17.91 27.32 39.82
CA ASP C 191 18.61 27.86 40.95
C ASP C 191 19.80 26.96 41.35
N ASP C 192 20.07 25.87 40.67
CA ASP C 192 21.15 25.06 41.18
C ASP C 192 22.50 25.34 40.52
N GLU C 193 23.49 25.72 41.36
CA GLU C 193 24.87 25.96 40.90
C GLU C 193 25.32 25.08 39.74
N MSE C 194 25.00 23.80 39.79
CA MSE C 194 25.66 22.87 38.91
C MSE C 194 25.27 23.00 37.43
O MSE C 194 26.10 22.82 36.53
CB MSE C 194 25.46 21.50 39.44
CG MSE C 194 25.89 20.47 38.49
SE MSE C 194 24.39 19.23 38.41
CE MSE C 194 24.27 18.73 40.28
N TRP C 195 24.00 23.34 37.25
CA TRP C 195 23.31 23.70 35.98
C TRP C 195 23.56 25.08 35.38
N GLN C 196 24.06 26.02 36.16
CA GLN C 196 24.28 27.34 35.66
C GLN C 196 25.28 27.46 34.48
N PRO C 197 26.45 26.80 34.50
CA PRO C 197 27.31 26.76 33.32
C PRO C 197 26.57 26.23 32.07
N MSE C 198 26.16 24.95 32.15
CA MSE C 198 25.17 24.38 31.21
C MSE C 198 24.07 25.36 30.72
O MSE C 198 23.87 25.53 29.52
CB MSE C 198 24.61 23.07 31.75
CG MSE C 198 23.93 22.14 30.69
SE MSE C 198 24.73 22.06 28.79
CE MSE C 198 26.19 20.42 28.85
N ARG C 199 23.40 26.02 31.64
CA ARG C 199 22.21 26.74 31.32
C ARG C 199 22.61 28.01 30.62
N LYS C 200 23.69 28.64 31.11
CA LYS C 200 24.26 29.76 30.36
C LYS C 200 24.89 29.31 28.97
N LEU C 201 25.49 28.09 28.92
CA LEU C 201 26.00 27.67 27.64
C LEU C 201 24.84 27.66 26.62
N VAL C 202 23.76 26.96 26.99
CA VAL C 202 22.63 26.84 26.12
C VAL C 202 22.16 28.22 25.70
N GLU C 203 21.97 29.13 26.66
CA GLU C 203 21.31 30.45 26.37
C GLU C 203 22.12 31.21 25.38
N ASP C 204 23.40 30.93 25.37
CA ASP C 204 24.28 31.58 24.45
C ASP C 204 24.15 30.99 23.07
N THR C 205 24.18 29.64 22.90
CA THR C 205 23.94 29.08 21.57
C THR C 205 22.63 29.67 20.96
N LEU C 206 21.58 29.88 21.76
CA LEU C 206 20.36 30.59 21.26
C LEU C 206 20.54 31.90 20.55
N VAL C 207 21.76 32.42 20.64
CA VAL C 207 22.15 33.72 20.03
C VAL C 207 23.31 33.67 18.90
N VAL C 208 23.98 32.55 18.71
CA VAL C 208 24.77 32.45 17.52
C VAL C 208 24.02 32.85 16.20
N ASP C 209 24.60 33.62 15.31
CA ASP C 209 23.94 33.80 14.00
C ASP C 209 24.42 32.77 12.93
N ASP C 210 25.69 32.54 12.81
CA ASP C 210 26.10 31.69 11.75
C ASP C 210 25.51 30.27 11.94
N TRP C 211 24.63 29.89 11.01
CA TRP C 211 23.94 28.61 11.16
C TRP C 211 24.88 27.40 11.21
N PHE C 212 25.99 27.47 10.48
CA PHE C 212 26.96 26.38 10.64
C PHE C 212 27.80 26.45 11.89
N GLU C 213 27.91 27.64 12.51
CA GLU C 213 28.62 27.73 13.76
C GLU C 213 27.71 26.98 14.72
N LEU C 214 26.44 27.40 14.75
CA LEU C 214 25.39 26.70 15.49
C LEU C 214 25.26 25.17 15.29
N THR C 215 25.54 24.61 14.11
CA THR C 215 25.32 23.18 14.05
C THR C 215 26.49 22.58 14.78
N LEU C 216 27.62 23.25 14.66
CA LEU C 216 28.85 22.71 15.17
C LEU C 216 28.74 22.60 16.73
N VAL C 217 28.29 23.73 17.28
CA VAL C 217 28.33 23.86 18.70
C VAL C 217 27.39 22.81 19.25
N GLN C 218 26.18 22.90 18.72
CA GLN C 218 25.09 22.07 19.20
C GLN C 218 25.19 20.61 18.78
N ASN C 219 25.26 20.33 17.49
CA ASN C 219 25.06 18.95 17.01
C ASN C 219 26.34 18.08 17.12
N ILE C 220 27.49 18.78 17.15
CA ILE C 220 28.80 18.11 17.29
C ILE C 220 29.44 18.22 18.65
N LEU C 221 29.73 19.48 19.07
CA LEU C 221 30.43 19.72 20.37
C LEU C 221 29.62 19.36 21.64
N ILE C 222 28.56 20.07 21.91
CA ILE C 222 27.76 19.69 23.00
C ILE C 222 27.35 18.22 22.92
N ASP C 223 26.80 17.78 21.81
CA ASP C 223 26.25 16.41 21.79
C ASP C 223 27.32 15.35 21.85
N GLY C 224 28.47 15.62 21.21
CA GLY C 224 29.58 14.67 21.16
C GLY C 224 30.12 14.39 22.55
N MSE C 225 29.75 15.26 23.48
CA MSE C 225 30.22 15.10 24.85
C MSE C 225 29.13 14.68 25.84
O MSE C 225 29.31 13.69 26.54
CB MSE C 225 30.97 16.36 25.26
CG MSE C 225 32.43 16.13 25.44
SE MSE C 225 33.39 17.81 25.69
CE MSE C 225 32.63 18.71 27.11
N MSE C 226 28.01 15.38 25.87
CA MSE C 226 26.91 15.04 26.76
C MSE C 226 26.29 13.75 26.40
O MSE C 226 25.96 12.97 27.30
CB MSE C 226 25.86 16.05 26.67
CG MSE C 226 24.54 15.46 26.87
SE MSE C 226 23.35 17.02 26.81
CE MSE C 226 22.77 17.06 24.67
N TYR C 227 26.10 13.47 25.12
CA TYR C 227 25.56 12.16 24.87
C TYR C 227 26.36 11.05 25.52
N PRO C 228 27.63 10.88 25.13
CA PRO C 228 28.38 9.78 25.73
C PRO C 228 28.44 9.86 27.27
N LEU C 229 28.71 11.06 27.83
CA LEU C 229 28.72 11.26 29.27
C LEU C 229 27.45 10.70 29.86
N VAL C 230 26.29 11.18 29.41
CA VAL C 230 24.98 10.89 30.06
C VAL C 230 24.35 9.53 29.73
N TYR C 231 24.32 9.16 28.47
CA TYR C 231 23.49 8.07 28.11
C TYR C 231 24.33 6.85 28.02
N ASP C 232 25.62 6.96 28.39
CA ASP C 232 26.50 5.77 28.48
C ASP C 232 27.16 5.61 29.84
N LYS C 233 27.83 6.67 30.27
CA LYS C 233 28.68 6.52 31.40
C LYS C 233 27.82 6.75 32.60
N MSE C 234 27.22 7.92 32.71
CA MSE C 234 26.31 8.15 33.80
C MSE C 234 25.42 6.94 34.00
O MSE C 234 25.17 6.52 35.11
CB MSE C 234 25.45 9.35 33.56
CG MSE C 234 24.37 9.52 34.63
SE MSE C 234 23.70 11.45 34.66
CE MSE C 234 25.48 12.37 33.94
N ASP C 235 24.96 6.41 32.90
CA ASP C 235 24.14 5.24 32.88
C ASP C 235 24.75 4.02 33.53
N GLN C 236 25.99 3.65 33.25
CA GLN C 236 26.54 2.42 33.85
C GLN C 236 26.64 2.74 35.32
N TRP C 237 27.04 3.95 35.62
CA TRP C 237 27.00 4.40 36.99
C TRP C 237 25.60 4.38 37.73
N PHE C 238 24.47 4.55 37.03
CA PHE C 238 23.22 4.49 37.76
C PHE C 238 23.07 3.16 38.36
N GLU C 239 23.62 2.13 37.74
CA GLU C 239 23.38 0.81 38.28
C GLU C 239 23.79 0.86 39.78
N SER C 240 25.07 1.17 40.01
CA SER C 240 25.60 1.21 41.37
C SER C 240 24.81 2.16 42.30
N GLN C 241 24.07 3.12 41.77
CA GLN C 241 23.29 4.01 42.57
C GLN C 241 21.90 3.49 42.85
N GLY C 242 21.60 2.25 42.45
CA GLY C 242 20.28 1.68 42.64
C GLY C 242 19.21 2.07 41.62
N ALA C 243 19.67 2.61 40.49
CA ALA C 243 18.74 3.06 39.44
C ALA C 243 18.83 2.29 38.11
N GLU C 244 19.41 1.08 38.10
CA GLU C 244 19.51 0.38 36.86
C GLU C 244 18.14 0.41 36.13
N ASP C 245 17.02 0.44 36.83
CA ASP C 245 15.81 0.28 36.03
C ASP C 245 15.47 1.48 35.16
N VAL C 246 16.06 2.64 35.32
CA VAL C 246 15.74 3.70 34.33
C VAL C 246 16.41 3.44 32.98
N SER C 247 17.52 2.71 32.95
CA SER C 247 18.19 2.56 31.70
C SER C 247 17.16 2.20 30.61
N MSE C 248 16.19 1.35 30.94
CA MSE C 248 15.24 0.97 29.90
C MSE C 248 14.45 2.11 29.24
O MSE C 248 13.89 1.97 28.18
CB MSE C 248 14.37 -0.19 30.34
CG MSE C 248 13.05 0.18 30.93
SE MSE C 248 12.17 -1.42 31.91
CE MSE C 248 13.90 -2.33 32.93
N LEU C 249 14.40 3.25 29.86
CA LEU C 249 13.65 4.29 29.26
C LEU C 249 14.60 5.27 28.68
N THR C 250 15.86 4.90 28.51
CA THR C 250 16.75 5.75 27.77
C THR C 250 17.41 4.97 26.60
N GLU C 251 16.90 3.80 26.21
CA GLU C 251 17.41 3.15 25.01
C GLU C 251 17.28 4.06 23.79
N PHE C 252 16.14 4.74 23.71
CA PHE C 252 15.85 5.54 22.61
C PHE C 252 16.95 6.57 22.44
N MSE C 253 17.44 7.12 23.53
CA MSE C 253 18.45 8.17 23.39
C MSE C 253 19.79 7.51 23.00
O MSE C 253 20.67 8.16 22.41
CB MSE C 253 18.69 8.95 24.65
CG MSE C 253 17.69 10.00 24.90
SE MSE C 253 15.97 9.07 25.48
CE MSE C 253 15.18 10.54 26.94
N ARG C 254 19.94 6.22 23.32
CA ARG C 254 21.20 5.60 22.98
C ARG C 254 21.18 5.35 21.48
N ASP C 255 20.11 4.72 20.93
CA ASP C 255 20.06 4.45 19.47
C ASP C 255 19.98 5.73 18.75
N TRP C 256 19.25 6.73 19.23
CA TRP C 256 19.22 8.00 18.51
C TRP C 256 20.60 8.56 18.21
N TYR C 257 21.48 8.55 19.22
CA TYR C 257 22.83 9.07 19.12
C TYR C 257 23.74 8.31 18.21
N LYS C 258 23.86 7.01 18.41
CA LYS C 258 24.53 6.11 17.45
C LYS C 258 24.17 6.42 16.01
N GLU C 259 22.93 6.84 15.79
CA GLU C 259 22.51 7.11 14.49
C GLU C 259 22.98 8.52 14.16
N SER C 260 22.69 9.53 14.99
CA SER C 260 23.11 10.87 14.70
C SER C 260 24.59 10.95 14.26
N LEU C 261 25.45 10.10 14.78
CA LEU C 261 26.80 10.12 14.36
C LEU C 261 26.95 10.02 12.83
N ARG C 262 26.17 9.11 12.21
CA ARG C 262 26.27 8.84 10.76
C ARG C 262 26.06 10.07 9.94
N TRP C 263 25.02 10.75 10.20
CA TRP C 263 24.90 11.90 9.44
C TRP C 263 25.85 13.10 9.78
N THR C 264 26.08 13.37 11.08
CA THR C 264 26.94 14.51 11.50
C THR C 264 28.39 14.31 11.10
N ASN C 265 28.89 13.09 11.31
CA ASN C 265 30.18 12.81 10.78
C ASN C 265 30.18 13.13 9.26
N ALA C 266 29.31 12.53 8.44
CA ALA C 266 29.31 12.81 6.98
C ALA C 266 29.20 14.32 6.66
N MSE C 267 28.62 15.17 7.49
CA MSE C 267 28.56 16.57 7.06
C MSE C 267 29.80 17.37 7.49
O MSE C 267 30.17 18.34 6.86
CB MSE C 267 27.26 17.28 7.46
CG MSE C 267 27.30 18.07 8.71
SE MSE C 267 25.79 19.35 8.79
CE MSE C 267 25.56 19.49 10.81
N MSE C 268 30.45 16.94 8.56
CA MSE C 268 31.82 17.35 8.86
C MSE C 268 32.82 16.82 7.87
O MSE C 268 33.66 17.58 7.38
CB MSE C 268 32.22 16.95 10.25
CG MSE C 268 31.27 17.54 11.29
SE MSE C 268 31.38 19.51 11.45
CE MSE C 268 33.41 19.69 12.13
N LYS C 269 32.78 15.55 7.53
CA LYS C 269 33.68 15.16 6.45
C LYS C 269 33.45 16.06 5.21
N ALA C 270 32.22 16.49 4.95
CA ALA C 270 32.10 17.11 3.67
C ALA C 270 32.41 18.55 3.80
N VAL C 271 31.92 19.18 4.87
CA VAL C 271 32.17 20.60 5.09
C VAL C 271 33.68 20.87 5.28
N ALA C 272 34.36 20.01 6.03
CA ALA C 272 35.80 20.11 6.30
C ALA C 272 36.71 19.56 5.21
N GLY C 273 36.41 18.42 4.57
CA GLY C 273 37.14 18.08 3.35
C GLY C 273 37.13 19.12 2.18
N GLU C 274 36.38 20.23 2.33
CA GLU C 274 36.08 21.03 1.18
C GLU C 274 37.24 21.86 0.79
N SER C 275 37.59 22.85 1.61
CA SER C 275 38.39 23.96 1.20
C SER C 275 39.10 24.25 2.48
N GLU C 276 40.42 24.18 2.51
CA GLU C 276 41.11 24.35 3.79
C GLU C 276 40.79 25.70 4.54
N THR C 277 40.37 26.70 3.82
CA THR C 277 39.89 27.90 4.46
C THR C 277 38.58 27.69 5.32
N ASN C 278 37.70 26.75 4.93
CA ASN C 278 36.66 26.20 5.83
C ASN C 278 37.30 25.47 7.06
N ARG C 279 38.22 24.53 6.83
CA ARG C 279 38.80 23.79 7.95
C ARG C 279 39.29 24.74 9.00
N GLU C 280 39.62 25.95 8.62
CA GLU C 280 40.12 26.86 9.63
C GLU C 280 39.10 27.89 10.18
N LEU C 281 37.93 28.00 9.52
CA LEU C 281 36.72 28.60 10.15
C LEU C 281 36.14 27.72 11.21
N LEU C 282 36.19 26.44 10.99
CA LEU C 282 35.65 25.55 11.96
C LEU C 282 36.57 25.57 13.20
N GLN C 283 37.84 25.16 12.98
CA GLN C 283 38.91 25.23 13.99
C GLN C 283 38.74 26.51 14.85
N LYS C 284 38.55 27.64 14.19
CA LYS C 284 38.46 28.87 14.93
C LYS C 284 37.39 28.76 16.06
N TRP C 285 36.15 28.46 15.62
CA TRP C 285 34.98 28.04 16.38
C TRP C 285 35.16 26.78 17.35
N ILE C 286 35.90 25.73 16.98
CA ILE C 286 36.10 24.60 17.97
C ILE C 286 36.89 25.07 19.26
N ASP C 287 37.93 25.83 18.98
CA ASP C 287 38.71 26.48 19.99
C ASP C 287 37.86 27.32 20.90
N HIS C 288 37.06 28.20 20.32
CA HIS C 288 36.15 28.97 21.11
C HIS C 288 35.11 28.16 21.88
N TRP C 289 34.36 27.20 21.29
CA TRP C 289 33.24 26.60 22.11
C TRP C 289 33.50 25.32 22.83
N GLU C 290 34.27 24.42 22.22
CA GLU C 290 34.38 23.12 22.82
C GLU C 290 34.66 23.33 24.29
N PRO C 291 35.82 23.92 24.67
CA PRO C 291 35.90 24.57 26.00
C PRO C 291 34.57 24.89 26.76
N GLN C 292 33.75 25.85 26.30
CA GLN C 292 32.49 26.19 27.05
C GLN C 292 31.51 25.00 27.33
N ALA C 293 31.40 24.13 26.32
CA ALA C 293 30.74 22.84 26.39
C ALA C 293 31.30 21.91 27.48
N TYR C 294 32.63 21.91 27.58
CA TYR C 294 33.31 21.05 28.49
C TYR C 294 33.04 21.59 29.86
N GLU C 295 33.16 22.90 30.00
CA GLU C 295 32.85 23.58 31.26
C GLU C 295 31.39 23.35 31.71
N ALA C 296 30.49 23.21 30.77
CA ALA C 296 29.07 23.23 31.16
C ALA C 296 28.72 21.86 31.69
N LEU C 297 29.55 20.92 31.25
CA LEU C 297 29.39 19.53 31.50
C LEU C 297 30.11 19.12 32.79
N LYS C 298 31.03 19.94 33.24
CA LYS C 298 31.91 19.47 34.31
C LYS C 298 31.13 19.21 35.62
N PRO C 299 30.31 20.19 36.06
CA PRO C 299 29.63 19.98 37.33
C PRO C 299 28.94 18.62 37.33
N LEU C 300 28.00 18.46 36.39
CA LEU C 300 27.27 17.26 36.18
C LEU C 300 28.19 16.05 36.17
N ALA C 301 29.38 16.21 35.60
CA ALA C 301 30.32 15.11 35.63
C ALA C 301 30.63 14.74 37.09
N GLU C 302 30.97 15.73 37.93
CA GLU C 302 31.40 15.44 39.32
C GLU C 302 30.24 15.19 40.28
N ALA C 303 29.05 15.61 39.93
CA ALA C 303 27.96 15.21 40.73
C ALA C 303 27.55 13.80 40.31
N SER C 304 28.33 13.10 39.49
CA SER C 304 27.87 11.83 38.90
C SER C 304 28.81 10.69 38.94
N VAL C 305 29.21 10.24 37.74
CA VAL C 305 30.27 9.23 37.57
C VAL C 305 31.70 9.84 37.75
N GLY C 306 31.79 11.18 37.88
CA GLY C 306 33.07 11.82 38.19
C GLY C 306 33.89 12.02 36.95
N ILE C 307 34.66 13.11 36.95
CA ILE C 307 35.34 13.66 35.76
C ILE C 307 36.02 12.73 34.75
N ASP C 308 36.57 11.58 35.13
CA ASP C 308 37.18 10.74 34.10
C ASP C 308 36.09 10.10 33.20
N GLY C 309 34.87 10.60 33.37
CA GLY C 309 33.87 10.44 32.35
C GLY C 309 34.16 11.59 31.42
N LEU C 310 33.63 12.76 31.72
CA LEU C 310 33.92 13.93 30.90
C LEU C 310 35.17 13.85 30.00
N ASN C 311 36.37 13.80 30.63
CA ASN C 311 37.61 13.41 29.93
C ASN C 311 37.37 12.22 28.98
N GLU C 312 37.17 10.99 29.48
CA GLU C 312 37.00 9.88 28.49
C GLU C 312 36.18 10.33 27.22
N ALA C 313 35.34 11.37 27.41
CA ALA C 313 34.33 11.81 26.47
C ALA C 313 34.85 12.89 25.58
N ARG C 314 35.68 13.78 26.17
CA ARG C 314 36.39 14.84 25.46
C ARG C 314 37.33 14.09 24.54
N ALA C 315 38.17 13.21 25.13
CA ALA C 315 38.85 12.07 24.43
C ALA C 315 38.16 11.70 23.15
N GLU C 316 37.06 10.96 23.19
CA GLU C 316 36.41 10.64 21.92
C GLU C 316 36.14 11.89 21.04
N LEU C 317 35.70 13.00 21.63
CA LEU C 317 35.23 14.04 20.76
C LEU C 317 36.37 14.53 19.87
N SER C 318 37.43 15.15 20.50
CA SER C 318 38.79 15.50 19.89
C SER C 318 39.27 14.35 18.94
N ALA C 319 39.05 13.07 19.34
CA ALA C 319 39.33 11.89 18.51
C ALA C 319 38.67 12.08 17.20
N ARG C 320 37.35 11.91 17.18
CA ARG C 320 36.56 11.88 15.96
C ARG C 320 36.63 13.23 15.21
N LEU C 321 36.85 14.33 15.92
CA LEU C 321 37.26 15.57 15.28
C LEU C 321 38.49 15.47 14.39
N LYS C 322 39.39 14.58 14.76
CA LYS C 322 40.69 14.58 14.17
C LYS C 322 40.54 14.07 12.77
N LYS C 323 39.72 13.04 12.62
CA LYS C 323 39.23 12.53 11.33
C LYS C 323 38.68 13.54 10.30
N PHE C 324 38.46 14.78 10.68
CA PHE C 324 38.25 15.81 9.68
C PHE C 324 39.45 16.77 9.56
N GLU C 325 40.64 16.35 10.07
CA GLU C 325 41.76 17.22 10.61
C GLU C 325 41.35 18.50 11.26
N LEU C 326 40.48 18.37 12.23
CA LEU C 326 40.37 19.37 13.25
C LEU C 326 40.86 18.74 14.55
N GLN C 327 41.04 19.57 15.58
CA GLN C 327 41.37 19.09 16.92
C GLN C 327 40.80 20.02 17.96
N SER C 328 41.06 19.68 19.22
CA SER C 328 40.49 20.40 20.38
C SER C 328 41.46 20.75 21.52
N ARG C 329 42.18 19.71 22.00
CA ARG C 329 43.08 19.84 23.18
C ARG C 329 42.88 18.69 24.24
N GLY C 330 44.00 18.37 24.89
CA GLY C 330 44.23 17.11 25.57
C GLY C 330 45.14 16.16 24.76
N ILE D 5 -13.02 16.52 0.44
CA ILE D 5 -12.66 15.94 -0.91
C ILE D 5 -13.92 15.26 -1.51
N LYS D 6 -14.54 15.87 -2.54
CA LYS D 6 -15.61 15.27 -3.43
C LYS D 6 -15.09 14.03 -4.21
N THR D 7 -15.77 12.88 -4.19
CA THR D 7 -15.39 11.76 -5.08
C THR D 7 -16.53 11.47 -5.97
N ASN D 8 -16.19 10.71 -7.00
CA ASN D 8 -17.19 10.24 -7.91
C ASN D 8 -17.71 8.90 -7.38
N SER D 9 -19.01 8.68 -7.46
CA SER D 9 -19.51 7.34 -7.06
C SER D 9 -20.16 6.50 -8.20
N VAL D 10 -20.51 5.26 -7.84
CA VAL D 10 -21.09 4.28 -8.77
C VAL D 10 -22.22 3.58 -7.99
N GLU D 11 -23.35 3.36 -8.68
CA GLU D 11 -24.38 2.53 -8.16
C GLU D 11 -23.91 1.10 -8.26
N PRO D 12 -23.88 0.40 -7.12
CA PRO D 12 -23.47 -1.00 -7.16
C PRO D 12 -24.68 -1.91 -7.39
N ILE D 13 -24.53 -2.93 -8.21
CA ILE D 13 -25.52 -3.99 -8.30
C ILE D 13 -25.94 -4.67 -6.95
N ARG D 14 -24.97 -5.13 -6.16
CA ARG D 14 -25.28 -5.49 -4.77
C ARG D 14 -24.22 -5.09 -3.76
N HIS D 15 -24.48 -5.34 -2.49
CA HIS D 15 -23.54 -4.83 -1.53
C HIS D 15 -22.55 -5.81 -1.04
N THR D 16 -23.00 -7.06 -0.93
CA THR D 16 -22.09 -8.12 -0.54
C THR D 16 -22.31 -9.39 -1.43
N TYR D 17 -21.80 -10.54 -0.97
CA TYR D 17 -22.11 -11.83 -1.48
C TYR D 17 -23.34 -12.46 -0.84
N GLY D 18 -23.92 -13.48 -1.53
CA GLY D 18 -25.21 -14.09 -1.20
C GLY D 18 -25.12 -14.78 0.13
N HIS D 19 -24.06 -15.52 0.40
CA HIS D 19 -23.98 -16.06 1.70
C HIS D 19 -23.99 -14.94 2.82
N ILE D 20 -23.17 -13.88 2.67
CA ILE D 20 -23.21 -12.80 3.65
C ILE D 20 -24.59 -12.13 3.63
N ALA D 21 -25.03 -11.66 2.47
CA ALA D 21 -26.38 -11.12 2.41
C ALA D 21 -27.44 -12.03 3.11
N ARG D 22 -27.36 -13.37 2.96
CA ARG D 22 -28.38 -14.25 3.51
C ARG D 22 -28.32 -14.15 5.00
N ARG D 23 -27.09 -14.08 5.53
CA ARG D 23 -26.82 -14.17 6.95
C ARG D 23 -26.95 -12.85 7.68
N PHE D 24 -26.68 -11.74 7.04
CA PHE D 24 -26.61 -10.50 7.79
C PHE D 24 -27.35 -9.35 7.15
N GLY D 25 -27.82 -9.54 5.90
CA GLY D 25 -28.75 -8.65 5.28
C GLY D 25 -28.10 -8.07 4.09
N ASP D 26 -28.84 -7.40 3.22
CA ASP D 26 -28.29 -6.84 1.99
C ASP D 26 -27.52 -5.47 2.13
N LYS D 27 -26.73 -5.34 3.16
CA LYS D 27 -26.06 -4.06 3.29
C LYS D 27 -24.57 -4.33 3.08
N PRO D 28 -23.72 -3.30 2.93
CA PRO D 28 -22.30 -3.66 2.88
C PRO D 28 -21.89 -4.33 4.18
N ALA D 29 -20.92 -5.26 4.13
CA ALA D 29 -20.47 -5.99 5.29
C ALA D 29 -19.02 -5.69 5.59
N THR D 30 -18.57 -6.18 6.73
CA THR D 30 -17.22 -5.91 7.18
C THR D 30 -16.16 -6.84 6.61
N ARG D 31 -14.88 -6.48 6.66
CA ARG D 31 -13.86 -7.45 6.29
C ARG D 31 -14.13 -8.77 7.01
N TYR D 32 -14.22 -8.80 8.33
CA TYR D 32 -14.33 -10.09 9.08
C TYR D 32 -15.43 -10.96 8.53
N GLN D 33 -16.61 -10.38 8.39
CA GLN D 33 -17.72 -11.05 7.67
C GLN D 33 -17.47 -11.75 6.33
N GLU D 34 -16.95 -11.02 5.36
CA GLU D 34 -16.58 -11.63 4.10
C GLU D 34 -15.40 -12.65 4.23
N ALA D 35 -14.66 -12.64 5.31
CA ALA D 35 -13.55 -13.52 5.33
C ALA D 35 -13.89 -14.77 6.10
N SER D 36 -15.04 -14.83 6.72
CA SER D 36 -15.17 -15.80 7.80
C SER D 36 -16.38 -16.70 7.76
N TYR D 37 -17.34 -16.38 6.90
CA TYR D 37 -18.66 -17.04 6.93
C TYR D 37 -19.03 -17.78 5.71
N ASP D 38 -19.46 -19.03 5.85
CA ASP D 38 -19.90 -19.82 4.71
C ASP D 38 -18.86 -19.99 3.55
N ILE D 39 -17.55 -20.18 3.85
CA ILE D 39 -16.42 -19.95 2.87
C ILE D 39 -16.06 -21.34 2.35
N GLU D 40 -15.96 -22.27 3.29
CA GLU D 40 -15.59 -23.69 3.08
C GLU D 40 -16.64 -24.48 2.41
N ALA D 41 -16.18 -25.56 1.81
CA ALA D 41 -17.06 -26.50 1.19
C ALA D 41 -17.86 -27.24 2.29
N LYS D 42 -19.13 -27.51 1.96
CA LYS D 42 -20.08 -27.89 2.99
C LYS D 42 -20.77 -29.20 2.70
N THR D 43 -21.02 -29.52 1.42
CA THR D 43 -21.74 -30.70 1.01
C THR D 43 -21.28 -31.25 -0.35
N ASN D 44 -21.82 -32.45 -0.71
CA ASN D 44 -21.52 -33.15 -1.98
C ASN D 44 -20.12 -33.63 -2.13
N PHE D 45 -19.47 -33.98 -1.05
CA PHE D 45 -18.10 -34.49 -1.26
C PHE D 45 -17.97 -35.72 -2.22
N HIS D 46 -16.87 -35.85 -2.92
CA HIS D 46 -16.65 -36.93 -3.89
C HIS D 46 -16.14 -38.33 -3.40
N TYR D 47 -15.45 -38.41 -2.26
CA TYR D 47 -14.87 -39.68 -1.87
C TYR D 47 -14.77 -39.62 -0.40
N ARG D 48 -14.97 -40.73 0.30
CA ARG D 48 -14.91 -40.69 1.78
C ARG D 48 -13.47 -40.74 2.23
N PRO D 49 -13.17 -40.15 3.37
CA PRO D 49 -11.84 -40.26 3.90
C PRO D 49 -11.29 -41.67 4.01
N GLN D 50 -10.09 -41.86 3.47
CA GLN D 50 -9.40 -43.16 3.65
C GLN D 50 -8.87 -43.32 5.03
N TRP D 51 -8.89 -42.27 5.83
CA TRP D 51 -8.18 -42.29 7.12
C TRP D 51 -9.21 -42.16 8.26
N ASP D 52 -10.50 -42.36 7.93
CA ASP D 52 -11.61 -42.29 8.93
C ASP D 52 -12.83 -43.07 8.39
N SER D 53 -13.29 -44.11 9.08
CA SER D 53 -14.49 -44.80 8.54
C SER D 53 -15.71 -44.17 9.06
N GLU D 54 -15.58 -43.28 10.04
CA GLU D 54 -16.77 -42.83 10.72
C GLU D 54 -17.39 -41.59 10.08
N HIS D 55 -16.58 -40.81 9.34
CA HIS D 55 -17.01 -39.48 8.99
C HIS D 55 -16.64 -39.03 7.57
N THR D 56 -17.55 -38.31 6.87
CA THR D 56 -17.13 -37.62 5.64
C THR D 56 -15.98 -36.58 5.82
N LEU D 57 -15.50 -36.05 4.70
CA LEU D 57 -14.73 -34.88 4.74
C LEU D 57 -15.68 -33.78 5.39
N ASN D 58 -15.14 -32.88 6.24
CA ASN D 58 -15.85 -31.61 6.64
C ASN D 58 -17.19 -31.99 7.26
N ASP D 59 -17.11 -32.66 8.42
CA ASP D 59 -18.27 -33.30 9.03
C ASP D 59 -18.54 -32.77 10.43
N PRO D 60 -19.69 -32.10 10.59
CA PRO D 60 -20.03 -31.50 11.90
C PRO D 60 -19.95 -32.55 12.95
N THR D 61 -19.98 -33.82 12.60
CA THR D 61 -20.17 -34.85 13.61
C THR D 61 -18.84 -35.44 14.05
N ARG D 62 -17.76 -34.83 13.69
CA ARG D 62 -16.50 -35.23 14.28
C ARG D 62 -16.48 -34.91 15.81
N THR D 63 -17.54 -34.20 16.28
CA THR D 63 -17.76 -33.94 17.75
C THR D 63 -19.16 -34.28 18.07
N ALA D 64 -19.33 -34.81 19.26
CA ALA D 64 -20.65 -35.07 19.83
C ALA D 64 -21.51 -33.84 20.04
N ILE D 65 -20.90 -32.63 20.08
CA ILE D 65 -21.64 -31.40 20.28
C ILE D 65 -22.44 -31.12 19.02
N ARG D 66 -23.65 -30.64 19.13
CA ARG D 66 -24.40 -30.26 17.95
C ARG D 66 -24.72 -28.82 18.12
N MSE D 67 -24.94 -28.11 17.02
CA MSE D 67 -25.45 -26.75 16.97
C MSE D 67 -26.30 -26.64 15.69
O MSE D 67 -26.00 -27.27 14.69
CB MSE D 67 -24.30 -25.75 16.80
CG MSE D 67 -23.10 -25.89 17.63
SE MSE D 67 -23.55 -25.06 19.34
CE MSE D 67 -23.41 -22.96 18.80
N GLU D 68 -27.32 -25.80 15.70
CA GLU D 68 -28.00 -25.51 14.45
C GLU D 68 -27.05 -24.84 13.50
N ASP D 69 -26.26 -23.87 13.97
CA ASP D 69 -25.44 -23.06 13.12
C ASP D 69 -24.14 -22.97 13.85
N TRP D 70 -23.04 -23.50 13.28
CA TRP D 70 -21.76 -23.38 14.00
C TRP D 70 -21.29 -21.95 13.98
N CYS D 71 -21.58 -21.24 12.87
CA CYS D 71 -21.51 -19.77 12.95
C CYS D 71 -21.99 -18.97 14.17
N ALA D 72 -23.02 -19.42 14.84
CA ALA D 72 -23.28 -18.95 16.16
C ALA D 72 -21.97 -18.83 17.03
N VAL D 73 -20.82 -19.37 16.57
CA VAL D 73 -19.52 -19.11 17.29
C VAL D 73 -18.78 -18.10 16.43
N SER D 74 -18.32 -16.97 17.03
CA SER D 74 -17.70 -15.83 16.36
C SER D 74 -16.53 -15.21 17.15
N ASP D 75 -15.55 -14.60 16.46
CA ASP D 75 -14.52 -13.91 17.15
C ASP D 75 -14.92 -12.50 17.61
N PRO D 76 -14.99 -12.34 18.92
CA PRO D 76 -15.24 -11.04 19.51
C PRO D 76 -14.11 -10.18 19.01
N ARG D 77 -12.93 -10.75 18.77
CA ARG D 77 -11.78 -9.93 18.35
C ARG D 77 -11.87 -9.61 16.89
N GLN D 78 -12.79 -10.28 16.20
CA GLN D 78 -12.89 -10.00 14.77
C GLN D 78 -11.68 -10.27 13.81
N PHE D 79 -10.80 -11.19 14.22
CA PHE D 79 -9.60 -11.58 13.44
C PHE D 79 -9.92 -12.32 12.10
N TYR D 80 -9.78 -11.68 10.95
CA TYR D 80 -9.45 -12.46 9.78
C TYR D 80 -7.89 -12.52 9.66
N TYR D 81 -7.34 -13.05 8.54
CA TYR D 81 -5.92 -13.21 8.58
C TYR D 81 -5.13 -11.89 8.87
N GLY D 82 -5.42 -10.81 8.19
CA GLY D 82 -4.58 -9.60 8.28
C GLY D 82 -4.58 -9.06 9.66
N ALA D 83 -5.81 -8.90 10.18
CA ALA D 83 -6.00 -8.36 11.50
C ALA D 83 -5.18 -9.17 12.44
N TYR D 84 -5.27 -10.48 12.28
CA TYR D 84 -4.47 -11.38 13.15
C TYR D 84 -3.03 -11.05 13.00
N VAL D 85 -2.45 -11.23 11.82
CA VAL D 85 -0.98 -11.06 11.77
C VAL D 85 -0.54 -9.65 12.16
N GLY D 86 -1.34 -8.64 11.79
CA GLY D 86 -1.19 -7.24 12.30
C GLY D 86 -1.09 -7.13 13.82
N ASN D 87 -2.08 -7.64 14.55
CA ASN D 87 -2.02 -7.61 16.01
C ASN D 87 -0.74 -8.25 16.50
N ARG D 88 -0.45 -9.46 15.98
CA ARG D 88 0.68 -10.22 16.52
C ARG D 88 2.04 -9.56 16.25
N ALA D 89 2.19 -8.89 15.10
CA ALA D 89 3.39 -8.19 14.67
C ALA D 89 3.65 -7.08 15.72
N LYS D 90 2.57 -6.41 16.13
CA LYS D 90 2.75 -5.40 17.13
C LYS D 90 3.25 -6.02 18.42
N MSE D 91 2.63 -7.13 18.87
CA MSE D 91 3.11 -7.77 20.05
C MSE D 91 4.54 -8.27 19.96
O MSE D 91 5.38 -8.01 20.82
CB MSE D 91 2.20 -8.90 20.40
CG MSE D 91 0.80 -8.48 20.87
SE MSE D 91 -0.36 -10.09 21.30
CE MSE D 91 0.72 -10.81 22.95
N GLN D 92 4.85 -8.98 18.90
CA GLN D 92 6.14 -9.65 18.90
C GLN D 92 7.30 -8.64 18.91
N GLU D 93 7.03 -7.43 18.41
CA GLU D 93 7.92 -6.30 18.53
C GLU D 93 8.15 -5.93 19.97
N SER D 94 7.12 -5.81 20.80
CA SER D 94 7.40 -5.46 22.19
C SER D 94 8.24 -6.54 22.74
N ALA D 95 7.94 -7.75 22.36
CA ALA D 95 8.71 -8.78 23.01
C ALA D 95 10.17 -8.56 22.58
N GLU D 96 10.40 -8.16 21.32
CA GLU D 96 11.77 -8.13 20.82
C GLU D 96 12.52 -7.08 21.57
N THR D 97 11.84 -5.95 21.82
CA THR D 97 12.42 -4.93 22.68
C THR D 97 12.93 -5.50 24.04
N SER D 98 12.03 -6.24 24.71
CA SER D 98 12.35 -6.76 26.00
C SER D 98 13.45 -7.75 25.85
N PHE D 99 13.41 -8.67 24.88
CA PHE D 99 14.53 -9.57 24.78
C PHE D 99 15.93 -8.93 24.45
N GLY D 100 15.97 -7.92 23.56
CA GLY D 100 17.23 -7.26 23.29
C GLY D 100 17.78 -6.81 24.64
N PHE D 101 16.97 -6.01 25.36
CA PHE D 101 17.31 -5.39 26.64
C PHE D 101 17.75 -6.38 27.70
N CYS D 102 17.10 -7.57 27.84
CA CYS D 102 17.58 -8.53 28.88
C CYS D 102 18.97 -9.08 28.60
N GLU D 103 19.41 -8.81 27.37
CA GLU D 103 20.56 -9.48 26.85
C GLU D 103 21.75 -8.58 26.88
N LYS D 104 21.66 -7.49 26.12
CA LYS D 104 22.65 -6.48 26.22
C LYS D 104 22.92 -6.18 27.71
N ARG D 105 21.92 -6.16 28.57
CA ARG D 105 22.18 -5.81 29.99
C ARG D 105 22.53 -7.02 30.86
N ASN D 106 22.77 -8.16 30.26
CA ASN D 106 22.95 -9.43 30.97
C ASN D 106 22.09 -9.80 32.15
N LEU D 107 20.80 -9.50 32.12
CA LEU D 107 19.99 -9.70 33.31
C LEU D 107 19.58 -11.12 33.76
N LEU D 108 19.81 -12.10 32.90
CA LEU D 108 19.59 -13.49 33.27
C LEU D 108 20.89 -14.24 33.46
N THR D 109 21.95 -13.81 32.81
CA THR D 109 23.20 -14.52 32.91
C THR D 109 23.92 -14.07 34.17
N ARG D 110 23.42 -12.99 34.77
CA ARG D 110 24.05 -12.51 36.00
C ARG D 110 23.53 -13.22 37.26
N LEU D 111 22.41 -13.96 37.11
CA LEU D 111 21.79 -14.52 38.29
C LEU D 111 22.63 -15.71 38.65
N SER D 112 22.58 -15.99 39.95
CA SER D 112 23.10 -17.14 40.61
C SER D 112 22.65 -18.41 39.88
N GLU D 113 23.57 -19.35 39.79
CA GLU D 113 23.28 -20.72 39.39
C GLU D 113 21.96 -21.26 39.94
N GLU D 114 21.55 -20.85 41.13
CA GLU D 114 20.50 -21.66 41.75
C GLU D 114 19.29 -21.03 41.16
N THR D 115 19.31 -19.70 41.01
CA THR D 115 18.18 -19.00 40.46
C THR D 115 17.86 -19.42 39.04
N GLN D 116 18.89 -19.46 38.17
CA GLN D 116 18.73 -19.85 36.79
C GLN D 116 18.15 -21.22 36.67
N LYS D 117 18.65 -22.18 37.45
CA LYS D 117 17.93 -23.46 37.73
C LYS D 117 16.41 -23.33 37.84
N GLN D 118 15.96 -22.53 38.80
CA GLN D 118 14.53 -22.28 38.89
C GLN D 118 13.88 -21.97 37.55
N LEU D 119 14.44 -21.03 36.82
CA LEU D 119 13.85 -20.79 35.53
C LEU D 119 13.86 -22.08 34.71
N LEU D 120 14.98 -22.83 34.77
CA LEU D 120 15.09 -23.99 33.88
C LEU D 120 14.13 -25.08 34.22
N ARG D 121 13.79 -25.23 35.49
CA ARG D 121 12.87 -26.25 35.93
C ARG D 121 11.42 -25.81 36.13
N LEU D 122 11.25 -24.56 36.51
CA LEU D 122 9.90 -24.04 36.74
C LEU D 122 9.21 -23.45 35.50
N LEU D 123 9.92 -22.82 34.56
CA LEU D 123 9.30 -22.14 33.42
C LEU D 123 9.50 -22.92 32.10
N VAL D 124 10.71 -22.83 31.60
CA VAL D 124 11.01 -23.28 30.30
C VAL D 124 10.26 -24.55 29.90
N PRO D 125 10.31 -25.60 30.75
CA PRO D 125 9.54 -26.77 30.48
C PRO D 125 8.06 -26.56 30.01
N LEU D 126 7.42 -25.44 30.28
CA LEU D 126 6.07 -25.32 29.73
C LEU D 126 6.02 -25.34 28.17
N ARG D 127 7.14 -25.08 27.54
CA ARG D 127 7.21 -25.15 26.10
C ARG D 127 6.74 -26.49 25.57
N HIS D 128 6.97 -27.51 26.36
CA HIS D 128 6.45 -28.83 26.04
C HIS D 128 4.89 -28.85 26.12
N VAL D 129 4.33 -28.06 27.02
CA VAL D 129 2.93 -27.95 27.09
C VAL D 129 2.51 -27.19 25.86
N GLU D 130 3.24 -26.15 25.50
CA GLU D 130 2.84 -25.27 24.37
C GLU D 130 2.91 -26.01 23.05
N LEU D 131 3.93 -26.89 22.95
CA LEU D 131 4.02 -27.79 21.79
C LEU D 131 2.74 -28.69 21.72
N GLY D 132 2.41 -29.30 22.84
CA GLY D 132 1.13 -30.01 22.92
C GLY D 132 -0.08 -29.19 22.50
N ALA D 133 -0.12 -27.95 22.95
CA ALA D 133 -1.23 -27.07 22.66
C ALA D 133 -1.24 -26.80 21.16
N ASN D 134 -0.05 -26.79 20.59
CA ASN D 134 -0.03 -26.47 19.18
C ASN D 134 -0.61 -27.59 18.35
N MSE D 135 -0.20 -28.80 18.65
CA MSE D 135 -0.68 -29.90 17.90
C MSE D 135 -2.13 -30.03 18.14
O MSE D 135 -2.90 -30.27 17.16
CB MSE D 135 0.00 -31.14 18.37
CG MSE D 135 1.50 -31.04 18.41
SE MSE D 135 2.12 -32.86 19.00
CE MSE D 135 0.82 -34.14 17.88
N ASN D 136 -2.55 -29.87 19.40
CA ASN D 136 -4.02 -29.93 19.59
C ASN D 136 -4.84 -28.85 18.83
N ASN D 137 -4.23 -27.72 18.53
CA ASN D 137 -5.08 -26.81 17.93
C ASN D 137 -5.07 -27.04 16.46
N ALA D 138 -3.93 -27.53 15.92
CA ALA D 138 -3.84 -27.93 14.54
C ALA D 138 -4.91 -28.99 14.35
N LYS D 139 -4.97 -29.99 15.22
CA LYS D 139 -5.95 -31.03 14.97
C LYS D 139 -7.35 -30.47 14.88
N ILE D 140 -7.74 -29.62 15.84
CA ILE D 140 -9.04 -28.92 15.76
C ILE D 140 -9.22 -28.11 14.47
N ALA D 141 -8.17 -27.41 14.06
CA ALA D 141 -8.35 -26.48 12.94
C ALA D 141 -8.72 -27.34 11.80
N GLY D 142 -8.29 -28.61 11.83
CA GLY D 142 -8.44 -29.48 10.70
C GLY D 142 -9.78 -30.13 10.67
N ASP D 143 -10.31 -30.41 11.85
CA ASP D 143 -11.62 -31.10 11.99
C ASP D 143 -12.81 -30.18 12.07
N ALA D 144 -12.66 -28.92 12.49
CA ALA D 144 -13.90 -28.18 12.76
C ALA D 144 -14.23 -27.55 11.46
N THR D 145 -15.53 -27.64 11.21
CA THR D 145 -16.17 -27.26 9.95
C THR D 145 -16.21 -25.72 9.74
N ALA D 146 -16.87 -25.00 10.64
CA ALA D 146 -17.05 -23.55 10.38
C ALA D 146 -15.74 -22.77 10.37
N THR D 147 -15.56 -21.92 9.40
CA THR D 147 -14.34 -21.17 9.36
C THR D 147 -14.29 -20.32 10.67
N THR D 148 -15.40 -19.66 11.02
CA THR D 148 -15.35 -18.90 12.24
C THR D 148 -14.72 -19.72 13.34
N VAL D 149 -15.01 -21.01 13.42
CA VAL D 149 -14.36 -21.81 14.51
C VAL D 149 -12.93 -22.32 14.18
N SER D 150 -12.74 -22.68 12.94
CA SER D 150 -11.53 -23.38 12.61
C SER D 150 -10.34 -22.40 12.64
N GLN D 151 -10.50 -21.28 11.95
CA GLN D 151 -9.65 -20.13 11.94
C GLN D 151 -9.15 -19.83 13.36
N MSE D 152 -10.05 -19.79 14.35
CA MSE D 152 -9.61 -19.46 15.65
C MSE D 152 -8.61 -20.41 16.22
O MSE D 152 -7.75 -20.05 17.00
CB MSE D 152 -10.80 -19.32 16.52
CG MSE D 152 -11.16 -17.86 16.77
SE MSE D 152 -12.97 -17.82 17.53
CE MSE D 152 -13.07 -16.15 17.95
N HIS D 153 -8.72 -21.66 15.83
CA HIS D 153 -7.83 -22.72 16.34
C HIS D 153 -6.47 -22.71 15.68
N ILE D 154 -6.44 -22.29 14.43
CA ILE D 154 -5.18 -22.17 13.72
C ILE D 154 -4.31 -20.96 14.24
N TYR D 155 -4.96 -19.79 14.43
CA TYR D 155 -4.37 -18.67 15.07
C TYR D 155 -3.83 -19.05 16.41
N THR D 156 -4.60 -19.75 17.19
CA THR D 156 -4.10 -19.94 18.51
C THR D 156 -3.00 -20.97 18.57
N GLY D 157 -2.98 -21.88 17.57
CA GLY D 157 -2.09 -23.02 17.61
C GLY D 157 -0.80 -22.37 17.24
N MSE D 158 -0.86 -21.51 16.23
CA MSE D 158 0.32 -20.72 15.82
C MSE D 158 0.91 -19.97 16.96
O MSE D 158 2.13 -19.98 17.08
CB MSE D 158 0.04 -19.74 14.67
CG MSE D 158 -0.34 -20.47 13.33
SE MSE D 158 1.08 -21.80 12.77
CE MSE D 158 0.45 -23.43 13.66
N ASP D 159 0.05 -19.30 17.76
CA ASP D 159 0.45 -18.63 18.96
C ASP D 159 1.08 -19.58 19.98
N ARG D 160 0.53 -20.77 20.13
CA ARG D 160 1.22 -21.79 20.91
C ARG D 160 2.69 -21.99 20.48
N LEU D 161 2.89 -22.20 19.16
CA LEU D 161 4.26 -22.30 18.68
C LEU D 161 5.07 -21.04 19.14
N GLY D 162 4.48 -19.85 19.00
CA GLY D 162 5.24 -18.65 19.30
C GLY D 162 5.69 -18.55 20.76
N ILE D 163 4.80 -18.94 21.66
CA ILE D 163 5.00 -18.74 23.05
C ILE D 163 6.05 -19.75 23.50
N GLY D 164 5.93 -21.01 23.07
CA GLY D 164 6.99 -21.91 23.36
C GLY D 164 8.31 -21.44 22.75
N GLN D 165 8.33 -20.74 21.63
CA GLN D 165 9.69 -20.19 21.21
C GLN D 165 10.31 -19.18 22.17
N TYR D 166 9.45 -18.27 22.66
CA TYR D 166 9.82 -17.33 23.70
C TYR D 166 10.32 -18.14 24.90
N LEU D 167 9.50 -19.01 25.46
CA LEU D 167 10.03 -19.80 26.60
C LEU D 167 11.37 -20.41 26.26
N SER D 168 11.44 -21.10 25.12
CA SER D 168 12.67 -21.71 24.66
C SER D 168 13.75 -20.63 24.72
N ARG D 169 13.43 -19.39 24.36
CA ARG D 169 14.49 -18.38 24.32
C ARG D 169 14.98 -17.84 25.64
N ILE D 170 14.16 -17.89 26.68
CA ILE D 170 14.70 -17.54 27.97
C ILE D 170 15.96 -18.42 28.26
N ALA D 171 15.85 -19.73 28.03
CA ALA D 171 16.96 -20.65 28.09
C ALA D 171 18.06 -20.26 27.15
N LEU D 172 17.82 -20.00 25.90
CA LEU D 172 19.06 -19.67 25.17
C LEU D 172 19.79 -18.48 25.77
N MSE D 173 19.06 -17.50 26.28
CA MSE D 173 19.70 -16.36 26.93
C MSE D 173 20.55 -16.80 28.13
O MSE D 173 21.68 -16.37 28.31
CB MSE D 173 18.67 -15.34 27.32
CG MSE D 173 19.24 -14.15 27.98
SE MSE D 173 17.94 -12.62 28.08
CE MSE D 173 16.82 -12.95 26.49
N ILE D 174 20.01 -17.72 28.93
CA ILE D 174 20.79 -18.30 30.02
C ILE D 174 22.01 -19.11 29.63
N ASP D 175 21.98 -19.88 28.58
CA ASP D 175 23.13 -20.64 28.28
C ASP D 175 23.94 -19.99 27.18
N GLY D 176 23.45 -18.87 26.67
CA GLY D 176 24.18 -17.96 25.78
C GLY D 176 24.24 -18.63 24.44
N SER D 177 23.15 -19.28 24.03
CA SER D 177 23.06 -19.83 22.68
C SER D 177 23.84 -21.14 22.41
N THR D 178 24.30 -21.78 23.49
CA THR D 178 24.78 -23.17 23.48
C THR D 178 23.68 -24.21 23.40
N GLY D 179 22.55 -23.97 24.06
CA GLY D 179 21.47 -24.95 24.02
C GLY D 179 21.60 -26.03 25.06
N ALA D 180 22.53 -25.88 25.97
CA ALA D 180 22.66 -26.77 27.13
C ALA D 180 21.54 -26.58 28.18
N ALA D 181 20.99 -25.36 28.28
CA ALA D 181 19.89 -25.05 29.23
C ALA D 181 18.63 -25.66 28.68
N LEU D 182 18.50 -25.58 27.37
CA LEU D 182 17.44 -26.26 26.69
C LEU D 182 17.50 -27.74 27.05
N ASP D 183 18.72 -28.29 27.03
CA ASP D 183 18.88 -29.66 27.42
C ASP D 183 18.64 -29.98 28.93
N GLU D 184 19.28 -29.21 29.83
CA GLU D 184 18.98 -29.44 31.21
C GLU D 184 17.47 -29.40 31.46
N SER D 185 16.83 -28.36 30.93
CA SER D 185 15.41 -28.17 31.08
C SER D 185 14.70 -29.36 30.48
N LYS D 186 14.98 -29.74 29.25
CA LYS D 186 14.24 -30.91 28.69
C LYS D 186 14.39 -32.21 29.48
N ALA D 187 15.44 -32.40 30.27
CA ALA D 187 15.55 -33.58 31.18
C ALA D 187 14.48 -33.49 32.35
N TYR D 188 14.24 -32.30 32.89
CA TYR D 188 13.28 -32.12 33.96
C TYR D 188 11.86 -32.55 33.47
N TRP D 189 11.64 -32.29 32.20
CA TRP D 189 10.35 -32.56 31.59
C TRP D 189 10.13 -34.03 31.46
N MSE D 190 11.21 -34.73 31.09
CA MSE D 190 11.17 -36.13 30.83
C MSE D 190 11.28 -36.91 32.16
O MSE D 190 10.57 -37.92 32.40
CB MSE D 190 12.37 -36.46 29.91
CG MSE D 190 12.28 -35.90 28.50
SE MSE D 190 10.60 -36.51 27.63
CE MSE D 190 11.01 -38.46 27.53
N ASP D 191 12.15 -36.40 33.04
CA ASP D 191 12.70 -37.19 34.17
C ASP D 191 12.26 -36.80 35.56
N ASP D 192 12.27 -35.48 35.91
CA ASP D 192 11.86 -35.04 37.28
C ASP D 192 10.38 -35.46 37.68
N GLU D 193 10.16 -36.03 38.87
CA GLU D 193 8.78 -36.58 39.20
C GLU D 193 7.75 -35.48 39.25
N MSE D 194 8.21 -34.25 39.41
CA MSE D 194 7.30 -33.14 39.43
C MSE D 194 6.47 -32.86 38.12
O MSE D 194 5.32 -32.37 38.16
CB MSE D 194 8.07 -31.93 39.74
CG MSE D 194 7.11 -30.83 39.72
SE MSE D 194 7.82 -29.16 39.04
CE MSE D 194 9.56 -29.12 40.10
N TRP D 195 7.08 -33.19 36.97
CA TRP D 195 6.53 -32.94 35.66
C TRP D 195 5.79 -34.13 35.10
N GLN D 196 5.85 -35.30 35.73
CA GLN D 196 5.22 -36.45 35.06
C GLN D 196 3.71 -36.36 34.95
N PRO D 197 3.00 -36.00 36.03
CA PRO D 197 1.51 -35.87 35.91
C PRO D 197 1.08 -34.91 34.78
N MSE D 198 1.85 -33.83 34.61
CA MSE D 198 1.68 -32.91 33.48
C MSE D 198 1.97 -33.55 32.12
O MSE D 198 1.18 -33.44 31.15
CB MSE D 198 2.56 -31.67 33.67
CG MSE D 198 2.33 -30.54 32.68
SE MSE D 198 0.42 -30.10 32.12
CE MSE D 198 0.28 -28.50 33.16
N ARG D 199 3.11 -34.21 32.05
CA ARG D 199 3.52 -34.76 30.80
C ARG D 199 2.49 -35.76 30.47
N LYS D 200 1.95 -36.35 31.52
CA LYS D 200 1.05 -37.43 31.23
C LYS D 200 -0.22 -36.88 30.67
N LEU D 201 -0.63 -35.74 31.20
CA LEU D 201 -1.91 -35.18 30.77
C LEU D 201 -1.70 -34.73 29.35
N VAL D 202 -0.60 -34.02 29.08
CA VAL D 202 -0.44 -33.53 27.72
C VAL D 202 -0.49 -34.67 26.67
N GLU D 203 0.24 -35.75 26.91
CA GLU D 203 0.25 -36.87 25.98
C GLU D 203 -1.16 -37.48 25.92
N ASP D 204 -1.85 -37.52 27.05
CA ASP D 204 -3.18 -38.07 26.99
C ASP D 204 -4.04 -37.22 26.11
N THR D 205 -3.82 -35.91 26.04
CA THR D 205 -4.73 -35.11 25.20
C THR D 205 -4.44 -35.34 23.71
N LEU D 206 -3.21 -35.75 23.39
CA LEU D 206 -2.85 -35.97 21.99
C LEU D 206 -3.61 -37.21 21.44
N VAL D 207 -4.48 -37.81 22.20
CA VAL D 207 -5.05 -39.02 21.70
C VAL D 207 -6.55 -38.97 21.85
N VAL D 208 -7.12 -37.77 21.87
CA VAL D 208 -8.53 -37.54 22.13
C VAL D 208 -9.21 -37.33 20.82
N ASP D 209 -10.28 -38.06 20.53
CA ASP D 209 -10.93 -37.90 19.21
C ASP D 209 -11.70 -36.68 19.09
N ASP D 210 -12.64 -36.46 20.02
CA ASP D 210 -13.63 -35.37 19.89
C ASP D 210 -13.01 -33.93 19.91
N TRP D 211 -13.01 -33.19 18.79
CA TRP D 211 -12.25 -31.93 18.75
C TRP D 211 -12.73 -30.90 19.76
N PHE D 212 -13.99 -31.05 20.20
CA PHE D 212 -14.43 -30.15 21.20
C PHE D 212 -14.05 -30.49 22.61
N GLU D 213 -14.10 -31.76 22.89
CA GLU D 213 -13.65 -32.26 24.15
C GLU D 213 -12.18 -31.81 24.20
N LEU D 214 -11.54 -31.77 23.04
CA LEU D 214 -10.15 -31.32 22.99
C LEU D 214 -9.96 -29.80 23.33
N THR D 215 -10.76 -28.93 22.68
CA THR D 215 -10.65 -27.47 22.90
C THR D 215 -11.01 -27.13 24.34
N LEU D 216 -12.00 -27.86 24.85
CA LEU D 216 -12.44 -27.65 26.17
C LEU D 216 -11.28 -27.93 27.13
N VAL D 217 -10.64 -29.04 26.93
CA VAL D 217 -9.63 -29.46 27.90
C VAL D 217 -8.49 -28.56 27.78
N GLN D 218 -7.97 -28.48 26.55
CA GLN D 218 -6.79 -27.72 26.27
C GLN D 218 -7.06 -26.28 26.49
N ASN D 219 -8.00 -25.65 25.76
CA ASN D 219 -8.03 -24.18 25.70
C ASN D 219 -8.83 -23.56 26.85
N ILE D 220 -9.66 -24.37 27.52
CA ILE D 220 -10.39 -23.84 28.64
C ILE D 220 -9.80 -24.47 29.90
N LEU D 221 -9.98 -25.75 30.11
CA LEU D 221 -9.44 -26.35 31.30
C LEU D 221 -7.94 -26.17 31.60
N ILE D 222 -7.05 -26.54 30.68
CA ILE D 222 -5.59 -26.44 31.00
C ILE D 222 -5.11 -25.02 30.99
N ASP D 223 -5.45 -24.30 29.94
CA ASP D 223 -4.97 -22.97 29.92
C ASP D 223 -5.60 -22.14 30.99
N GLY D 224 -6.87 -22.45 31.35
CA GLY D 224 -7.74 -21.67 32.23
C GLY D 224 -7.11 -21.57 33.57
N MSE D 225 -6.35 -22.63 33.96
CA MSE D 225 -5.55 -22.64 35.18
C MSE D 225 -4.07 -22.45 35.11
O MSE D 225 -3.51 -22.04 36.08
CB MSE D 225 -5.68 -23.95 35.83
CG MSE D 225 -6.66 -23.93 36.94
SE MSE D 225 -7.38 -25.77 37.36
CE MSE D 225 -5.71 -26.72 38.01
N MSE D 226 -3.43 -22.78 33.99
CA MSE D 226 -1.97 -22.70 33.88
C MSE D 226 -1.45 -21.32 33.81
O MSE D 226 -0.40 -21.02 34.36
CB MSE D 226 -1.54 -23.37 32.62
CG MSE D 226 -0.13 -22.95 32.14
SE MSE D 226 0.47 -24.45 30.99
CE MSE D 226 -0.73 -24.02 29.46
N TYR D 227 -2.16 -20.46 33.09
CA TYR D 227 -1.67 -19.16 32.84
C TYR D 227 -1.87 -18.32 34.07
N PRO D 228 -3.02 -18.47 34.74
CA PRO D 228 -3.07 -17.77 36.02
C PRO D 228 -1.97 -18.22 37.04
N LEU D 229 -1.77 -19.51 37.12
CA LEU D 229 -0.73 -19.97 38.00
C LEU D 229 0.59 -19.47 37.60
N VAL D 230 0.86 -19.47 36.31
CA VAL D 230 2.24 -19.29 35.91
C VAL D 230 2.56 -17.82 35.62
N TYR D 231 1.67 -17.18 34.91
CA TYR D 231 2.10 -15.95 34.35
C TYR D 231 1.63 -14.80 35.16
N ASP D 232 0.69 -15.08 36.11
CA ASP D 232 0.40 -14.17 37.27
C ASP D 232 1.02 -14.57 38.59
N LYS D 233 0.61 -15.70 39.17
CA LYS D 233 0.98 -16.05 40.55
C LYS D 233 2.45 -16.31 40.68
N MSE D 234 2.96 -17.30 39.94
CA MSE D 234 4.37 -17.60 40.02
C MSE D 234 5.24 -16.45 39.51
O MSE D 234 6.35 -16.22 39.97
CB MSE D 234 4.66 -18.83 39.25
CG MSE D 234 6.08 -18.78 38.69
SE MSE D 234 6.67 -20.53 37.88
CE MSE D 234 4.72 -21.64 38.36
N ASP D 235 4.72 -15.69 38.53
CA ASP D 235 5.35 -14.43 38.17
C ASP D 235 5.65 -13.33 39.30
N GLN D 236 4.74 -13.12 40.27
CA GLN D 236 4.93 -12.08 41.29
C GLN D 236 5.95 -12.64 42.26
N TRP D 237 5.70 -13.87 42.66
CA TRP D 237 6.60 -14.67 43.46
C TRP D 237 8.00 -14.65 42.99
N PHE D 238 8.24 -14.49 41.71
CA PHE D 238 9.58 -14.54 41.19
C PHE D 238 10.40 -13.42 41.72
N GLU D 239 9.71 -12.30 41.99
CA GLU D 239 10.33 -11.13 42.49
C GLU D 239 10.91 -11.49 43.83
N SER D 240 10.12 -12.11 44.68
CA SER D 240 10.62 -12.56 45.97
C SER D 240 11.83 -13.47 45.80
N GLN D 241 12.04 -14.08 44.64
CA GLN D 241 13.10 -15.10 44.46
C GLN D 241 14.35 -14.58 43.68
N GLY D 242 14.30 -13.26 43.46
CA GLY D 242 15.38 -12.47 42.89
C GLY D 242 15.42 -12.56 41.39
N ALA D 243 14.25 -12.64 40.77
CA ALA D 243 14.17 -12.92 39.32
C ALA D 243 13.05 -12.11 38.70
N GLU D 244 12.78 -10.99 39.29
CA GLU D 244 12.02 -9.94 38.71
C GLU D 244 12.25 -9.74 37.23
N ASP D 245 13.48 -10.04 36.81
CA ASP D 245 13.96 -9.51 35.59
C ASP D 245 13.26 -10.26 34.45
N VAL D 246 12.94 -11.54 34.65
CA VAL D 246 12.29 -12.35 33.66
C VAL D 246 10.95 -11.75 33.26
N SER D 247 10.29 -11.14 34.18
CA SER D 247 8.94 -10.76 33.91
C SER D 247 8.78 -10.03 32.58
N MSE D 248 9.80 -9.37 32.06
CA MSE D 248 9.59 -8.66 30.82
C MSE D 248 9.63 -9.57 29.64
O MSE D 248 9.16 -9.18 28.58
CB MSE D 248 10.55 -7.52 30.64
CG MSE D 248 11.98 -7.93 30.51
SE MSE D 248 13.11 -6.26 30.59
CE MSE D 248 13.65 -6.15 32.79
N LEU D 249 10.17 -10.76 29.82
CA LEU D 249 10.09 -11.85 28.85
C LEU D 249 8.77 -12.70 28.85
N THR D 250 7.92 -12.54 29.86
CA THR D 250 6.69 -13.20 29.84
C THR D 250 5.54 -12.24 29.56
N GLU D 251 5.77 -10.95 29.36
CA GLU D 251 4.60 -10.07 29.03
C GLU D 251 3.66 -10.54 27.88
N PHE D 252 4.26 -11.11 26.82
CA PHE D 252 3.48 -11.55 25.71
C PHE D 252 2.39 -12.50 26.16
N MSE D 253 2.83 -13.47 26.96
CA MSE D 253 1.92 -14.42 27.60
C MSE D 253 0.79 -13.77 28.39
O MSE D 253 -0.35 -14.22 28.21
CB MSE D 253 2.65 -15.39 28.49
CG MSE D 253 3.47 -16.39 27.72
SE MSE D 253 5.22 -15.65 26.90
CE MSE D 253 6.49 -17.03 27.56
N ARG D 254 1.04 -12.76 29.22
CA ARG D 254 -0.08 -12.10 29.93
C ARG D 254 -1.01 -11.49 28.92
N ASP D 255 -0.47 -10.89 27.85
CA ASP D 255 -1.35 -10.12 26.96
C ASP D 255 -2.17 -11.05 26.16
N TRP D 256 -1.50 -12.15 25.81
CA TRP D 256 -2.08 -13.18 25.00
C TRP D 256 -3.26 -13.84 25.72
N TYR D 257 -2.99 -14.16 27.00
CA TYR D 257 -3.99 -14.72 27.90
C TYR D 257 -5.19 -13.77 28.09
N LYS D 258 -4.96 -12.49 28.33
CA LYS D 258 -6.09 -11.62 28.50
C LYS D 258 -6.90 -11.67 27.23
N GLU D 259 -6.29 -11.53 26.07
CA GLU D 259 -7.08 -11.67 24.85
C GLU D 259 -7.74 -13.05 24.63
N SER D 260 -7.05 -14.14 24.94
CA SER D 260 -7.76 -15.46 24.76
C SER D 260 -9.13 -15.60 25.48
N LEU D 261 -9.17 -15.17 26.74
CA LEU D 261 -10.44 -15.09 27.45
C LEU D 261 -11.59 -14.65 26.56
N ARG D 262 -11.28 -13.74 25.65
CA ARG D 262 -12.40 -13.14 25.02
C ARG D 262 -13.03 -14.06 24.05
N TRP D 263 -12.22 -14.73 23.23
CA TRP D 263 -12.77 -15.67 22.28
C TRP D 263 -13.23 -16.97 22.93
N THR D 264 -12.43 -17.48 23.86
CA THR D 264 -12.81 -18.76 24.46
C THR D 264 -14.08 -18.62 25.21
N ASN D 265 -14.23 -17.60 26.09
CA ASN D 265 -15.52 -17.42 26.75
C ASN D 265 -16.68 -17.24 25.73
N ALA D 266 -16.45 -16.53 24.59
CA ALA D 266 -17.55 -16.29 23.65
C ALA D 266 -18.14 -17.66 23.28
N MSE D 267 -17.24 -18.47 22.73
CA MSE D 267 -17.48 -19.78 22.26
C MSE D 267 -18.02 -20.73 23.33
O MSE D 267 -19.07 -21.39 23.14
CB MSE D 267 -16.15 -20.33 21.78
CG MSE D 267 -16.22 -21.63 21.10
SE MSE D 267 -14.51 -22.63 20.83
CE MSE D 267 -13.73 -23.15 22.74
N MSE D 268 -17.33 -20.84 24.45
CA MSE D 268 -17.93 -21.62 25.49
C MSE D 268 -19.39 -21.30 25.71
O MSE D 268 -20.23 -22.20 25.85
CB MSE D 268 -17.16 -21.51 26.74
CG MSE D 268 -15.91 -22.30 26.57
SE MSE D 268 -16.33 -24.24 26.40
CE MSE D 268 -17.04 -24.61 28.18
N LYS D 269 -19.70 -20.00 25.66
CA LYS D 269 -21.01 -19.49 26.02
C LYS D 269 -22.03 -19.98 25.01
N ALA D 270 -21.84 -19.65 23.77
CA ALA D 270 -22.67 -20.06 22.65
C ALA D 270 -23.02 -21.57 22.66
N VAL D 271 -22.03 -22.43 23.01
CA VAL D 271 -22.07 -23.88 22.75
C VAL D 271 -22.84 -24.46 23.89
N ALA D 272 -22.43 -24.07 25.10
CA ALA D 272 -23.16 -24.34 26.34
C ALA D 272 -24.56 -23.74 26.35
N GLY D 273 -24.73 -22.49 25.94
CA GLY D 273 -26.09 -21.96 25.92
C GLY D 273 -26.92 -22.56 24.78
N GLU D 274 -26.32 -23.31 23.87
CA GLU D 274 -27.12 -23.83 22.81
C GLU D 274 -28.19 -24.88 23.27
N SER D 275 -27.87 -25.81 24.15
CA SER D 275 -28.91 -26.84 24.46
C SER D 275 -28.60 -27.51 25.76
N GLU D 276 -29.62 -28.05 26.40
CA GLU D 276 -29.37 -28.79 27.62
C GLU D 276 -28.44 -30.00 27.28
N THR D 277 -28.55 -30.49 26.06
CA THR D 277 -27.72 -31.61 25.63
C THR D 277 -26.21 -31.38 25.65
N ASN D 278 -25.80 -30.24 25.03
CA ASN D 278 -24.42 -29.70 25.03
C ASN D 278 -23.84 -29.49 26.45
N ARG D 279 -24.69 -28.95 27.33
CA ARG D 279 -24.38 -28.78 28.74
C ARG D 279 -23.98 -30.11 29.44
N GLU D 280 -24.80 -31.15 29.28
CA GLU D 280 -24.43 -32.45 29.88
C GLU D 280 -23.05 -32.92 29.36
N LEU D 281 -22.86 -32.73 28.04
CA LEU D 281 -21.58 -33.13 27.47
C LEU D 281 -20.45 -32.40 28.15
N LEU D 282 -20.53 -31.07 28.20
CA LEU D 282 -19.37 -30.30 28.74
C LEU D 282 -19.06 -30.74 30.14
N GLN D 283 -20.16 -30.95 30.89
CA GLN D 283 -20.06 -31.26 32.28
C GLN D 283 -19.40 -32.63 32.46
N LYS D 284 -19.83 -33.58 31.66
CA LYS D 284 -19.28 -34.95 31.76
C LYS D 284 -17.75 -34.93 31.57
N TRP D 285 -17.35 -34.26 30.46
CA TRP D 285 -15.94 -33.90 30.21
C TRP D 285 -15.31 -33.03 31.27
N ILE D 286 -15.95 -31.94 31.68
CA ILE D 286 -15.32 -31.22 32.77
C ILE D 286 -14.97 -32.15 33.99
N ASP D 287 -15.92 -32.98 34.40
CA ASP D 287 -15.74 -33.88 35.56
C ASP D 287 -14.57 -34.82 35.35
N HIS D 288 -14.51 -35.43 34.17
CA HIS D 288 -13.38 -36.29 33.86
C HIS D 288 -12.05 -35.52 33.84
N TRP D 289 -12.10 -34.38 33.13
CA TRP D 289 -10.89 -33.61 32.75
C TRP D 289 -10.28 -32.54 33.69
N GLU D 290 -11.07 -31.65 34.27
CA GLU D 290 -10.42 -30.74 35.17
C GLU D 290 -9.69 -31.25 36.41
N PRO D 291 -10.18 -32.30 37.11
CA PRO D 291 -9.34 -32.85 38.21
C PRO D 291 -7.99 -33.22 37.72
N GLN D 292 -7.98 -33.72 36.50
CA GLN D 292 -6.71 -34.05 35.86
C GLN D 292 -5.81 -32.86 35.60
N ALA D 293 -6.39 -31.80 35.05
CA ALA D 293 -5.71 -30.52 34.96
C ALA D 293 -5.18 -30.08 36.36
N TYR D 294 -6.05 -29.90 37.35
CA TYR D 294 -5.60 -29.53 38.73
C TYR D 294 -4.44 -30.37 39.23
N GLU D 295 -4.54 -31.68 39.01
CA GLU D 295 -3.46 -32.64 39.35
C GLU D 295 -2.13 -32.35 38.62
N ALA D 296 -2.26 -32.08 37.33
CA ALA D 296 -1.07 -31.92 36.53
C ALA D 296 -0.33 -30.68 37.00
N LEU D 297 -1.04 -29.61 37.37
CA LEU D 297 -0.41 -28.41 37.93
C LEU D 297 0.03 -28.45 39.41
N LYS D 298 -0.49 -29.42 40.16
CA LYS D 298 -0.39 -29.36 41.57
C LYS D 298 1.09 -29.42 42.01
N PRO D 299 1.89 -30.32 41.38
CA PRO D 299 3.33 -30.30 41.80
C PRO D 299 4.08 -29.01 41.45
N LEU D 300 3.62 -28.41 40.38
CA LEU D 300 4.21 -27.15 40.00
C LEU D 300 3.80 -26.05 40.96
N ALA D 301 2.60 -26.08 41.53
CA ALA D 301 2.36 -25.14 42.68
C ALA D 301 3.22 -25.50 43.95
N GLU D 302 3.25 -26.77 44.36
CA GLU D 302 4.09 -27.09 45.49
C GLU D 302 5.45 -26.49 45.33
N ALA D 303 6.08 -26.56 44.15
CA ALA D 303 7.54 -26.23 44.06
C ALA D 303 7.75 -24.77 43.90
N SER D 304 6.69 -24.02 44.06
CA SER D 304 6.57 -22.72 43.44
C SER D 304 6.04 -21.71 44.43
N VAL D 305 4.86 -21.20 44.10
CA VAL D 305 4.22 -20.18 44.89
C VAL D 305 3.30 -20.81 45.96
N GLY D 306 3.15 -22.14 45.93
CA GLY D 306 2.39 -22.89 46.88
C GLY D 306 0.99 -23.16 46.37
N ILE D 307 0.38 -24.14 46.98
CA ILE D 307 -0.92 -24.61 46.64
C ILE D 307 -2.05 -23.57 46.63
N ASP D 308 -1.99 -22.55 47.47
CA ASP D 308 -3.03 -21.45 47.36
C ASP D 308 -3.16 -20.82 45.95
N GLY D 309 -1.97 -20.74 45.31
CA GLY D 309 -1.80 -20.29 43.94
C GLY D 309 -2.72 -21.11 43.10
N LEU D 310 -2.48 -22.42 43.14
CA LEU D 310 -3.36 -23.34 42.44
C LEU D 310 -4.79 -23.18 42.79
N ASN D 311 -5.13 -23.17 44.07
CA ASN D 311 -6.59 -23.04 44.46
C ASN D 311 -7.25 -21.75 43.93
N GLU D 312 -6.49 -20.69 43.87
CA GLU D 312 -7.11 -19.48 43.37
C GLU D 312 -7.31 -19.44 41.84
N ALA D 313 -6.37 -20.07 41.12
CA ALA D 313 -6.50 -20.18 39.69
C ALA D 313 -7.68 -21.13 39.53
N ARG D 314 -7.75 -22.15 40.41
CA ARG D 314 -8.89 -23.05 40.37
C ARG D 314 -10.23 -22.31 40.53
N ALA D 315 -10.35 -21.46 41.56
CA ALA D 315 -11.43 -20.45 41.65
C ALA D 315 -11.62 -19.69 40.34
N GLU D 316 -10.54 -19.18 39.83
CA GLU D 316 -10.66 -18.25 38.77
C GLU D 316 -11.43 -18.96 37.67
N LEU D 317 -11.06 -20.22 37.41
CA LEU D 317 -11.63 -20.93 36.33
C LEU D 317 -13.00 -21.41 36.71
N SER D 318 -13.23 -21.68 37.99
CA SER D 318 -14.60 -22.02 38.42
C SER D 318 -15.59 -20.86 38.16
N ALA D 319 -15.17 -19.60 38.36
CA ALA D 319 -16.09 -18.47 38.12
C ALA D 319 -16.38 -18.35 36.62
N ARG D 320 -15.38 -18.70 35.83
CA ARG D 320 -15.61 -18.67 34.38
C ARG D 320 -16.74 -19.70 34.00
N LEU D 321 -16.61 -20.98 34.44
CA LEU D 321 -17.58 -22.01 34.05
C LEU D 321 -19.03 -21.72 34.47
N LYS D 322 -19.19 -21.24 35.71
CA LYS D 322 -20.44 -20.67 36.19
C LYS D 322 -21.11 -19.74 35.20
N LYS D 323 -20.37 -18.80 34.60
CA LYS D 323 -21.07 -17.93 33.64
C LYS D 323 -21.76 -18.71 32.49
N PHE D 324 -21.28 -19.94 32.21
CA PHE D 324 -21.82 -20.80 31.12
C PHE D 324 -22.81 -21.86 31.62
N GLU D 325 -22.82 -21.92 32.93
CA GLU D 325 -23.67 -22.76 33.77
C GLU D 325 -23.08 -24.12 33.90
N LEU D 326 -21.87 -24.18 34.39
CA LEU D 326 -21.17 -25.42 34.60
C LEU D 326 -20.34 -25.26 35.90
N GLN D 327 -19.81 -26.36 36.42
CA GLN D 327 -19.21 -26.29 37.76
C GLN D 327 -18.01 -27.13 37.80
N SER D 328 -17.11 -26.77 38.71
CA SER D 328 -15.86 -27.41 38.90
C SER D 328 -15.54 -26.99 40.31
N ARG D 329 -14.39 -26.39 40.56
CA ARG D 329 -13.87 -26.11 41.91
C ARG D 329 -13.92 -27.42 42.76
N SER E 2 -5.99 -51.41 -5.90
CA SER E 2 -6.13 -51.35 -4.43
C SER E 2 -5.77 -50.05 -3.76
N VAL E 3 -6.83 -49.32 -3.47
CA VAL E 3 -6.88 -48.23 -2.53
C VAL E 3 -6.17 -48.51 -1.22
N ASN E 4 -5.28 -47.69 -0.73
CA ASN E 4 -4.97 -47.92 0.66
C ASN E 4 -5.84 -47.09 1.60
N ALA E 5 -6.32 -47.70 2.67
CA ALA E 5 -7.26 -47.07 3.53
C ALA E 5 -6.78 -47.67 4.77
N LEU E 6 -7.32 -47.20 5.89
CA LEU E 6 -7.05 -47.64 7.26
C LEU E 6 -8.26 -48.50 7.86
N TYR E 7 -9.29 -48.76 7.04
CA TYR E 7 -10.32 -49.74 7.37
C TYR E 7 -10.65 -50.47 6.04
N ASP E 8 -11.64 -51.36 6.04
CA ASP E 8 -11.91 -52.09 4.81
C ASP E 8 -12.67 -51.17 3.91
N TYR E 9 -11.99 -50.59 2.92
CA TYR E 9 -12.57 -49.50 2.11
C TYR E 9 -13.59 -49.95 1.06
N LYS E 10 -14.88 -49.88 1.33
CA LYS E 10 -15.80 -50.50 0.37
C LYS E 10 -17.04 -49.71 0.37
N PHE E 11 -17.50 -49.31 -0.81
CA PHE E 11 -18.67 -48.41 -0.87
C PHE E 11 -19.62 -48.74 -2.07
N GLU E 12 -20.94 -48.59 -1.93
CA GLU E 12 -21.77 -48.69 -3.12
C GLU E 12 -21.47 -47.57 -4.22
N PRO E 13 -21.46 -47.96 -5.52
CA PRO E 13 -21.35 -46.94 -6.55
C PRO E 13 -22.51 -45.86 -6.52
N LYS E 14 -22.21 -44.56 -6.52
CA LYS E 14 -23.32 -43.58 -6.60
C LYS E 14 -24.10 -43.79 -7.87
N ASP E 15 -23.64 -44.54 -8.87
CA ASP E 15 -24.38 -44.53 -10.17
C ASP E 15 -25.08 -45.85 -10.71
N LYS E 16 -25.03 -46.91 -9.92
CA LYS E 16 -26.07 -47.94 -9.94
C LYS E 16 -27.39 -47.47 -10.66
N VAL E 17 -27.82 -48.23 -11.67
CA VAL E 17 -29.16 -47.98 -12.31
C VAL E 17 -30.37 -47.86 -11.35
N GLU E 18 -30.22 -48.55 -10.21
CA GLU E 18 -31.15 -48.48 -9.12
C GLU E 18 -31.28 -47.07 -8.60
N ASN E 19 -30.39 -46.15 -8.97
CA ASN E 19 -30.59 -44.86 -8.41
C ASN E 19 -31.28 -43.99 -9.42
N PHE E 20 -31.77 -44.57 -10.52
CA PHE E 20 -32.31 -43.74 -11.57
C PHE E 20 -33.80 -43.72 -11.90
N HIS E 21 -34.67 -44.15 -10.98
CA HIS E 21 -36.11 -44.00 -11.14
C HIS E 21 -36.55 -44.61 -12.41
N GLY E 22 -36.15 -45.92 -12.50
CA GLY E 22 -36.41 -46.82 -13.66
C GLY E 22 -36.05 -46.26 -15.04
N MSE E 23 -34.98 -45.44 -15.09
CA MSE E 23 -34.53 -44.89 -16.32
C MSE E 23 -33.09 -45.39 -16.36
O MSE E 23 -32.59 -45.97 -15.36
CB MSE E 23 -34.55 -43.37 -16.25
CG MSE E 23 -35.82 -42.71 -16.03
SE MSE E 23 -36.94 -42.67 -17.65
CE MSE E 23 -36.02 -41.44 -19.02
N GLN E 24 -32.40 -45.22 -17.49
CA GLN E 24 -31.00 -45.58 -17.50
C GLN E 24 -30.19 -44.53 -18.23
N LEU E 25 -28.90 -44.50 -17.93
CA LEU E 25 -28.05 -43.73 -18.82
C LEU E 25 -27.71 -44.42 -20.11
N LEU E 26 -28.02 -43.74 -21.19
CA LEU E 26 -27.33 -44.05 -22.46
C LEU E 26 -26.35 -42.90 -22.86
N TYR E 27 -25.16 -43.21 -23.35
CA TYR E 27 -24.27 -42.22 -24.07
C TYR E 27 -24.31 -42.45 -25.54
N VAL E 28 -24.32 -41.40 -26.36
CA VAL E 28 -24.16 -41.60 -27.82
C VAL E 28 -23.09 -40.61 -28.34
N TYR E 29 -22.01 -41.15 -28.91
CA TYR E 29 -20.94 -40.48 -29.73
C TYR E 29 -21.30 -40.51 -31.19
N TRP E 30 -21.42 -39.36 -31.85
CA TRP E 30 -21.64 -39.32 -33.29
C TRP E 30 -20.32 -38.83 -33.82
N PRO E 31 -19.42 -39.71 -34.27
CA PRO E 31 -18.15 -39.07 -34.72
C PRO E 31 -18.21 -38.08 -35.88
N ASP E 32 -17.12 -37.37 -36.05
CA ASP E 32 -17.13 -36.29 -37.04
C ASP E 32 -18.27 -35.20 -36.84
N HIS E 33 -18.75 -35.03 -35.60
CA HIS E 33 -19.68 -33.94 -35.28
C HIS E 33 -19.35 -33.28 -33.95
N LEU E 34 -18.16 -32.68 -33.91
CA LEU E 34 -17.75 -32.10 -32.70
C LEU E 34 -18.40 -30.77 -32.47
N LEU E 35 -19.32 -30.37 -33.35
CA LEU E 35 -20.21 -29.24 -33.03
C LEU E 35 -20.65 -29.46 -31.57
N PHE E 36 -21.04 -30.72 -31.30
CA PHE E 36 -21.35 -31.26 -29.97
C PHE E 36 -20.09 -31.68 -29.30
N CYS E 37 -19.61 -30.89 -28.36
CA CYS E 37 -18.34 -31.16 -27.83
C CYS E 37 -18.02 -32.53 -27.29
N ALA E 38 -19.04 -33.29 -26.87
CA ALA E 38 -18.75 -34.58 -26.21
C ALA E 38 -19.89 -35.49 -26.51
N PRO E 39 -19.71 -36.82 -26.28
CA PRO E 39 -20.91 -37.64 -26.48
C PRO E 39 -22.03 -37.18 -25.54
N PHE E 40 -23.28 -37.21 -26.00
CA PHE E 40 -24.38 -36.97 -25.12
C PHE E 40 -24.49 -37.92 -23.86
N ALA E 41 -25.06 -37.39 -22.78
CA ALA E 41 -25.49 -38.27 -21.74
C ALA E 41 -27.00 -38.19 -21.81
N LEU E 42 -27.66 -39.26 -22.27
CA LEU E 42 -29.11 -39.25 -22.35
C LEU E 42 -29.65 -40.06 -21.21
N LEU E 43 -30.86 -39.67 -20.79
CA LEU E 43 -31.65 -40.37 -19.76
C LEU E 43 -32.76 -40.99 -20.53
N VAL E 44 -32.76 -42.32 -20.60
CA VAL E 44 -33.72 -43.02 -21.50
C VAL E 44 -34.62 -44.04 -20.76
N GLN E 45 -35.79 -44.41 -21.35
CA GLN E 45 -36.62 -45.57 -20.80
C GLN E 45 -36.01 -46.91 -21.21
N PRO E 46 -35.77 -47.86 -20.28
CA PRO E 46 -35.28 -49.20 -20.73
C PRO E 46 -36.30 -49.92 -21.73
N GLY E 47 -37.62 -49.80 -21.47
CA GLY E 47 -38.59 -50.28 -22.43
C GLY E 47 -39.00 -49.49 -23.69
N MSE E 48 -38.30 -48.46 -24.07
CA MSE E 48 -38.60 -47.85 -25.33
C MSE E 48 -37.90 -48.64 -26.44
O MSE E 48 -36.91 -49.38 -26.19
CB MSE E 48 -38.15 -46.39 -25.30
CG MSE E 48 -36.69 -46.16 -25.60
SE MSE E 48 -36.16 -44.21 -25.28
CE MSE E 48 -37.45 -43.31 -26.57
N THR E 49 -38.41 -48.50 -27.66
CA THR E 49 -37.85 -49.18 -28.85
C THR E 49 -36.64 -48.44 -29.33
N PHE E 50 -35.75 -49.15 -30.02
CA PHE E 50 -34.61 -48.50 -30.65
C PHE E 50 -34.99 -47.40 -31.64
N SER E 51 -35.93 -47.68 -32.48
CA SER E 51 -36.59 -46.69 -33.26
C SER E 51 -37.03 -45.44 -32.53
N ALA E 52 -37.55 -45.59 -31.30
CA ALA E 52 -38.11 -44.43 -30.58
C ALA E 52 -36.97 -43.54 -30.10
N LEU E 53 -35.93 -44.17 -29.53
CA LEU E 53 -34.64 -43.54 -29.27
C LEU E 53 -34.23 -42.69 -30.47
N VAL E 54 -34.25 -43.31 -31.60
CA VAL E 54 -33.72 -42.60 -32.68
C VAL E 54 -34.62 -41.35 -32.84
N ASP E 55 -35.92 -41.57 -32.95
CA ASP E 55 -36.83 -40.48 -33.32
C ASP E 55 -37.08 -39.46 -32.23
N GLU E 56 -37.17 -39.90 -31.00
CA GLU E 56 -37.76 -39.10 -29.94
C GLU E 56 -36.64 -38.43 -29.20
N ILE E 57 -35.44 -39.01 -29.25
CA ILE E 57 -34.26 -38.46 -28.53
C ILE E 57 -33.09 -38.00 -29.44
N LEU E 58 -32.45 -38.90 -30.20
CA LEU E 58 -31.37 -38.49 -31.02
C LEU E 58 -31.68 -37.48 -32.14
N LYS E 59 -32.78 -37.60 -32.89
CA LYS E 59 -32.98 -36.59 -33.93
C LYS E 59 -32.94 -35.29 -33.22
N PRO E 60 -33.76 -35.13 -32.19
CA PRO E 60 -33.68 -33.83 -31.48
C PRO E 60 -32.27 -33.47 -30.95
N ALA E 61 -31.56 -34.41 -30.34
CA ALA E 61 -30.31 -33.99 -29.72
C ALA E 61 -29.23 -33.56 -30.77
N THR E 62 -29.37 -34.06 -32.00
CA THR E 62 -28.39 -33.73 -33.04
C THR E 62 -28.98 -32.66 -33.97
N ALA E 63 -30.23 -32.23 -33.75
CA ALA E 63 -30.86 -31.29 -34.77
C ALA E 63 -29.96 -30.12 -35.19
N ALA E 64 -29.26 -29.51 -34.25
CA ALA E 64 -28.55 -28.22 -34.48
C ALA E 64 -27.41 -28.40 -35.54
N HIS E 65 -26.97 -29.64 -35.77
CA HIS E 65 -26.00 -29.86 -36.83
C HIS E 65 -26.57 -29.97 -38.28
N PRO E 66 -25.97 -29.21 -39.20
CA PRO E 66 -26.62 -29.26 -40.53
C PRO E 66 -26.57 -30.64 -41.31
N ASP E 67 -25.86 -31.68 -40.84
CA ASP E 67 -26.02 -33.06 -41.34
C ASP E 67 -27.25 -33.81 -40.72
N SER E 68 -27.70 -33.41 -39.55
CA SER E 68 -28.69 -34.14 -38.79
C SER E 68 -29.92 -34.59 -39.65
N ALA E 69 -30.44 -33.66 -40.43
CA ALA E 69 -31.68 -33.87 -41.21
C ALA E 69 -31.60 -35.00 -42.24
N LYS E 70 -30.52 -35.10 -43.01
CA LYS E 70 -30.31 -36.14 -44.01
C LYS E 70 -29.42 -37.28 -43.43
N ALA E 71 -29.46 -37.53 -42.13
CA ALA E 71 -28.64 -38.60 -41.60
C ALA E 71 -29.63 -39.65 -41.53
N ASP E 72 -29.20 -40.90 -41.47
CA ASP E 72 -30.22 -41.92 -41.41
C ASP E 72 -29.77 -42.71 -40.24
N PHE E 73 -30.09 -42.19 -39.07
CA PHE E 73 -29.43 -42.77 -37.94
C PHE E 73 -29.71 -44.27 -37.83
N LEU E 74 -30.99 -44.63 -38.00
CA LEU E 74 -31.44 -45.99 -37.77
C LEU E 74 -30.59 -46.97 -38.57
N ASN E 75 -30.08 -46.49 -39.71
CA ASN E 75 -29.43 -47.34 -40.68
C ASN E 75 -27.94 -47.05 -40.81
N ALA E 76 -27.32 -46.54 -39.79
CA ALA E 76 -25.96 -46.11 -39.95
C ALA E 76 -25.06 -47.06 -39.19
N GLU E 77 -23.74 -46.87 -39.21
CA GLU E 77 -22.86 -47.86 -38.53
C GLU E 77 -22.86 -47.68 -37.03
N TRP E 78 -23.23 -48.72 -36.32
CA TRP E 78 -23.24 -48.63 -34.89
C TRP E 78 -22.24 -49.62 -34.25
N LEU E 79 -21.74 -49.15 -33.11
CA LEU E 79 -21.09 -49.88 -32.10
C LEU E 79 -21.90 -49.72 -30.78
N LEU E 80 -21.90 -50.80 -30.01
CA LEU E 80 -22.37 -50.80 -28.64
C LEU E 80 -21.12 -51.20 -27.87
N ASN E 81 -20.70 -50.27 -27.00
CA ASN E 81 -19.50 -50.37 -26.20
C ASN E 81 -18.35 -50.86 -26.99
N ASP E 82 -18.00 -50.09 -27.99
CA ASP E 82 -16.84 -50.34 -28.88
C ASP E 82 -16.94 -51.65 -29.65
N GLU E 83 -18.09 -52.36 -29.61
CA GLU E 83 -18.26 -53.63 -30.34
C GLU E 83 -19.31 -53.36 -31.34
N PRO E 84 -19.22 -54.01 -32.52
CA PRO E 84 -20.13 -53.80 -33.64
C PRO E 84 -21.51 -54.25 -33.26
N PHE E 85 -22.56 -53.58 -33.67
CA PHE E 85 -23.82 -53.91 -33.08
C PHE E 85 -24.79 -53.60 -34.16
N THR E 86 -25.91 -54.36 -34.16
CA THR E 86 -26.98 -54.23 -35.14
C THR E 86 -28.31 -54.00 -34.48
N PRO E 87 -28.82 -52.80 -34.63
CA PRO E 87 -29.94 -52.38 -33.89
C PRO E 87 -31.15 -53.18 -34.31
N LYS E 88 -31.98 -53.65 -33.41
CA LYS E 88 -33.29 -54.07 -33.91
C LYS E 88 -34.30 -52.96 -33.60
N ALA E 89 -34.91 -52.40 -34.66
CA ALA E 89 -35.75 -51.21 -34.60
C ALA E 89 -36.81 -51.34 -33.51
N ASP E 90 -37.38 -52.56 -33.25
CA ASP E 90 -38.56 -52.73 -32.34
C ASP E 90 -38.32 -53.38 -31.02
N ALA E 91 -37.13 -53.95 -30.83
CA ALA E 91 -36.79 -54.47 -29.52
C ALA E 91 -36.71 -53.26 -28.55
N SER E 92 -36.99 -53.51 -27.25
CA SER E 92 -36.78 -52.52 -26.24
C SER E 92 -35.24 -52.27 -26.22
N LEU E 93 -34.78 -51.05 -25.93
CA LEU E 93 -33.37 -50.91 -25.74
C LEU E 93 -32.86 -52.01 -24.83
N LYS E 94 -33.47 -52.18 -23.67
CA LYS E 94 -32.87 -53.10 -22.68
C LYS E 94 -32.72 -54.60 -23.17
N GLU E 95 -33.71 -54.96 -23.95
CA GLU E 95 -33.94 -56.32 -24.41
C GLU E 95 -32.85 -56.70 -25.42
N GLN E 96 -32.08 -55.75 -26.01
CA GLN E 96 -31.08 -56.10 -27.01
C GLN E 96 -29.77 -55.70 -26.51
N GLY E 97 -29.61 -55.65 -25.20
CA GLY E 97 -28.32 -55.48 -24.57
C GLY E 97 -27.89 -54.00 -24.33
N ILE E 98 -28.68 -52.99 -24.75
CA ILE E 98 -28.41 -51.60 -24.37
C ILE E 98 -28.70 -51.34 -22.89
N ASP E 99 -27.74 -51.69 -22.08
CA ASP E 99 -28.00 -51.46 -20.71
C ASP E 99 -27.45 -50.10 -20.17
N HIS E 100 -27.57 -49.94 -18.85
CA HIS E 100 -27.29 -48.69 -18.23
C HIS E 100 -25.86 -48.39 -18.38
N LYS E 101 -25.65 -47.22 -18.99
CA LYS E 101 -24.36 -46.55 -19.10
C LYS E 101 -23.56 -47.15 -20.25
N SER E 102 -24.19 -47.91 -21.11
CA SER E 102 -23.56 -48.24 -22.34
C SER E 102 -23.52 -47.01 -23.18
N MSE E 103 -22.54 -47.01 -24.10
CA MSE E 103 -22.38 -46.01 -25.13
C MSE E 103 -22.62 -46.59 -26.53
O MSE E 103 -21.91 -47.50 -27.01
CB MSE E 103 -20.97 -45.47 -25.15
CG MSE E 103 -20.86 -44.34 -26.17
SE MSE E 103 -19.29 -43.08 -25.75
CE MSE E 103 -17.75 -43.75 -27.12
N LEU E 104 -23.60 -46.02 -27.21
CA LEU E 104 -23.65 -46.19 -28.58
C LEU E 104 -22.72 -45.18 -29.25
N THR E 105 -22.00 -45.63 -30.33
CA THR E 105 -21.23 -44.77 -31.33
C THR E 105 -21.99 -44.84 -32.66
N VAL E 106 -22.31 -43.76 -33.35
CA VAL E 106 -23.09 -43.97 -34.52
C VAL E 106 -22.34 -43.26 -35.62
N THR E 107 -21.67 -43.99 -36.54
CA THR E 107 -20.93 -43.38 -37.67
C THR E 107 -21.80 -43.24 -38.91
N THR E 108 -21.99 -42.03 -39.41
CA THR E 108 -22.76 -41.78 -40.62
C THR E 108 -21.80 -41.83 -41.78
N PRO E 109 -22.11 -42.68 -42.82
CA PRO E 109 -21.17 -42.81 -43.98
C PRO E 109 -21.48 -41.60 -44.85
N GLY E 110 -20.46 -40.79 -45.23
CA GLY E 110 -20.75 -39.67 -46.13
C GLY E 110 -21.26 -38.35 -45.54
N LEU E 111 -21.35 -38.30 -44.22
CA LEU E 111 -21.52 -37.06 -43.52
C LEU E 111 -20.32 -36.91 -42.57
N LYS E 112 -19.37 -36.01 -42.83
CA LYS E 112 -18.24 -35.91 -41.87
C LYS E 112 -18.12 -34.53 -41.33
N GLY E 113 -19.27 -33.87 -41.19
CA GLY E 113 -19.29 -32.53 -40.67
C GLY E 113 -18.59 -31.59 -41.58
N MSE E 114 -18.13 -30.48 -41.01
CA MSE E 114 -17.88 -29.22 -41.72
C MSE E 114 -16.41 -28.89 -41.85
O MSE E 114 -15.59 -29.45 -41.10
CB MSE E 114 -18.51 -28.09 -40.95
CG MSE E 114 -19.98 -28.15 -40.91
SE MSE E 114 -20.52 -26.54 -39.90
CE MSE E 114 -20.85 -25.05 -41.76
N ALA E 115 -16.09 -27.91 -42.73
CA ALA E 115 -14.71 -27.72 -43.17
C ALA E 115 -14.29 -29.15 -43.41
N ASN E 116 -13.03 -29.41 -43.14
CA ASN E 116 -12.61 -30.75 -43.29
C ASN E 116 -12.01 -31.09 -41.98
N ALA E 117 -12.84 -30.76 -40.95
CA ALA E 117 -12.55 -30.59 -39.47
C ALA E 117 -13.45 -31.44 -38.50
N GLY E 118 -14.26 -32.37 -39.04
CA GLY E 118 -15.14 -33.20 -38.19
C GLY E 118 -16.10 -32.39 -37.30
N TYR E 119 -16.50 -31.24 -37.79
CA TYR E 119 -17.18 -30.32 -36.94
C TYR E 119 -18.73 -30.39 -37.08
N SER F 2 2.81 51.69 5.08
CA SER F 2 4.27 51.95 4.78
C SER F 2 5.11 50.84 5.43
N VAL F 3 6.24 50.46 4.84
CA VAL F 3 6.84 49.14 5.22
C VAL F 3 7.37 49.12 6.67
N ASN F 4 7.42 47.94 7.36
CA ASN F 4 7.92 47.88 8.77
C ASN F 4 9.01 46.97 8.78
N ALA F 5 10.15 47.34 9.29
CA ALA F 5 11.28 46.43 9.20
C ALA F 5 12.25 46.78 10.28
N LEU F 6 13.17 45.85 10.47
CA LEU F 6 14.29 45.99 11.37
C LEU F 6 15.42 46.86 10.88
N TYR F 7 15.30 47.53 9.74
CA TYR F 7 16.29 48.50 9.39
C TYR F 7 15.67 49.52 8.54
N ASP F 8 16.47 50.47 8.06
CA ASP F 8 15.92 51.44 7.10
C ASP F 8 15.62 50.72 5.78
N TYR F 9 14.36 50.57 5.42
CA TYR F 9 14.12 49.63 4.34
C TYR F 9 13.97 50.42 3.03
N LYS F 10 15.12 50.73 2.41
CA LYS F 10 15.23 51.41 1.05
C LYS F 10 16.02 50.67 -0.05
N PHE F 11 15.47 50.70 -1.25
CA PHE F 11 16.11 49.98 -2.35
C PHE F 11 15.81 50.69 -3.62
N GLU F 12 16.75 50.56 -4.55
CA GLU F 12 16.61 51.06 -5.90
C GLU F 12 15.55 50.21 -6.58
N PRO F 13 14.57 50.79 -7.31
CA PRO F 13 13.70 49.93 -8.12
C PRO F 13 14.48 49.08 -9.16
N LYS F 14 14.00 47.86 -9.38
CA LYS F 14 14.60 46.97 -10.37
C LYS F 14 14.24 47.51 -11.79
N ASP F 15 13.15 48.24 -11.96
CA ASP F 15 12.81 48.67 -13.28
C ASP F 15 13.17 50.15 -13.61
N LYS F 16 14.30 50.66 -13.10
CA LYS F 16 14.79 52.04 -13.42
C LYS F 16 15.03 52.03 -14.93
N VAL F 17 14.67 53.10 -15.63
CA VAL F 17 15.00 53.16 -17.06
C VAL F 17 16.51 52.81 -17.35
N GLU F 18 17.38 53.03 -16.35
CA GLU F 18 18.81 52.75 -16.51
C GLU F 18 19.00 51.31 -16.89
N ASN F 19 18.00 50.48 -16.66
CA ASN F 19 18.33 49.05 -16.69
C ASN F 19 18.13 48.41 -18.10
N PHE F 20 17.57 49.24 -18.95
CA PHE F 20 17.04 48.75 -20.18
C PHE F 20 17.86 49.09 -21.36
N HIS F 21 19.16 49.35 -21.03
CA HIS F 21 20.23 49.46 -22.00
C HIS F 21 19.91 50.57 -23.02
N GLY F 22 19.51 51.76 -22.58
CA GLY F 22 19.25 52.77 -23.57
C GLY F 22 17.85 52.69 -24.09
N MSE F 23 17.08 51.69 -23.69
CA MSE F 23 15.69 51.77 -24.08
C MSE F 23 14.79 52.02 -22.99
O MSE F 23 15.25 52.08 -21.90
CB MSE F 23 15.26 50.60 -24.83
CG MSE F 23 15.74 50.88 -26.23
SE MSE F 23 15.65 49.26 -27.27
CE MSE F 23 17.45 47.75 -26.69
N GLN F 24 13.53 52.18 -23.33
CA GLN F 24 12.46 52.54 -22.47
C GLN F 24 11.29 51.42 -22.51
N LEU F 25 10.35 51.40 -21.55
CA LEU F 25 9.17 50.52 -21.63
C LEU F 25 8.01 51.41 -21.95
N LEU F 26 7.06 50.91 -22.75
CA LEU F 26 5.81 51.54 -23.02
C LEU F 26 4.58 50.56 -22.83
N TYR F 27 3.46 51.03 -22.25
CA TYR F 27 2.27 50.26 -22.36
C TYR F 27 1.24 50.85 -23.38
N VAL F 28 0.58 49.94 -24.10
CA VAL F 28 -0.51 50.34 -24.96
C VAL F 28 -1.68 49.43 -24.71
N TYR F 29 -2.80 50.09 -24.46
CA TYR F 29 -4.03 49.43 -24.20
C TYR F 29 -5.01 49.87 -25.26
N TRP F 30 -5.69 48.95 -25.92
CA TRP F 30 -6.67 49.28 -26.97
C TRP F 30 -8.04 48.79 -26.50
N PRO F 31 -8.89 49.69 -25.99
CA PRO F 31 -10.19 49.17 -25.52
C PRO F 31 -11.04 48.34 -26.55
N ASP F 32 -11.98 47.57 -26.01
CA ASP F 32 -12.80 46.69 -26.84
C ASP F 32 -12.07 45.60 -27.67
N HIS F 33 -10.83 45.26 -27.34
CA HIS F 33 -10.15 44.30 -28.18
C HIS F 33 -9.50 43.23 -27.33
N LEU F 34 -10.29 42.78 -26.36
CA LEU F 34 -9.79 41.84 -25.40
C LEU F 34 -9.19 40.58 -26.00
N LEU F 35 -9.32 40.37 -27.30
CA LEU F 35 -8.63 39.20 -27.91
C LEU F 35 -7.16 39.07 -27.36
N PHE F 36 -6.59 40.26 -27.16
CA PHE F 36 -5.32 40.47 -26.47
C PHE F 36 -5.71 40.70 -25.07
N CYS F 37 -5.47 39.69 -24.28
CA CYS F 37 -5.93 39.69 -22.95
C CYS F 37 -5.55 40.93 -22.13
N ALA F 38 -4.43 41.56 -22.43
CA ALA F 38 -3.88 42.57 -21.57
C ALA F 38 -3.13 43.63 -22.43
N PRO F 39 -2.95 44.86 -21.88
CA PRO F 39 -2.23 45.90 -22.68
C PRO F 39 -0.87 45.37 -23.01
N PHE F 40 -0.33 45.78 -24.17
CA PHE F 40 1.01 45.35 -24.56
C PHE F 40 2.08 45.95 -23.69
N ALA F 41 3.16 45.19 -23.56
CA ALA F 41 4.37 45.72 -22.98
C ALA F 41 5.40 45.78 -24.05
N LEU F 42 5.91 46.98 -24.31
CA LEU F 42 6.77 47.27 -25.49
C LEU F 42 8.07 47.77 -25.02
N LEU F 43 9.12 47.25 -25.68
CA LEU F 43 10.47 47.68 -25.41
C LEU F 43 10.74 48.57 -26.59
N VAL F 44 10.79 49.86 -26.33
CA VAL F 44 10.87 50.90 -27.30
C VAL F 44 12.14 51.87 -27.19
N GLN F 45 12.40 52.51 -28.33
CA GLN F 45 13.34 53.65 -28.50
C GLN F 45 12.78 55.05 -28.06
N PRO F 46 13.34 55.68 -27.03
CA PRO F 46 12.83 57.02 -26.63
C PRO F 46 12.68 58.02 -27.82
N GLY F 47 13.68 57.82 -28.71
CA GLY F 47 13.90 58.51 -29.97
C GLY F 47 12.83 58.38 -31.05
N MSE F 48 12.60 57.17 -31.56
CA MSE F 48 11.65 57.04 -32.67
C MSE F 48 10.45 57.99 -32.57
O MSE F 48 10.14 58.56 -31.52
CB MSE F 48 11.18 55.59 -32.85
CG MSE F 48 10.77 54.81 -31.56
SE MSE F 48 9.26 53.46 -31.72
CE MSE F 48 9.31 52.88 -33.86
N THR F 49 9.79 58.20 -33.71
CA THR F 49 8.62 59.07 -33.74
C THR F 49 7.39 58.29 -33.36
N PHE F 50 6.32 59.05 -33.17
CA PHE F 50 5.03 58.49 -32.99
C PHE F 50 4.51 57.64 -34.16
N SER F 51 4.37 58.24 -35.36
CA SER F 51 4.03 57.49 -36.60
C SER F 51 4.85 56.25 -36.59
N ALA F 52 6.14 56.38 -36.28
CA ALA F 52 6.99 55.26 -36.38
C ALA F 52 6.47 54.16 -35.47
N LEU F 53 6.53 54.38 -34.16
CA LEU F 53 5.86 53.50 -33.21
C LEU F 53 4.55 52.88 -33.74
N VAL F 54 3.54 53.69 -34.00
CA VAL F 54 2.35 53.19 -34.70
C VAL F 54 2.48 52.25 -35.94
N ASP F 55 3.52 52.34 -36.77
CA ASP F 55 3.65 51.45 -37.91
C ASP F 55 4.66 50.35 -37.67
N GLU F 56 5.80 50.68 -37.07
CA GLU F 56 6.82 49.64 -36.83
C GLU F 56 6.48 48.59 -35.75
N ILE F 57 5.49 48.88 -34.91
CA ILE F 57 5.33 48.19 -33.65
C ILE F 57 3.86 47.86 -33.37
N LEU F 58 3.10 48.91 -33.07
CA LEU F 58 1.76 48.84 -32.59
C LEU F 58 0.85 48.19 -33.57
N LYS F 59 1.04 48.51 -34.85
CA LYS F 59 0.20 47.94 -35.89
C LYS F 59 0.49 46.45 -36.07
N PRO F 60 1.76 46.09 -36.32
CA PRO F 60 2.06 44.65 -36.32
C PRO F 60 1.45 43.93 -35.12
N ALA F 61 1.79 44.36 -33.89
CA ALA F 61 1.22 43.79 -32.67
C ALA F 61 -0.33 43.55 -32.74
N THR F 62 -1.03 44.38 -33.53
CA THR F 62 -2.47 44.29 -33.59
C THR F 62 -3.01 43.53 -34.76
N ALA F 63 -2.19 43.39 -35.83
CA ALA F 63 -2.39 42.42 -36.99
C ALA F 63 -3.57 41.41 -36.75
N ALA F 64 -3.37 40.49 -35.78
CA ALA F 64 -4.25 39.32 -35.61
C ALA F 64 -5.74 39.64 -35.44
N HIS F 65 -6.05 40.93 -35.27
CA HIS F 65 -7.43 41.34 -35.03
C HIS F 65 -8.06 41.89 -36.26
N PRO F 66 -9.19 41.31 -36.65
CA PRO F 66 -10.03 41.86 -37.73
C PRO F 66 -9.93 43.37 -37.89
N ASP F 67 -10.26 44.14 -36.86
CA ASP F 67 -10.15 45.61 -36.95
C ASP F 67 -8.78 46.24 -37.17
N SER F 68 -7.70 45.51 -36.90
CA SER F 68 -6.41 46.14 -37.00
C SER F 68 -6.41 46.97 -38.26
N ALA F 69 -6.86 46.34 -39.37
CA ALA F 69 -6.79 46.90 -40.72
C ALA F 69 -7.50 48.27 -40.80
N LYS F 70 -8.78 48.34 -40.42
CA LYS F 70 -9.63 49.48 -40.74
C LYS F 70 -9.58 50.60 -39.66
N ALA F 71 -8.83 50.32 -38.57
CA ALA F 71 -8.46 51.31 -37.55
C ALA F 71 -7.43 52.24 -38.11
N ASP F 72 -7.55 53.49 -37.69
CA ASP F 72 -6.62 54.50 -38.07
C ASP F 72 -6.06 54.96 -36.73
N PHE F 73 -5.26 54.09 -36.07
CA PHE F 73 -4.61 54.54 -34.83
C PHE F 73 -3.81 55.75 -35.23
N LEU F 74 -3.81 56.76 -34.39
CA LEU F 74 -3.20 58.07 -34.73
C LEU F 74 -4.35 59.06 -34.82
N ASN F 75 -5.50 58.65 -35.31
CA ASN F 75 -6.52 59.61 -35.54
C ASN F 75 -7.66 59.17 -34.68
N ALA F 76 -7.29 58.30 -33.76
CA ALA F 76 -8.21 57.85 -32.76
C ALA F 76 -7.93 58.74 -31.55
N GLU F 77 -8.78 58.65 -30.51
CA GLU F 77 -8.59 59.36 -29.26
C GLU F 77 -7.51 58.66 -28.50
N TRP F 78 -6.62 59.41 -27.90
CA TRP F 78 -5.57 58.76 -27.12
C TRP F 78 -5.63 59.25 -25.70
N LEU F 79 -4.94 58.53 -24.82
CA LEU F 79 -4.77 58.92 -23.43
C LEU F 79 -3.32 58.62 -23.11
N LEU F 80 -2.69 59.49 -22.34
CA LEU F 80 -1.36 59.18 -21.85
C LEU F 80 -1.63 59.14 -20.37
N ASN F 81 -1.46 57.94 -19.80
CA ASN F 81 -1.45 57.86 -18.36
C ASN F 81 -2.71 58.49 -17.84
N ASP F 82 -3.83 58.17 -18.50
CA ASP F 82 -5.20 58.62 -18.16
C ASP F 82 -5.53 60.03 -18.58
N GLU F 83 -4.52 60.87 -18.81
CA GLU F 83 -4.78 62.25 -19.20
C GLU F 83 -5.05 62.41 -20.69
N PRO F 84 -6.10 63.19 -21.05
CA PRO F 84 -6.36 63.33 -22.49
C PRO F 84 -5.08 63.78 -23.22
N PHE F 85 -4.92 63.35 -24.44
CA PHE F 85 -3.65 63.51 -25.08
C PHE F 85 -3.85 63.62 -26.62
N THR F 86 -2.93 64.32 -27.27
CA THR F 86 -3.02 64.53 -28.71
C THR F 86 -1.58 64.58 -29.28
N PRO F 87 -1.17 63.54 -30.05
CA PRO F 87 0.24 63.29 -30.35
C PRO F 87 0.78 63.97 -31.60
N LYS F 88 2.04 64.39 -31.47
CA LYS F 88 2.75 65.03 -32.53
C LYS F 88 3.41 63.90 -33.32
N ALA F 89 2.79 63.60 -34.47
CA ALA F 89 3.28 62.61 -35.41
C ALA F 89 4.84 62.43 -35.68
N ASP F 90 5.61 63.51 -35.90
CA ASP F 90 7.07 63.33 -36.16
C ASP F 90 7.90 63.85 -35.00
N ALA F 91 7.24 63.90 -33.86
CA ALA F 91 7.92 64.17 -32.63
C ALA F 91 8.48 62.83 -32.05
N SER F 92 9.61 62.89 -31.33
CA SER F 92 10.05 61.68 -30.65
C SER F 92 8.99 61.34 -29.59
N LEU F 93 9.12 60.15 -28.99
CA LEU F 93 8.27 59.76 -27.89
C LEU F 93 8.77 60.60 -26.75
N LYS F 94 10.09 60.52 -26.48
CA LYS F 94 10.69 61.16 -25.31
C LYS F 94 10.12 62.54 -25.18
N GLU F 95 10.34 63.29 -26.25
CA GLU F 95 10.07 64.69 -26.23
C GLU F 95 8.63 65.01 -26.11
N GLN F 96 7.70 64.25 -26.66
CA GLN F 96 6.32 64.64 -26.28
C GLN F 96 5.83 64.15 -24.90
N GLY F 97 6.75 63.77 -24.03
CA GLY F 97 6.34 63.35 -22.69
C GLY F 97 5.94 61.86 -22.54
N ILE F 98 6.31 61.02 -23.54
CA ILE F 98 6.08 59.58 -23.46
C ILE F 98 7.29 58.84 -22.85
N ASP F 99 7.34 58.83 -21.52
CA ASP F 99 8.55 58.37 -20.77
C ASP F 99 8.48 56.88 -20.30
N HIS F 100 9.59 56.35 -19.81
CA HIS F 100 9.67 54.96 -19.32
C HIS F 100 8.47 54.62 -18.50
N LYS F 101 7.84 53.51 -18.80
CA LYS F 101 6.61 53.07 -18.18
C LYS F 101 5.35 53.89 -18.30
N SER F 102 5.27 54.89 -19.19
CA SER F 102 3.92 55.43 -19.50
C SER F 102 3.09 54.41 -20.25
N MSE F 103 1.80 54.69 -20.34
CA MSE F 103 0.80 53.89 -21.02
C MSE F 103 -0.09 54.76 -21.86
O MSE F 103 -0.70 55.75 -21.36
CB MSE F 103 -0.12 53.13 -20.06
CG MSE F 103 -1.19 52.29 -20.83
SE MSE F 103 -2.35 50.90 -19.75
CE MSE F 103 -0.71 49.83 -19.12
N LEU F 104 -0.14 54.41 -23.14
CA LEU F 104 -1.09 55.03 -24.05
C LEU F 104 -2.28 54.15 -24.08
N THR F 105 -3.46 54.77 -23.97
CA THR F 105 -4.70 54.16 -24.35
C THR F 105 -5.10 54.77 -25.68
N VAL F 106 -5.37 53.92 -26.67
CA VAL F 106 -5.81 54.44 -27.90
C VAL F 106 -7.23 53.97 -28.12
N THR F 107 -8.22 54.83 -28.04
CA THR F 107 -9.55 54.29 -28.24
C THR F 107 -9.98 54.51 -29.63
N THR F 108 -10.65 53.54 -30.20
CA THR F 108 -10.93 53.64 -31.63
C THR F 108 -12.43 53.63 -31.89
N PRO F 109 -13.03 54.82 -31.98
CA PRO F 109 -14.51 54.66 -31.91
C PRO F 109 -15.02 54.10 -33.28
N GLY F 110 -16.20 53.46 -33.27
CA GLY F 110 -16.71 52.89 -34.51
C GLY F 110 -16.23 51.46 -34.85
N LEU F 111 -15.11 51.04 -34.17
CA LEU F 111 -14.54 49.63 -34.10
C LEU F 111 -14.48 49.10 -32.65
N LYS F 112 -15.49 48.39 -32.23
CA LYS F 112 -15.60 48.13 -30.83
C LYS F 112 -15.54 46.61 -30.47
N GLY F 113 -14.85 45.85 -31.34
CA GLY F 113 -14.63 44.40 -31.22
C GLY F 113 -15.75 43.48 -31.70
N MSE F 114 -15.69 42.20 -31.35
CA MSE F 114 -16.59 41.22 -31.90
C MSE F 114 -17.77 40.90 -31.04
O MSE F 114 -17.71 41.07 -29.84
CB MSE F 114 -15.83 39.93 -32.15
CG MSE F 114 -14.72 40.08 -33.15
SE MSE F 114 -13.72 38.42 -33.35
CE MSE F 114 -15.00 37.37 -35.06
N ALA F 115 -18.85 40.46 -31.68
CA ALA F 115 -20.02 39.90 -31.06
C ALA F 115 -20.62 40.68 -29.89
N ASN F 116 -20.38 42.00 -29.85
CA ASN F 116 -20.88 42.93 -28.79
C ASN F 116 -20.40 42.45 -27.46
N ALA F 117 -19.16 41.95 -27.51
CA ALA F 117 -18.41 41.56 -26.32
C ALA F 117 -17.00 42.16 -26.28
N GLY F 118 -16.80 43.35 -26.78
CA GLY F 118 -15.46 43.89 -26.70
C GLY F 118 -14.28 42.94 -26.96
N TYR F 119 -14.52 41.91 -27.80
CA TYR F 119 -13.43 41.00 -28.08
C TYR F 119 -12.63 41.36 -29.33
N GLN G 3 18.16 -27.63 -14.94
CA GLN G 3 18.86 -26.47 -15.56
C GLN G 3 18.47 -25.07 -15.07
N LEU G 4 17.64 -24.31 -15.75
CA LEU G 4 17.53 -22.86 -15.38
C LEU G 4 16.66 -22.52 -14.14
N VAL G 5 17.28 -22.10 -13.02
CA VAL G 5 16.56 -21.73 -11.73
C VAL G 5 15.95 -20.38 -11.95
N PHE G 6 15.04 -19.95 -11.12
CA PHE G 6 14.53 -18.63 -11.37
C PHE G 6 13.83 -17.99 -10.17
N ILE G 7 13.31 -16.79 -10.39
CA ILE G 7 12.85 -16.00 -9.27
C ILE G 7 12.11 -14.82 -9.91
N VAL G 8 10.82 -14.67 -9.64
CA VAL G 8 10.09 -13.47 -10.08
C VAL G 8 10.08 -12.50 -8.89
N PHE G 9 10.08 -11.19 -9.17
CA PHE G 9 9.92 -10.18 -8.11
C PHE G 9 8.76 -9.28 -8.52
N GLN G 10 8.19 -8.57 -7.53
CA GLN G 10 7.23 -7.48 -7.84
C GLN G 10 7.99 -6.44 -8.65
N ASP G 11 7.42 -6.03 -9.77
CA ASP G 11 8.02 -4.89 -10.50
C ASP G 11 7.81 -3.69 -9.57
N ASN G 12 8.73 -3.53 -8.61
CA ASN G 12 8.56 -2.63 -7.48
C ASN G 12 9.61 -1.54 -7.44
N ASP G 13 9.48 -0.60 -6.52
CA ASP G 13 10.54 0.38 -6.27
C ASP G 13 11.75 -0.34 -5.64
N ASP G 14 11.45 -1.12 -4.59
CA ASP G 14 12.45 -1.89 -3.82
C ASP G 14 13.10 -2.95 -4.64
N SER G 15 12.32 -3.49 -5.57
CA SER G 15 12.73 -4.61 -6.39
C SER G 15 13.75 -4.19 -7.48
N ARG G 16 13.74 -2.91 -7.83
CA ARG G 16 14.80 -2.43 -8.68
C ARG G 16 16.13 -2.86 -8.04
N TYR G 17 16.23 -2.70 -6.73
CA TYR G 17 17.49 -2.84 -6.01
C TYR G 17 17.72 -4.27 -5.81
N LEU G 18 16.63 -5.03 -5.72
CA LEU G 18 16.75 -6.46 -5.48
C LEU G 18 17.17 -7.11 -6.81
N ALA G 19 16.60 -6.63 -7.93
CA ALA G 19 17.00 -7.02 -9.30
C ALA G 19 18.47 -6.74 -9.55
N GLU G 20 18.80 -5.45 -9.69
CA GLU G 20 20.15 -4.97 -9.53
C GLU G 20 21.09 -6.02 -8.87
N ALA G 21 21.18 -6.04 -7.54
CA ALA G 21 22.05 -6.97 -6.78
C ALA G 21 22.18 -8.42 -7.32
N VAL G 22 21.09 -8.95 -7.87
CA VAL G 22 21.07 -10.28 -8.46
C VAL G 22 21.69 -10.27 -9.85
N MSE G 23 21.51 -9.17 -10.58
CA MSE G 23 22.18 -9.03 -11.87
C MSE G 23 23.69 -8.97 -11.68
O MSE G 23 24.44 -9.66 -12.36
CB MSE G 23 21.67 -7.85 -12.69
CG MSE G 23 20.28 -8.03 -13.25
SE MSE G 23 19.94 -9.82 -14.01
CE MSE G 23 21.09 -9.70 -15.73
N GLU G 24 24.12 -8.18 -10.68
CA GLU G 24 25.53 -7.87 -10.50
C GLU G 24 26.36 -8.92 -9.78
N ASP G 25 25.76 -9.86 -9.08
CA ASP G 25 26.58 -11.00 -8.66
C ASP G 25 26.03 -12.25 -9.27
N ASN G 26 25.55 -12.13 -10.52
CA ASN G 26 25.30 -13.31 -11.37
C ASN G 26 25.63 -12.89 -12.80
N PRO G 27 26.96 -12.89 -13.10
CA PRO G 27 27.41 -12.57 -14.44
C PRO G 27 26.49 -13.16 -15.49
N ASP G 28 25.91 -14.33 -15.31
CA ASP G 28 25.05 -14.86 -16.40
C ASP G 28 23.50 -14.72 -16.34
N ALA G 29 22.88 -14.80 -15.16
CA ALA G 29 21.41 -14.64 -15.09
C ALA G 29 20.90 -13.75 -16.19
N GLU G 30 19.75 -14.08 -16.73
CA GLU G 30 19.14 -13.18 -17.69
C GLU G 30 17.72 -12.72 -17.29
N MSE G 31 17.57 -11.41 -17.25
CA MSE G 31 16.31 -10.71 -16.97
C MSE G 31 15.29 -10.71 -18.09
O MSE G 31 15.58 -11.01 -19.23
CB MSE G 31 16.67 -9.27 -16.63
CG MSE G 31 15.62 -8.50 -15.82
SE MSE G 31 16.43 -7.39 -14.38
CE MSE G 31 18.37 -7.06 -15.28
N GLN G 32 14.06 -10.35 -17.78
CA GLN G 32 13.03 -10.25 -18.80
C GLN G 32 11.83 -9.78 -18.10
N HIS G 33 11.10 -8.89 -18.74
CA HIS G 33 10.03 -8.22 -18.04
C HIS G 33 8.72 -8.75 -18.48
N GLN G 34 7.71 -8.40 -17.73
CA GLN G 34 6.41 -8.73 -18.19
C GLN G 34 5.31 -7.96 -17.49
N PRO G 35 4.26 -8.67 -17.19
CA PRO G 35 3.08 -8.17 -16.65
C PRO G 35 3.32 -6.93 -15.80
N ALA G 36 3.67 -7.15 -14.55
CA ALA G 36 4.05 -6.11 -13.63
C ALA G 36 5.03 -6.85 -12.67
N MSE G 37 6.12 -7.28 -13.26
CA MSE G 37 6.92 -8.25 -12.60
C MSE G 37 8.20 -8.43 -13.32
O MSE G 37 8.27 -8.27 -14.51
CB MSE G 37 6.22 -9.58 -12.69
CG MSE G 37 6.35 -10.26 -14.05
SE MSE G 37 5.28 -11.79 -14.16
CE MSE G 37 5.97 -12.97 -12.55
N ILE G 38 9.16 -8.86 -12.56
CA ILE G 38 10.48 -9.19 -13.06
C ILE G 38 10.64 -10.71 -12.92
N ARG G 39 10.95 -11.36 -14.05
CA ARG G 39 11.42 -12.72 -14.05
C ARG G 39 12.93 -12.72 -14.29
N ILE G 40 13.57 -13.68 -13.62
CA ILE G 40 15.01 -13.87 -13.68
C ILE G 40 15.28 -15.34 -13.53
N GLN G 41 15.86 -15.92 -14.56
CA GLN G 41 16.26 -17.29 -14.51
C GLN G 41 17.76 -17.24 -14.77
N ALA G 42 18.35 -18.42 -15.01
CA ALA G 42 19.80 -18.58 -15.28
C ALA G 42 20.18 -20.03 -15.12
N GLU G 43 21.43 -20.31 -15.41
CA GLU G 43 21.87 -21.70 -15.46
C GLU G 43 21.98 -22.35 -14.05
N LYS G 44 21.14 -23.33 -13.73
CA LYS G 44 21.38 -24.17 -12.55
C LYS G 44 21.45 -23.44 -11.23
N ARG G 45 21.34 -22.12 -11.20
CA ARG G 45 21.77 -21.42 -10.02
C ARG G 45 21.78 -19.91 -10.08
N LEU G 46 21.41 -19.31 -8.95
CA LEU G 46 21.47 -17.89 -8.71
C LEU G 46 21.88 -17.74 -7.25
N VAL G 47 22.08 -16.49 -6.83
CA VAL G 47 22.56 -16.18 -5.49
C VAL G 47 22.20 -14.75 -5.05
N ILE G 48 22.22 -14.49 -3.75
CA ILE G 48 21.85 -13.17 -3.19
C ILE G 48 22.58 -12.88 -1.88
N ASN G 49 23.73 -12.22 -2.04
CA ASN G 49 24.58 -11.93 -0.91
C ASN G 49 24.00 -10.77 -0.15
N ARG G 50 24.10 -10.83 1.18
CA ARG G 50 23.69 -9.69 1.97
C ARG G 50 24.71 -8.57 1.70
N GLU G 51 25.97 -8.97 1.49
CA GLU G 51 27.10 -8.03 1.35
C GLU G 51 26.93 -7.12 0.12
N THR G 52 26.44 -7.68 -0.99
CA THR G 52 26.06 -6.85 -2.14
C THR G 52 25.15 -5.75 -1.64
N MSE G 53 23.88 -6.13 -1.63
CA MSE G 53 22.74 -5.35 -1.17
C MSE G 53 23.04 -4.24 -0.15
O MSE G 53 22.58 -3.12 -0.31
CB MSE G 53 21.69 -6.32 -0.59
CG MSE G 53 20.22 -5.92 -0.84
SE MSE G 53 19.53 -6.37 -2.64
CE MSE G 53 19.56 -8.44 -2.49
N GLU G 54 23.77 -4.56 0.93
CA GLU G 54 24.05 -3.54 1.94
C GLU G 54 24.76 -2.27 1.39
N GLU G 55 25.87 -2.47 0.67
CA GLU G 55 26.56 -1.35 0.03
C GLU G 55 25.71 -0.72 -1.09
N LYS G 56 24.43 -1.03 -1.12
CA LYS G 56 23.55 -0.38 -2.07
C LYS G 56 22.15 -0.04 -1.49
N LEU G 57 22.10 0.44 -0.25
CA LEU G 57 20.84 0.79 0.36
C LEU G 57 21.20 1.55 1.62
N GLY G 58 22.49 1.57 1.96
CA GLY G 58 23.01 2.40 3.06
C GLY G 58 22.35 2.08 4.40
N ARG G 59 22.47 0.81 4.77
CA ARG G 59 21.89 0.24 6.00
C ARG G 59 21.96 -1.28 5.85
N ASP G 60 21.98 -1.97 6.99
CA ASP G 60 21.91 -3.42 7.00
C ASP G 60 20.50 -3.88 6.53
N TRP G 61 20.43 -5.12 6.08
CA TRP G 61 19.22 -5.71 5.55
C TRP G 61 19.37 -7.24 5.70
N ASP G 62 18.28 -7.95 6.00
CA ASP G 62 18.40 -9.41 5.86
C ASP G 62 17.44 -10.06 4.83
N VAL G 63 17.96 -11.14 4.20
CA VAL G 63 17.24 -12.02 3.27
C VAL G 63 15.75 -11.84 3.43
N GLN G 64 15.30 -12.08 4.66
CA GLN G 64 13.89 -12.12 5.01
C GLN G 64 13.13 -10.86 4.56
N GLU G 65 13.82 -9.73 4.38
CA GLU G 65 13.15 -8.57 3.78
C GLU G 65 12.79 -8.84 2.33
N MSE G 66 13.79 -9.32 1.61
CA MSE G 66 13.60 -9.77 0.27
C MSE G 66 12.35 -10.62 0.20
O MSE G 66 11.54 -10.42 -0.69
CB MSE G 66 14.83 -10.55 -0.17
CG MSE G 66 14.82 -11.04 -1.59
SE MSE G 66 14.75 -13.03 -1.66
CE MSE G 66 12.89 -13.39 -0.66
N LEU G 67 12.19 -11.57 1.12
CA LEU G 67 11.00 -12.45 1.10
C LEU G 67 9.68 -11.68 0.86
N ILE G 68 9.48 -10.57 1.53
CA ILE G 68 8.36 -9.69 1.15
C ILE G 68 7.92 -9.52 -0.37
N ASN G 69 8.85 -9.50 -1.34
CA ASN G 69 8.64 -8.93 -2.73
C ASN G 69 8.72 -9.98 -3.88
N VAL G 70 9.31 -11.13 -3.54
CA VAL G 70 9.24 -12.33 -4.36
C VAL G 70 7.79 -12.97 -4.56
N ILE G 71 7.35 -13.02 -5.83
CA ILE G 71 6.13 -13.65 -6.15
C ILE G 71 6.58 -15.06 -5.98
N SER G 72 7.30 -15.59 -6.99
CA SER G 72 7.72 -16.98 -7.15
C SER G 72 9.27 -17.26 -7.17
N ILE G 73 9.67 -18.39 -6.60
CA ILE G 73 11.05 -18.91 -6.63
C ILE G 73 11.14 -19.98 -7.72
N ALA G 74 12.24 -20.74 -7.75
CA ALA G 74 12.44 -21.96 -8.58
C ALA G 74 13.83 -22.53 -8.27
N GLY G 75 13.87 -23.75 -7.72
CA GLY G 75 15.10 -24.37 -7.17
C GLY G 75 15.10 -24.83 -5.70
N ASN G 76 16.16 -25.56 -5.33
CA ASN G 76 16.44 -26.01 -3.92
C ASN G 76 17.01 -24.84 -3.13
N VAL G 77 16.71 -24.77 -1.83
CA VAL G 77 16.98 -23.54 -1.09
C VAL G 77 18.24 -23.62 -0.25
N ASP G 78 19.06 -22.57 -0.29
CA ASP G 78 20.17 -22.45 0.64
C ASP G 78 20.10 -21.09 1.36
N GLU G 79 19.47 -21.12 2.53
CA GLU G 79 19.02 -19.90 3.19
C GLU G 79 20.05 -19.53 4.26
N ASP G 80 20.31 -18.23 4.46
CA ASP G 80 21.27 -17.78 5.51
C ASP G 80 20.97 -16.49 6.30
N ASP G 81 22.05 -15.97 6.90
CA ASP G 81 22.10 -14.59 7.36
C ASP G 81 22.89 -13.86 6.27
N ASP G 82 23.60 -14.65 5.47
CA ASP G 82 24.50 -14.12 4.44
C ASP G 82 24.01 -14.37 3.02
N HIS G 83 23.23 -15.43 2.81
CA HIS G 83 22.77 -15.61 1.42
C HIS G 83 21.41 -16.24 1.09
N PHE G 84 21.14 -16.20 -0.20
CA PHE G 84 20.02 -16.88 -0.80
C PHE G 84 20.46 -17.64 -2.09
N ILE G 85 21.06 -18.82 -1.98
CA ILE G 85 21.40 -19.63 -3.14
C ILE G 85 20.26 -20.59 -3.57
N LEU G 86 19.94 -20.56 -4.86
CA LEU G 86 18.82 -21.27 -5.45
C LEU G 86 19.42 -22.10 -6.59
N GLU G 87 19.24 -23.43 -6.56
CA GLU G 87 19.91 -24.28 -7.56
C GLU G 87 19.53 -25.77 -7.71
N TRP G 88 20.10 -26.37 -8.74
CA TRP G 88 20.04 -27.80 -8.94
C TRP G 88 21.46 -28.37 -8.69
N ASN G 89 21.54 -29.61 -8.16
CA ASN G 89 22.81 -30.37 -7.92
C ASN G 89 23.57 -30.39 -9.23
FE FE H . -1.01 22.68 4.91
FE FE I . 0.75 21.82 2.47
ZN ZN J . -2.47 42.59 -9.24
FE FE K . -2.46 -20.85 -1.99
FE FE L . 0.07 -22.43 -1.78
ZN ZN M . -10.71 -37.37 -17.15
MO MOO N . 17.61 -30.66 18.44
O1 MOO N . 17.71 -31.89 19.21
O2 MOO N . 16.23 -30.34 18.20
O3 MOO N . 18.18 -29.62 19.25
O4 MOO N . 18.26 -30.73 17.15
#